data_7F1V
#
_entry.id   7F1V
#
_cell.length_a   154.075
_cell.length_b   152.299
_cell.length_c   80.508
_cell.angle_alpha   90.00
_cell.angle_beta   90.00
_cell.angle_gamma   90.00
#
_symmetry.space_group_name_H-M   'P 21 21 2'
#
loop_
_entity.id
_entity.type
_entity.pdbx_description
1 polymer 'L-methionine gamma-lyase'
2 polymer 'L-methionine gamma-lyase'
3 non-polymer '(2~{S})-2-[[2-methyl-3-oxidanyl-5-(phosphonooxymethyl)pyridin-4-yl]methylamino]-4-sulfanyl-butanoic acid'
4 non-polymer '2-AMINO-4-MERCAPTO-BUTYRIC ACID'
5 water water
#
loop_
_entity_poly.entity_id
_entity_poly.type
_entity_poly.pdbx_seq_one_letter_code
_entity_poly.pdbx_strand_id
1 'polypeptide(L)'
;MHGSNKLPGFATRAIHHGYDPQDHGGALVPPVYQTATFTFPTVEYGAACFAGEQAGHFYSRISNPTLNLLEARMASLEGG
EAGLALASGMGAITSTLWTLLRPGDEVLLGNTLYGCTFAFLHHGIGEFGVKLRHVDMADLQALEAAMTPATRVIYFESPA
NPNMHMADIAGVAKIARKHGATVVVDNTYCTPYLQRPLELGADLVVHSATKYLSGHGDITAGIVVGSQALVDRIRLQGLK
DMTGAVLSPHDAALLMRGIKTLNLRMDRHCANAQVLAEFLARQPQVELIHYPGLASFPQYTLARQQMSQPGGMIAFELKG
GIGAGRRFMNALQLFSRAVSLGDAESLASHPASMTHSSYTPEERAHYGISEGLVRLSVGLEDIDDLLADVQQALKASA
;
A,C
2 'polypeptide(L)'
;MHGSNKLPGFATRAIHHGYDPQDHGGALVPPVYQTATFTFPTVEYGAACFAGEQAGHFYSRISNPTLNLLEARMASLEGG
EAGLALASGMGAITSTLWTLLRPGDEVLLGNTLYGCTFAFLHHGIGEFGVKLRHVDMADLQALEAAMTPATRVIYFESPA
NPNMHMADIAGVAKIARKHGATVVVDNTYCTPYLQRPLELGADLVVHSAT(LLP)YLSGHGDITAGIVVGSQALVDRIRL
QGLKDMTGAVLSPHDAALLMRGIKTLNLRMDRHCANAQVLAEFLARQPQVELIHYPGLASFPQYTLARQQMSQPGGMIAF
ELKGGIGAGRRFMNALQLFSRAVSLGDAESLASHPASMTHSSYTPEERAHYGISEGLVRLSVGLEDIDDLLADVQQALKA
SA
;
B,D
#
loop_
_chem_comp.id
_chem_comp.type
_chem_comp.name
_chem_comp.formula
7XF non-polymer '(2~{S})-2-[[2-methyl-3-oxidanyl-5-(phosphonooxymethyl)pyridin-4-yl]methylamino]-4-sulfanyl-butanoic acid' 'C12 H19 N2 O7 P S'
#
# COMPACT_ATOMS: atom_id res chain seq x y z
N GLY A 3 -31.45 20.75 -17.55
CA GLY A 3 -31.92 19.44 -16.99
C GLY A 3 -30.82 18.41 -16.75
N SER A 4 -31.23 17.14 -16.67
CA SER A 4 -30.36 16.03 -16.21
C SER A 4 -29.53 15.33 -17.31
N ASN A 5 -29.79 15.65 -18.59
CA ASN A 5 -28.98 15.17 -19.73
C ASN A 5 -27.71 16.01 -20.00
N LYS A 6 -27.45 17.00 -19.14
CA LYS A 6 -26.19 17.74 -19.18
C LYS A 6 -25.08 16.82 -18.69
N LEU A 7 -23.95 16.84 -19.40
CA LEU A 7 -22.73 16.18 -18.97
C LEU A 7 -22.17 16.90 -17.71
N PRO A 8 -21.87 16.16 -16.64
CA PRO A 8 -21.15 16.80 -15.52
C PRO A 8 -19.77 17.36 -15.91
N GLY A 9 -19.33 18.41 -15.23
CA GLY A 9 -18.04 19.03 -15.50
C GLY A 9 -16.88 18.07 -15.31
N PHE A 10 -15.77 18.38 -15.93
CA PHE A 10 -14.60 17.53 -15.94
C PHE A 10 -14.19 17.14 -14.50
N ALA A 11 -14.03 18.13 -13.64
CA ALA A 11 -13.65 17.91 -12.25
C ALA A 11 -14.62 17.00 -11.51
N THR A 12 -15.93 17.20 -11.72
CA THR A 12 -16.93 16.31 -11.18
C THR A 12 -16.71 14.87 -11.64
N ARG A 13 -16.55 14.67 -12.93
CA ARG A 13 -16.32 13.34 -13.47
C ARG A 13 -14.99 12.74 -12.99
N ALA A 14 -13.95 13.58 -12.87
CA ALA A 14 -12.63 13.12 -12.39
C ALA A 14 -12.63 12.61 -10.94
N ILE A 15 -13.63 13.01 -10.16
CA ILE A 15 -13.77 12.61 -8.77
C ILE A 15 -14.80 11.47 -8.60
N HIS A 16 -15.82 11.45 -9.44
CA HIS A 16 -17.00 10.61 -9.22
C HIS A 16 -17.30 9.56 -10.27
N HIS A 17 -16.99 9.82 -11.53
CA HIS A 17 -17.50 8.99 -12.62
C HIS A 17 -17.25 7.51 -12.40
N GLY A 18 -18.32 6.72 -12.56
CA GLY A 18 -18.28 5.27 -12.50
C GLY A 18 -18.34 4.67 -11.11
N TYR A 19 -18.50 5.50 -10.08
CA TYR A 19 -18.53 5.01 -8.71
C TYR A 19 -19.68 5.62 -7.94
N ASP A 20 -20.46 4.76 -7.30
CA ASP A 20 -21.49 5.16 -6.35
C ASP A 20 -21.12 4.46 -5.03
N PRO A 21 -20.89 5.23 -3.96
CA PRO A 21 -20.59 4.58 -2.67
C PRO A 21 -21.62 3.52 -2.18
N GLN A 22 -22.91 3.66 -2.51
CA GLN A 22 -23.96 2.68 -2.13
C GLN A 22 -23.71 1.22 -2.57
N ASP A 23 -22.97 1.01 -3.66
CA ASP A 23 -22.73 -0.34 -4.18
C ASP A 23 -21.49 -1.02 -3.56
N HIS A 24 -20.85 -0.37 -2.57
CA HIS A 24 -19.70 -0.94 -1.85
C HIS A 24 -19.75 -0.61 -0.34
N GLY A 25 -20.89 -0.92 0.28
CA GLY A 25 -21.12 -0.69 1.72
C GLY A 25 -20.97 0.76 2.18
N GLY A 26 -21.16 1.71 1.27
CA GLY A 26 -21.00 3.14 1.59
C GLY A 26 -19.58 3.69 1.60
N ALA A 27 -18.56 2.89 1.27
CA ALA A 27 -17.20 3.40 1.27
C ALA A 27 -17.10 4.58 0.32
N LEU A 28 -16.58 5.69 0.81
CA LEU A 28 -16.50 6.91 0.03
C LEU A 28 -15.41 6.75 -1.01
N VAL A 29 -14.28 6.19 -0.60
CA VAL A 29 -13.23 5.80 -1.49
C VAL A 29 -13.48 4.36 -1.91
N PRO A 30 -13.29 4.03 -3.20
CA PRO A 30 -13.55 2.65 -3.60
C PRO A 30 -12.54 1.70 -2.94
N PRO A 31 -13.01 0.53 -2.45
CA PRO A 31 -12.05 -0.39 -1.85
C PRO A 31 -11.11 -0.91 -2.92
N VAL A 32 -9.89 -1.22 -2.54
CA VAL A 32 -8.85 -1.64 -3.48
C VAL A 32 -8.87 -3.16 -3.58
N TYR A 33 -9.13 -3.66 -4.77
CA TYR A 33 -9.17 -5.10 -5.04
C TYR A 33 -7.76 -5.64 -5.29
N GLN A 34 -6.93 -5.63 -4.25
CA GLN A 34 -5.59 -6.17 -4.34
C GLN A 34 -5.69 -7.71 -4.27
N THR A 35 -6.19 -8.29 -5.36
CA THR A 35 -6.40 -9.73 -5.50
C THR A 35 -6.00 -10.19 -6.92
N ALA A 36 -5.27 -11.30 -7.01
CA ALA A 36 -4.85 -11.87 -8.29
C ALA A 36 -6.01 -12.54 -9.01
N THR A 37 -6.83 -13.27 -8.27
CA THR A 37 -7.88 -14.09 -8.86
C THR A 37 -9.26 -13.86 -8.23
N PHE A 38 -10.27 -14.25 -9.00
CA PHE A 38 -11.67 -14.17 -8.61
C PHE A 38 -12.32 -15.55 -8.74
N THR A 39 -13.24 -15.87 -7.84
CA THR A 39 -13.89 -17.19 -7.78
C THR A 39 -15.31 -17.16 -8.31
N PHE A 40 -15.85 -18.34 -8.63
CA PHE A 40 -17.19 -18.51 -9.26
C PHE A 40 -18.19 -19.23 -8.34
N PRO A 41 -19.47 -18.81 -8.33
CA PRO A 41 -20.51 -19.49 -7.52
C PRO A 41 -20.86 -20.88 -8.06
N THR A 42 -20.90 -21.00 -9.38
CA THR A 42 -21.00 -22.29 -10.07
C THR A 42 -19.96 -22.34 -11.19
N VAL A 43 -19.59 -23.57 -11.54
CA VAL A 43 -18.85 -23.87 -12.79
C VAL A 43 -19.44 -23.17 -14.03
N GLU A 44 -20.78 -23.08 -14.12
CA GLU A 44 -21.48 -22.49 -15.28
C GLU A 44 -21.37 -20.96 -15.33
N TYR A 45 -21.37 -20.31 -14.16
CA TYR A 45 -21.06 -18.88 -14.06
C TYR A 45 -19.62 -18.59 -14.52
N GLY A 46 -18.68 -19.47 -14.15
CA GLY A 46 -17.29 -19.40 -14.63
C GLY A 46 -17.06 -19.81 -16.08
N ALA A 47 -18.02 -20.54 -16.66
CA ALA A 47 -18.04 -20.83 -18.11
C ALA A 47 -18.30 -19.55 -18.92
N ALA A 48 -19.27 -18.77 -18.45
CA ALA A 48 -19.66 -17.51 -19.10
C ALA A 48 -18.71 -16.32 -18.87
N CYS A 49 -17.67 -16.47 -18.04
CA CYS A 49 -16.65 -15.42 -17.80
C CYS A 49 -15.44 -15.52 -18.73
N PHE A 50 -15.15 -16.73 -19.22
CA PHE A 50 -14.12 -16.93 -20.27
C PHE A 50 -14.69 -16.87 -21.70
N ALA A 51 -16.02 -16.90 -21.83
CA ALA A 51 -16.72 -16.49 -23.05
C ALA A 51 -17.92 -15.63 -22.65
N GLY A 52 -17.83 -14.32 -22.91
CA GLY A 52 -18.70 -13.31 -22.31
C GLY A 52 -20.20 -13.34 -22.60
N GLU A 53 -20.90 -14.21 -21.86
CA GLU A 53 -22.36 -14.07 -21.64
C GLU A 53 -22.60 -13.24 -20.39
N GLN A 54 -21.83 -13.51 -19.33
CA GLN A 54 -22.01 -12.92 -18.01
C GLN A 54 -20.94 -11.85 -17.74
N ALA A 55 -21.40 -10.66 -17.32
CA ALA A 55 -20.51 -9.56 -16.93
C ALA A 55 -19.86 -9.87 -15.57
N GLY A 56 -18.71 -10.54 -15.60
CA GLY A 56 -18.04 -11.01 -14.39
C GLY A 56 -16.52 -11.19 -14.49
N HIS A 57 -15.91 -11.39 -13.32
CA HIS A 57 -14.45 -11.38 -13.16
C HIS A 57 -13.85 -12.75 -12.92
N PHE A 58 -12.61 -12.93 -13.37
CA PHE A 58 -11.85 -14.18 -13.16
C PHE A 58 -10.36 -14.01 -12.83
N TYR A 59 -9.67 -13.10 -13.49
CA TYR A 59 -8.23 -12.96 -13.31
C TYR A 59 -7.79 -11.51 -13.60
N SER A 60 -6.98 -10.95 -12.71
CA SER A 60 -6.63 -9.51 -12.76
C SER A 60 -5.77 -9.06 -13.95
N ARG A 61 -5.02 -9.97 -14.58
CA ARG A 61 -4.26 -9.65 -15.83
C ARG A 61 -5.20 -9.27 -17.00
N ILE A 62 -6.39 -9.88 -17.03
CA ILE A 62 -7.41 -9.53 -18.02
C ILE A 62 -8.20 -8.30 -17.55
N SER A 63 -8.71 -8.34 -16.30
CA SER A 63 -9.63 -7.32 -15.76
C SER A 63 -9.81 -7.42 -14.21
N ASN A 64 -10.10 -6.28 -13.56
CA ASN A 64 -10.18 -6.15 -12.09
C ASN A 64 -11.04 -4.90 -11.75
N PRO A 65 -11.94 -4.95 -10.75
CA PRO A 65 -12.84 -3.80 -10.50
C PRO A 65 -12.20 -2.45 -10.20
N THR A 66 -11.05 -2.46 -9.53
CA THR A 66 -10.30 -1.22 -9.28
C THR A 66 -9.75 -0.68 -10.59
N LEU A 67 -9.10 -1.55 -11.37
CA LEU A 67 -8.65 -1.19 -12.72
C LEU A 67 -9.82 -0.77 -13.64
N ASN A 68 -10.97 -1.45 -13.56
CA ASN A 68 -12.12 -1.06 -14.40
C ASN A 68 -12.64 0.32 -14.07
N LEU A 69 -12.62 0.69 -12.80
CA LEU A 69 -13.08 2.03 -12.44
C LEU A 69 -12.14 3.08 -13.03
N LEU A 70 -10.84 2.86 -12.85
CA LEU A 70 -9.83 3.74 -13.45
C LEU A 70 -10.04 3.92 -14.95
N GLU A 71 -10.35 2.82 -15.60
CA GLU A 71 -10.53 2.78 -17.05
C GLU A 71 -11.76 3.55 -17.51
N ALA A 72 -12.90 3.25 -16.90
CA ALA A 72 -14.16 3.94 -17.23
C ALA A 72 -14.05 5.44 -17.01
N ARG A 73 -13.28 5.82 -15.99
CA ARG A 73 -13.08 7.21 -15.64
C ARG A 73 -12.19 7.95 -16.66
N MET A 74 -11.07 7.33 -17.02
CA MET A 74 -10.18 7.88 -18.06
C MET A 74 -10.89 7.96 -19.39
N ALA A 75 -11.71 6.96 -19.68
CA ALA A 75 -12.54 6.98 -20.89
C ALA A 75 -13.46 8.19 -20.89
N SER A 76 -14.15 8.42 -19.77
CA SER A 76 -15.04 9.58 -19.65
C SER A 76 -14.29 10.89 -19.89
N LEU A 77 -13.11 11.03 -19.27
CA LEU A 77 -12.32 12.25 -19.38
C LEU A 77 -11.78 12.47 -20.77
N GLU A 78 -11.41 11.39 -21.47
CA GLU A 78 -10.95 11.50 -22.88
C GLU A 78 -12.09 11.56 -23.90
N GLY A 79 -13.31 11.26 -23.48
CA GLY A 79 -14.45 11.24 -24.37
C GLY A 79 -14.43 10.01 -25.26
N GLY A 80 -13.93 8.89 -24.74
CA GLY A 80 -13.95 7.61 -25.44
C GLY A 80 -14.91 6.61 -24.82
N GLU A 81 -15.15 5.50 -25.53
CA GLU A 81 -16.04 4.42 -25.10
C GLU A 81 -15.43 3.52 -24.03
N ALA A 82 -14.13 3.28 -24.08
CA ALA A 82 -13.51 2.29 -23.19
C ALA A 82 -12.07 2.62 -22.89
N GLY A 83 -11.60 2.14 -21.75
CA GLY A 83 -10.22 2.30 -21.38
C GLY A 83 -9.60 0.99 -20.93
N LEU A 84 -8.27 1.00 -20.88
CA LEU A 84 -7.46 -0.12 -20.44
C LEU A 84 -6.31 0.47 -19.64
N ALA A 85 -6.03 -0.11 -18.47
CA ALA A 85 -4.91 0.32 -17.62
C ALA A 85 -3.80 -0.69 -17.72
N LEU A 86 -2.57 -0.19 -17.78
CA LEU A 86 -1.40 -1.04 -17.98
C LEU A 86 -0.26 -0.60 -17.06
N ALA A 87 0.81 -1.39 -17.02
CA ALA A 87 1.87 -1.21 -16.03
C ALA A 87 2.77 -0.03 -16.30
N SER A 88 2.79 0.46 -17.54
CA SER A 88 3.60 1.63 -17.88
C SER A 88 3.08 2.22 -19.15
N GLY A 89 3.51 3.45 -19.42
CA GLY A 89 3.35 4.07 -20.75
C GLY A 89 3.78 3.15 -21.86
N MET A 90 4.97 2.59 -21.74
CA MET A 90 5.48 1.65 -22.76
C MET A 90 4.62 0.41 -22.87
N GLY A 91 4.06 -0.05 -21.76
CA GLY A 91 3.03 -1.07 -21.77
C GLY A 91 1.81 -0.73 -22.62
N ALA A 92 1.32 0.50 -22.49
CA ALA A 92 0.20 0.94 -23.30
C ALA A 92 0.52 0.98 -24.79
N ILE A 93 1.68 1.53 -25.11
CA ILE A 93 2.11 1.71 -26.51
C ILE A 93 2.39 0.36 -27.18
N THR A 94 3.14 -0.51 -26.50
CA THR A 94 3.50 -1.81 -27.07
C THR A 94 2.31 -2.73 -27.15
N SER A 95 1.51 -2.80 -26.08
CA SER A 95 0.27 -3.57 -26.11
C SER A 95 -0.61 -3.10 -27.25
N THR A 96 -0.70 -1.80 -27.50
CA THR A 96 -1.48 -1.28 -28.63
C THR A 96 -0.88 -1.65 -29.99
N LEU A 97 0.39 -1.34 -30.20
CA LEU A 97 1.02 -1.59 -31.52
C LEU A 97 1.21 -3.09 -31.85
N TRP A 98 1.49 -3.94 -30.86
CA TRP A 98 1.53 -5.40 -31.06
C TRP A 98 0.17 -5.99 -31.50
N THR A 99 -0.95 -5.40 -31.06
CA THR A 99 -2.23 -5.98 -31.48
C THR A 99 -2.66 -5.47 -32.85
N LEU A 100 -2.31 -4.23 -33.21
CA LEU A 100 -2.76 -3.61 -34.46
C LEU A 100 -1.93 -3.94 -35.72
N LEU A 101 -0.68 -4.32 -35.55
CA LEU A 101 0.25 -4.49 -36.66
C LEU A 101 0.70 -5.94 -36.81
N ARG A 102 0.90 -6.35 -38.05
CA ARG A 102 1.43 -7.67 -38.40
C ARG A 102 2.45 -7.47 -39.54
N PRO A 103 3.35 -8.46 -39.79
CA PRO A 103 4.34 -8.33 -40.87
C PRO A 103 3.71 -7.96 -42.22
N GLY A 104 4.26 -6.95 -42.90
CA GLY A 104 3.68 -6.42 -44.15
C GLY A 104 2.94 -5.10 -43.96
N ASP A 105 2.36 -4.88 -42.78
CA ASP A 105 1.76 -3.58 -42.46
C ASP A 105 2.84 -2.52 -42.31
N GLU A 106 2.43 -1.28 -42.61
CA GLU A 106 3.28 -0.12 -42.48
C GLU A 106 2.67 0.77 -41.40
N VAL A 107 3.52 1.36 -40.57
CA VAL A 107 3.09 2.39 -39.64
C VAL A 107 3.78 3.70 -40.02
N LEU A 108 2.99 4.76 -40.25
CA LEU A 108 3.51 6.12 -40.40
C LEU A 108 3.66 6.77 -39.05
N LEU A 109 4.84 7.35 -38.80
CA LEU A 109 5.24 7.84 -37.48
C LEU A 109 5.55 9.34 -37.51
N GLY A 110 5.27 10.02 -36.40
CA GLY A 110 5.66 11.40 -36.25
C GLY A 110 7.17 11.51 -36.33
N ASN A 111 7.66 12.70 -36.65
CA ASN A 111 9.09 12.90 -36.90
C ASN A 111 9.92 12.69 -35.65
N THR A 112 9.37 13.09 -34.51
CA THR A 112 10.05 12.95 -33.21
C THR A 112 9.22 12.07 -32.29
N LEU A 113 9.89 11.15 -31.62
CA LEU A 113 9.27 10.23 -30.67
C LEU A 113 10.08 10.13 -29.41
N TYR A 114 9.37 9.79 -28.33
CA TYR A 114 9.99 9.42 -27.07
C TYR A 114 10.98 8.29 -27.36
N GLY A 115 12.13 8.32 -26.67
CA GLY A 115 13.24 7.40 -26.92
C GLY A 115 12.88 5.94 -26.92
N CYS A 116 12.26 5.45 -25.86
CA CYS A 116 11.89 4.03 -25.82
C CYS A 116 10.85 3.66 -26.90
N THR A 117 9.95 4.58 -27.26
CA THR A 117 9.02 4.34 -28.37
C THR A 117 9.76 4.19 -29.69
N PHE A 118 10.72 5.09 -29.93
CA PHE A 118 11.59 5.02 -31.12
C PHE A 118 12.29 3.67 -31.21
N ALA A 119 12.96 3.28 -30.13
CA ALA A 119 13.68 2.01 -30.06
C ALA A 119 12.76 0.80 -30.27
N PHE A 120 11.59 0.82 -29.62
CA PHE A 120 10.59 -0.21 -29.83
C PHE A 120 10.26 -0.39 -31.30
N LEU A 121 10.02 0.72 -31.98
CA LEU A 121 9.62 0.67 -33.39
C LEU A 121 10.75 0.20 -34.30
N HIS A 122 11.93 0.80 -34.17
CA HIS A 122 13.05 0.46 -35.04
C HIS A 122 13.74 -0.84 -34.71
N HIS A 123 13.99 -1.08 -33.42
CA HIS A 123 14.74 -2.23 -32.95
C HIS A 123 13.87 -3.37 -32.40
N GLY A 124 12.57 -3.12 -32.19
CA GLY A 124 11.65 -4.14 -31.73
C GLY A 124 10.77 -4.62 -32.87
N ILE A 125 9.57 -4.07 -32.91
CA ILE A 125 8.54 -4.53 -33.85
C ILE A 125 8.93 -4.32 -35.32
N GLY A 126 9.72 -3.28 -35.61
CA GLY A 126 10.31 -3.09 -36.94
C GLY A 126 11.21 -4.24 -37.41
N GLU A 127 11.82 -4.98 -36.50
CA GLU A 127 12.61 -6.16 -36.84
C GLU A 127 11.77 -7.44 -37.01
N PHE A 128 10.45 -7.36 -36.80
CA PHE A 128 9.55 -8.51 -37.01
C PHE A 128 8.67 -8.33 -38.24
N GLY A 129 9.14 -7.59 -39.24
CA GLY A 129 8.45 -7.48 -40.53
C GLY A 129 7.50 -6.31 -40.72
N VAL A 130 7.47 -5.37 -39.77
CA VAL A 130 6.61 -4.20 -39.86
C VAL A 130 7.39 -3.03 -40.43
N LYS A 131 6.79 -2.38 -41.43
CA LYS A 131 7.42 -1.28 -42.13
C LYS A 131 7.16 0.00 -41.36
N LEU A 132 8.21 0.82 -41.25
CA LEU A 132 8.17 2.11 -40.58
C LEU A 132 8.45 3.20 -41.59
N ARG A 133 7.71 4.31 -41.52
CA ARG A 133 8.16 5.53 -42.17
C ARG A 133 7.80 6.76 -41.36
N HIS A 134 8.79 7.64 -41.21
CA HIS A 134 8.60 8.91 -40.53
C HIS A 134 8.09 9.97 -41.45
N VAL A 135 7.22 10.84 -40.92
CA VAL A 135 6.59 11.90 -41.70
C VAL A 135 6.35 13.08 -40.78
N ASP A 136 6.50 14.29 -41.32
CA ASP A 136 6.14 15.50 -40.59
C ASP A 136 4.61 15.57 -40.58
N MET A 137 4.01 15.32 -39.41
CA MET A 137 2.56 15.22 -39.28
C MET A 137 1.90 16.61 -39.24
N ALA A 138 2.71 17.67 -39.13
CA ALA A 138 2.24 19.04 -39.31
C ALA A 138 2.06 19.45 -40.78
N ASP A 139 2.63 18.65 -41.69
CA ASP A 139 2.58 18.85 -43.13
C ASP A 139 1.56 17.85 -43.67
N LEU A 140 0.31 18.30 -43.79
CA LEU A 140 -0.80 17.44 -44.22
C LEU A 140 -0.68 16.94 -45.69
N GLN A 141 -0.05 17.74 -46.54
CA GLN A 141 0.22 17.33 -47.93
C GLN A 141 1.22 16.17 -47.99
N ALA A 142 2.30 16.27 -47.21
CA ALA A 142 3.28 15.17 -47.10
C ALA A 142 2.70 13.89 -46.47
N LEU A 143 1.84 14.02 -45.46
CA LEU A 143 1.18 12.86 -44.88
C LEU A 143 0.34 12.17 -45.95
N GLU A 144 -0.45 12.94 -46.69
CA GLU A 144 -1.26 12.39 -47.80
C GLU A 144 -0.38 11.63 -48.81
N ALA A 145 0.75 12.22 -49.15
CA ALA A 145 1.66 11.63 -50.13
C ALA A 145 2.28 10.32 -49.63
N ALA A 146 2.51 10.23 -48.33
CA ALA A 146 3.11 9.02 -47.72
C ALA A 146 2.13 7.82 -47.53
N MET A 147 0.83 8.07 -47.60
CA MET A 147 -0.16 7.02 -47.41
C MET A 147 -0.06 6.04 -48.56
N THR A 148 0.03 4.75 -48.24
CA THR A 148 0.07 3.67 -49.22
C THR A 148 -1.02 2.70 -48.84
N PRO A 149 -1.33 1.73 -49.72
CA PRO A 149 -2.32 0.70 -49.34
C PRO A 149 -1.92 -0.20 -48.12
N ALA A 150 -0.63 -0.36 -47.85
CA ALA A 150 -0.17 -1.13 -46.67
C ALA A 150 -0.19 -0.37 -45.33
N THR A 151 -0.43 0.95 -45.38
CA THR A 151 -0.45 1.82 -44.18
C THR A 151 -1.64 1.45 -43.28
N ARG A 152 -1.34 0.94 -42.09
CA ARG A 152 -2.36 0.45 -41.15
C ARG A 152 -2.57 1.37 -39.93
N VAL A 153 -1.50 2.01 -39.48
CA VAL A 153 -1.52 2.82 -38.26
C VAL A 153 -0.75 4.11 -38.54
N ILE A 154 -1.31 5.23 -38.09
CA ILE A 154 -0.60 6.50 -38.00
C ILE A 154 -0.46 6.75 -36.52
N TYR A 155 0.80 6.90 -36.06
CA TYR A 155 1.14 7.02 -34.63
C TYR A 155 2.04 8.23 -34.44
N PHE A 156 1.67 9.11 -33.51
CA PHE A 156 2.47 10.29 -33.17
C PHE A 156 2.14 10.84 -31.79
N GLU A 157 3.03 11.69 -31.31
CA GLU A 157 2.85 12.44 -30.08
C GLU A 157 2.56 13.88 -30.50
N SER A 158 1.72 14.56 -29.72
CA SER A 158 1.49 15.99 -29.94
C SER A 158 1.09 16.62 -28.61
N PRO A 159 1.93 17.51 -28.04
CA PRO A 159 3.27 17.85 -28.53
C PRO A 159 4.23 16.69 -28.42
N ALA A 160 5.26 16.68 -29.24
CA ALA A 160 6.22 15.57 -29.26
C ALA A 160 7.27 15.73 -28.19
N ASN A 161 7.80 14.60 -27.73
CA ASN A 161 8.86 14.57 -26.73
C ASN A 161 10.19 14.48 -27.51
N PRO A 162 11.12 15.46 -27.42
CA PRO A 162 11.14 16.53 -26.43
C PRO A 162 11.07 17.97 -26.98
N ASN A 163 11.03 18.15 -28.31
CA ASN A 163 11.10 19.50 -28.92
C ASN A 163 9.71 20.10 -29.16
N MET A 164 8.67 19.38 -28.75
CA MET A 164 7.28 19.87 -28.76
C MET A 164 6.70 20.22 -30.12
N HIS A 165 7.15 19.51 -31.15
CA HIS A 165 6.52 19.56 -32.45
C HIS A 165 5.07 19.06 -32.33
N MET A 166 4.19 19.71 -33.07
CA MET A 166 2.76 19.47 -33.00
C MET A 166 2.29 18.89 -34.30
N ALA A 167 1.15 18.21 -34.26
CA ALA A 167 0.44 17.77 -35.45
C ALA A 167 -1.02 18.23 -35.40
N ASP A 168 -1.63 18.40 -36.56
CA ASP A 168 -3.06 18.72 -36.64
C ASP A 168 -3.83 17.41 -36.60
N ILE A 169 -4.32 17.08 -35.40
CA ILE A 169 -4.97 15.79 -35.16
C ILE A 169 -6.19 15.61 -36.06
N ALA A 170 -7.01 16.65 -36.18
CA ALA A 170 -8.22 16.62 -37.02
C ALA A 170 -7.89 16.43 -38.48
N GLY A 171 -6.84 17.09 -38.93
CA GLY A 171 -6.34 16.93 -40.30
C GLY A 171 -5.77 15.55 -40.56
N VAL A 172 -5.00 15.03 -39.61
CA VAL A 172 -4.45 13.66 -39.71
C VAL A 172 -5.60 12.64 -39.77
N ALA A 173 -6.61 12.81 -38.91
CA ALA A 173 -7.77 11.89 -38.88
C ALA A 173 -8.58 11.88 -40.18
N LYS A 174 -8.78 13.06 -40.78
CA LYS A 174 -9.52 13.17 -42.04
C LYS A 174 -8.83 12.37 -43.15
N ILE A 175 -7.51 12.51 -43.26
CA ILE A 175 -6.70 11.70 -44.19
C ILE A 175 -6.83 10.22 -43.88
N ALA A 176 -6.82 9.89 -42.60
CA ALA A 176 -6.97 8.50 -42.16
C ALA A 176 -8.38 7.94 -42.46
N ARG A 177 -9.41 8.77 -42.36
CA ARG A 177 -10.77 8.34 -42.73
C ARG A 177 -10.83 7.93 -44.19
N LYS A 178 -10.22 8.75 -45.06
CA LYS A 178 -10.27 8.52 -46.50
C LYS A 178 -9.48 7.29 -46.94
N HIS A 179 -8.31 7.06 -46.36
CA HIS A 179 -7.45 5.92 -46.75
C HIS A 179 -7.71 4.64 -45.99
N GLY A 180 -8.26 4.74 -44.78
CA GLY A 180 -8.55 3.57 -43.95
C GLY A 180 -7.36 3.18 -43.09
N ALA A 181 -6.96 4.09 -42.20
CA ALA A 181 -5.88 3.85 -41.23
C ALA A 181 -6.35 4.20 -39.82
N THR A 182 -5.82 3.48 -38.84
CA THR A 182 -6.10 3.72 -37.44
C THR A 182 -5.13 4.76 -36.87
N VAL A 183 -5.67 5.84 -36.32
CA VAL A 183 -4.87 6.90 -35.72
C VAL A 183 -4.70 6.71 -34.21
N VAL A 184 -3.45 6.63 -33.76
CA VAL A 184 -3.09 6.45 -32.35
C VAL A 184 -2.30 7.67 -31.94
N VAL A 185 -2.83 8.44 -30.98
CA VAL A 185 -2.13 9.61 -30.47
C VAL A 185 -1.65 9.38 -29.03
N ASP A 186 -0.38 9.68 -28.77
CA ASP A 186 0.17 9.71 -27.42
C ASP A 186 -0.12 11.09 -26.85
N ASN A 187 -0.98 11.13 -25.84
CA ASN A 187 -1.50 12.38 -25.27
C ASN A 187 -0.90 12.65 -23.89
N THR A 188 0.27 12.07 -23.61
CA THR A 188 0.93 12.15 -22.30
C THR A 188 1.09 13.59 -21.85
N TYR A 189 1.62 14.43 -22.73
CA TYR A 189 1.95 15.83 -22.38
C TYR A 189 0.76 16.72 -21.98
N CYS A 190 -0.35 16.60 -22.69
CA CYS A 190 -1.49 17.47 -22.42
C CYS A 190 -2.41 16.91 -21.33
N THR A 191 -2.62 15.59 -21.34
CA THR A 191 -3.70 14.93 -20.56
C THR A 191 -5.06 15.29 -21.20
N PRO A 192 -6.14 14.56 -20.82
CA PRO A 192 -7.44 14.90 -21.37
C PRO A 192 -7.99 16.25 -20.90
N TYR A 193 -7.38 16.85 -19.86
CA TYR A 193 -7.77 18.17 -19.41
C TYR A 193 -7.47 19.28 -20.42
N LEU A 194 -6.37 19.13 -21.18
CA LEU A 194 -5.93 20.14 -22.14
C LEU A 194 -6.21 19.80 -23.59
N GLN A 195 -6.30 18.52 -23.90
CA GLN A 195 -6.43 18.06 -25.26
C GLN A 195 -7.04 16.68 -25.32
N ARG A 196 -7.99 16.49 -26.23
CA ARG A 196 -8.75 15.25 -26.33
C ARG A 196 -8.78 14.76 -27.78
N PRO A 197 -7.71 14.05 -28.21
CA PRO A 197 -7.58 13.61 -29.61
C PRO A 197 -8.72 12.78 -30.14
N LEU A 198 -9.39 12.02 -29.29
CA LEU A 198 -10.57 11.25 -29.75
C LEU A 198 -11.68 12.15 -30.20
N GLU A 199 -11.83 13.32 -29.56
CA GLU A 199 -12.85 14.30 -29.96
C GLU A 199 -12.50 15.01 -31.27
N LEU A 200 -11.20 15.03 -31.60
CA LEU A 200 -10.71 15.57 -32.87
C LEU A 200 -10.62 14.54 -34.01
N GLY A 201 -10.98 13.27 -33.75
CA GLY A 201 -11.07 12.24 -34.78
C GLY A 201 -10.14 11.04 -34.63
N ALA A 202 -9.18 11.10 -33.71
CA ALA A 202 -8.28 9.95 -33.47
C ALA A 202 -9.06 8.70 -33.04
N ASP A 203 -8.48 7.53 -33.29
CA ASP A 203 -9.11 6.25 -32.94
C ASP A 203 -8.72 5.78 -31.54
N LEU A 204 -7.46 6.04 -31.16
CA LEU A 204 -6.91 5.62 -29.87
C LEU A 204 -5.99 6.68 -29.30
N VAL A 205 -6.01 6.83 -27.98
CA VAL A 205 -5.04 7.65 -27.29
C VAL A 205 -4.30 6.75 -26.33
N VAL A 206 -3.02 7.03 -26.12
CA VAL A 206 -2.23 6.32 -25.12
C VAL A 206 -1.57 7.34 -24.19
N HIS A 207 -1.32 6.94 -22.95
CA HIS A 207 -0.67 7.79 -21.95
C HIS A 207 0.38 7.07 -21.19
N SER A 208 1.45 7.79 -20.86
CA SER A 208 2.27 7.47 -19.72
C SER A 208 1.57 8.14 -18.57
N ALA A 209 0.75 7.37 -17.84
CA ALA A 209 0.06 7.90 -16.68
C ALA A 209 1.03 8.14 -15.53
N THR A 210 2.25 7.62 -15.67
CA THR A 210 3.37 7.94 -14.81
C THR A 210 3.63 9.44 -14.62
N LYS A 211 3.22 10.24 -15.61
CA LYS A 211 3.52 11.65 -15.66
C LYS A 211 2.38 12.47 -15.01
N TYR A 212 1.70 13.36 -15.74
CA TYR A 212 0.75 14.27 -15.12
C TYR A 212 -0.46 13.59 -14.48
N LEU A 213 -0.96 12.50 -15.07
CA LEU A 213 -2.16 11.86 -14.53
C LEU A 213 -1.94 11.43 -13.07
N SER A 214 -0.85 10.69 -12.81
CA SER A 214 -0.44 10.39 -11.44
C SER A 214 -0.13 11.69 -10.72
N GLY A 215 0.75 12.49 -11.34
CA GLY A 215 1.10 13.81 -10.81
C GLY A 215 2.12 13.85 -9.69
N HIS A 216 2.42 12.71 -9.04
CA HIS A 216 3.22 12.72 -7.83
C HIS A 216 4.44 11.82 -7.89
N GLY A 217 4.74 11.30 -9.08
CA GLY A 217 5.96 10.56 -9.34
C GLY A 217 6.18 9.26 -8.58
N ASP A 218 5.12 8.69 -8.03
CA ASP A 218 5.24 7.52 -7.14
C ASP A 218 4.87 6.19 -7.78
N ILE A 219 4.25 6.23 -8.95
CA ILE A 219 3.85 5.02 -9.67
C ILE A 219 4.34 5.06 -11.12
N THR A 220 4.43 3.88 -11.73
CA THR A 220 4.59 3.74 -13.15
C THR A 220 3.27 3.15 -13.70
N ALA A 221 2.74 3.73 -14.77
CA ALA A 221 1.44 3.29 -15.30
C ALA A 221 1.16 3.77 -16.71
N GLY A 222 0.33 3.01 -17.41
CA GLY A 222 -0.16 3.39 -18.73
C GLY A 222 -1.68 3.30 -18.85
N ILE A 223 -2.21 4.03 -19.82
CA ILE A 223 -3.61 4.03 -20.19
C ILE A 223 -3.71 4.06 -21.72
N VAL A 224 -4.65 3.26 -22.24
CA VAL A 224 -5.14 3.35 -23.61
C VAL A 224 -6.65 3.67 -23.53
N VAL A 225 -7.12 4.61 -24.35
CA VAL A 225 -8.55 4.89 -24.47
C VAL A 225 -8.94 4.91 -25.94
N GLY A 226 -10.09 4.35 -26.25
CA GLY A 226 -10.62 4.39 -27.58
C GLY A 226 -11.96 3.70 -27.66
N SER A 227 -12.27 3.18 -28.84
CA SER A 227 -13.53 2.48 -29.09
C SER A 227 -13.55 1.16 -28.32
N GLN A 228 -14.75 0.68 -28.00
CA GLN A 228 -14.88 -0.59 -27.29
C GLN A 228 -14.17 -1.73 -28.03
N ALA A 229 -14.39 -1.83 -29.34
CA ALA A 229 -13.85 -2.93 -30.14
C ALA A 229 -12.32 -2.92 -30.17
N LEU A 230 -11.72 -1.75 -30.38
CA LEU A 230 -10.25 -1.67 -30.40
C LEU A 230 -9.61 -1.90 -29.03
N VAL A 231 -10.24 -1.38 -27.97
CA VAL A 231 -9.71 -1.56 -26.61
C VAL A 231 -9.87 -3.01 -26.15
N ASP A 232 -11.00 -3.64 -26.44
CA ASP A 232 -11.16 -5.07 -26.17
C ASP A 232 -10.08 -5.90 -26.90
N ARG A 233 -9.79 -5.56 -28.14
CA ARG A 233 -8.77 -6.29 -28.88
C ARG A 233 -7.42 -6.13 -28.18
N ILE A 234 -7.11 -4.90 -27.76
CA ILE A 234 -5.84 -4.61 -27.10
C ILE A 234 -5.75 -5.36 -25.77
N ARG A 235 -6.86 -5.37 -25.03
CA ARG A 235 -6.96 -6.08 -23.77
C ARG A 235 -6.67 -7.57 -23.91
N LEU A 236 -7.41 -8.21 -24.83
CA LEU A 236 -7.39 -9.68 -24.97
C LEU A 236 -6.27 -10.24 -25.85
N GLN A 237 -5.47 -9.39 -26.48
CA GLN A 237 -4.36 -9.84 -27.33
C GLN A 237 -3.05 -9.21 -26.86
N GLY A 238 -2.97 -7.89 -26.95
CA GLY A 238 -1.76 -7.15 -26.59
C GLY A 238 -1.32 -7.36 -25.17
N LEU A 239 -2.22 -7.01 -24.24
CA LEU A 239 -1.93 -7.13 -22.82
C LEU A 239 -1.89 -8.60 -22.34
N LYS A 240 -2.95 -9.34 -22.65
CA LYS A 240 -3.09 -10.72 -22.16
C LYS A 240 -1.97 -11.65 -22.65
N ASP A 241 -1.76 -11.69 -23.96
CA ASP A 241 -0.80 -12.60 -24.59
C ASP A 241 0.57 -11.99 -24.90
N MET A 242 0.64 -10.71 -25.29
CA MET A 242 1.89 -10.19 -25.87
C MET A 242 2.77 -9.33 -24.97
N THR A 243 2.23 -8.74 -23.91
CA THR A 243 3.07 -7.99 -22.97
C THR A 243 2.98 -8.41 -21.50
N GLY A 244 1.82 -8.88 -21.05
CA GLY A 244 1.56 -9.04 -19.61
C GLY A 244 1.87 -7.80 -18.76
N ALA A 245 1.66 -6.61 -19.30
CA ALA A 245 1.95 -5.37 -18.59
C ALA A 245 0.77 -4.98 -17.69
N VAL A 246 0.61 -5.75 -16.62
CA VAL A 246 -0.54 -5.66 -15.74
C VAL A 246 -0.30 -4.57 -14.70
N LEU A 247 -1.25 -3.66 -14.53
CA LEU A 247 -1.13 -2.62 -13.51
C LEU A 247 -1.57 -3.14 -12.15
N SER A 248 -0.74 -2.95 -11.13
CA SER A 248 -1.11 -3.24 -9.76
C SER A 248 -2.38 -2.46 -9.32
N PRO A 249 -3.35 -3.14 -8.65
CA PRO A 249 -4.51 -2.40 -8.14
C PRO A 249 -4.16 -1.25 -7.20
N HIS A 250 -3.09 -1.44 -6.43
CA HIS A 250 -2.55 -0.43 -5.52
C HIS A 250 -2.16 0.83 -6.28
N ASP A 251 -1.39 0.62 -7.35
CA ASP A 251 -0.95 1.71 -8.23
C ASP A 251 -2.11 2.35 -8.96
N ALA A 252 -3.09 1.55 -9.39
CA ALA A 252 -4.27 2.09 -10.02
C ALA A 252 -5.05 2.96 -9.06
N ALA A 253 -5.10 2.57 -7.79
CA ALA A 253 -5.75 3.40 -6.76
C ALA A 253 -5.07 4.75 -6.60
N LEU A 254 -3.73 4.72 -6.58
CA LEU A 254 -2.93 5.95 -6.45
C LEU A 254 -3.11 6.85 -7.68
N LEU A 255 -3.20 6.24 -8.85
CA LEU A 255 -3.50 6.97 -10.09
C LEU A 255 -4.87 7.67 -10.01
N MET A 256 -5.91 6.94 -9.63
CA MET A 256 -7.22 7.54 -9.41
C MET A 256 -7.16 8.68 -8.39
N ARG A 257 -6.38 8.49 -7.33
CA ARG A 257 -6.19 9.55 -6.36
C ARG A 257 -5.59 10.81 -7.00
N GLY A 258 -4.56 10.65 -7.82
CA GLY A 258 -3.98 11.82 -8.52
C GLY A 258 -4.91 12.49 -9.52
N ILE A 259 -5.69 11.67 -10.22
CA ILE A 259 -6.63 12.19 -11.22
C ILE A 259 -7.67 13.12 -10.58
N LYS A 260 -7.96 12.92 -9.29
CA LYS A 260 -8.92 13.81 -8.58
C LYS A 260 -8.49 15.29 -8.50
N THR A 261 -7.20 15.56 -8.62
CA THR A 261 -6.66 16.91 -8.64
C THR A 261 -6.02 17.30 -9.98
N LEU A 262 -6.26 16.51 -11.03
CA LEU A 262 -5.64 16.76 -12.34
C LEU A 262 -5.91 18.17 -12.84
N ASN A 263 -7.14 18.65 -12.70
CA ASN A 263 -7.48 19.97 -13.23
C ASN A 263 -6.71 21.09 -12.50
N LEU A 264 -6.60 20.95 -11.18
CA LEU A 264 -5.94 21.98 -10.36
C LEU A 264 -4.45 21.97 -10.59
N ARG A 265 -3.86 20.76 -10.66
CA ARG A 265 -2.43 20.62 -10.90
C ARG A 265 -2.02 21.16 -12.26
N MET A 266 -2.80 20.82 -13.30
CA MET A 266 -2.51 21.32 -14.65
C MET A 266 -2.63 22.83 -14.76
N ASP A 267 -3.66 23.42 -14.13
CA ASP A 267 -3.79 24.87 -14.09
C ASP A 267 -2.51 25.49 -13.55
N ARG A 268 -2.02 24.98 -12.42
CA ARG A 268 -0.83 25.54 -11.79
C ARG A 268 0.44 25.24 -12.61
N HIS A 269 0.55 24.05 -13.19
CA HIS A 269 1.69 23.73 -14.06
C HIS A 269 1.77 24.72 -15.22
N CYS A 270 0.62 24.95 -15.87
CA CYS A 270 0.53 25.86 -16.99
C CYS A 270 0.79 27.32 -16.63
N ALA A 271 0.27 27.79 -15.51
CA ALA A 271 0.53 29.16 -15.08
C ALA A 271 1.99 29.33 -14.66
N ASN A 272 2.55 28.39 -13.91
CA ASN A 272 3.99 28.47 -13.61
C ASN A 272 4.86 28.47 -14.85
N ALA A 273 4.62 27.54 -15.77
CA ALA A 273 5.45 27.45 -16.97
C ALA A 273 5.35 28.69 -17.87
N GLN A 274 4.16 29.30 -17.96
CA GLN A 274 3.95 30.53 -18.74
C GLN A 274 4.84 31.65 -18.22
N VAL A 275 4.77 31.91 -16.93
CA VAL A 275 5.59 32.92 -16.28
C VAL A 275 7.09 32.61 -16.46
N LEU A 276 7.48 31.35 -16.32
CA LEU A 276 8.88 30.95 -16.47
C LEU A 276 9.37 31.09 -17.91
N ALA A 277 8.52 30.76 -18.87
CA ALA A 277 8.84 30.89 -20.28
C ALA A 277 9.03 32.36 -20.72
N GLU A 278 8.13 33.24 -20.26
CA GLU A 278 8.24 34.68 -20.54
C GLU A 278 9.45 35.30 -19.87
N PHE A 279 9.80 34.82 -18.67
CA PHE A 279 11.05 35.22 -18.03
C PHE A 279 12.26 34.76 -18.85
N LEU A 280 12.24 33.53 -19.35
CA LEU A 280 13.37 32.97 -20.10
C LEU A 280 13.54 33.59 -21.48
N ALA A 281 12.43 33.97 -22.11
CA ALA A 281 12.48 34.68 -23.39
C ALA A 281 13.23 36.00 -23.28
N ARG A 282 13.09 36.71 -22.17
CA ARG A 282 13.76 38.01 -21.96
C ARG A 282 15.19 37.90 -21.40
N GLN A 283 15.89 36.79 -21.64
CA GLN A 283 17.20 36.56 -21.02
C GLN A 283 18.32 36.51 -22.04
N PRO A 284 19.45 37.20 -21.72
CA PRO A 284 20.69 37.21 -22.53
C PRO A 284 21.22 35.85 -22.98
N GLN A 285 21.22 34.86 -22.08
CA GLN A 285 21.89 33.56 -22.34
C GLN A 285 21.11 32.62 -23.24
N VAL A 286 19.80 32.88 -23.45
CA VAL A 286 18.94 31.96 -24.20
C VAL A 286 19.01 32.21 -25.72
N GLU A 287 19.37 31.17 -26.46
CA GLU A 287 19.37 31.20 -27.93
C GLU A 287 17.91 31.19 -28.42
N LEU A 288 17.22 30.06 -28.28
CA LEU A 288 15.80 29.96 -28.61
C LEU A 288 15.03 29.25 -27.48
N ILE A 289 13.80 29.70 -27.24
CA ILE A 289 12.89 29.08 -26.27
C ILE A 289 11.66 28.56 -26.99
N HIS A 290 11.38 27.28 -26.82
CA HIS A 290 10.15 26.65 -27.32
C HIS A 290 9.16 26.44 -26.17
N TYR A 291 8.10 27.25 -26.14
CA TYR A 291 6.97 27.06 -25.24
C TYR A 291 5.68 27.45 -25.99
N PRO A 292 4.70 26.52 -26.12
CA PRO A 292 3.47 26.76 -26.90
C PRO A 292 2.68 28.04 -26.58
N GLY A 293 2.83 28.56 -25.36
CA GLY A 293 2.24 29.83 -24.96
C GLY A 293 2.94 31.12 -25.38
N LEU A 294 4.13 31.03 -25.97
CA LEU A 294 4.80 32.21 -26.52
C LEU A 294 4.49 32.31 -28.01
N ALA A 295 4.12 33.51 -28.46
CA ALA A 295 3.87 33.80 -29.88
C ALA A 295 5.02 33.37 -30.81
N SER A 296 6.25 33.37 -30.28
CA SER A 296 7.41 32.88 -31.04
C SER A 296 7.40 31.36 -31.27
N PHE A 297 6.54 30.62 -30.60
CA PHE A 297 6.49 29.18 -30.82
C PHE A 297 6.13 28.91 -32.28
N PRO A 298 6.93 28.08 -32.98
CA PRO A 298 6.72 27.90 -34.41
C PRO A 298 5.30 27.46 -34.83
N GLN A 299 4.60 26.69 -33.99
CA GLN A 299 3.22 26.31 -34.30
C GLN A 299 2.24 26.93 -33.30
N TYR A 300 2.41 28.22 -33.07
CA TYR A 300 1.60 28.93 -32.07
C TYR A 300 0.10 28.75 -32.26
N THR A 301 -0.40 28.90 -33.48
CA THR A 301 -1.86 28.87 -33.72
C THR A 301 -2.44 27.45 -33.65
N LEU A 302 -1.66 26.46 -34.04
CA LEU A 302 -2.09 25.06 -33.92
C LEU A 302 -2.21 24.66 -32.45
N ALA A 303 -1.23 25.05 -31.63
CA ALA A 303 -1.30 24.91 -30.17
C ALA A 303 -2.56 25.57 -29.59
N ARG A 304 -2.79 26.84 -29.92
CA ARG A 304 -4.01 27.53 -29.46
C ARG A 304 -5.29 26.80 -29.88
N GLN A 305 -5.26 26.23 -31.08
CA GLN A 305 -6.42 25.56 -31.65
C GLN A 305 -6.75 24.21 -30.95
N GLN A 306 -5.73 23.41 -30.63
CA GLN A 306 -5.91 22.05 -30.10
C GLN A 306 -5.78 21.92 -28.59
N MET A 307 -4.90 22.73 -27.96
CA MET A 307 -4.65 22.65 -26.52
C MET A 307 -5.32 23.81 -25.82
N SER A 308 -6.09 23.54 -24.75
CA SER A 308 -6.76 24.64 -24.05
C SER A 308 -5.83 25.47 -23.20
N GLN A 309 -4.68 24.92 -22.81
CA GLN A 309 -3.64 25.67 -22.11
C GLN A 309 -2.28 25.20 -22.64
N PRO A 310 -1.24 26.05 -22.52
CA PRO A 310 0.02 25.71 -23.19
C PRO A 310 0.90 24.62 -22.54
N GLY A 311 0.55 24.14 -21.35
CA GLY A 311 1.23 22.97 -20.77
C GLY A 311 2.31 23.33 -19.79
N GLY A 312 2.97 22.29 -19.28
CA GLY A 312 4.02 22.45 -18.28
C GLY A 312 5.45 22.22 -18.73
N MET A 313 5.66 21.96 -20.03
CA MET A 313 7.00 21.66 -20.54
C MET A 313 7.61 22.85 -21.27
N ILE A 314 8.85 23.18 -20.94
CA ILE A 314 9.64 24.18 -21.67
C ILE A 314 10.88 23.50 -22.26
N ALA A 315 11.24 23.86 -23.49
CA ALA A 315 12.50 23.45 -24.10
C ALA A 315 13.21 24.70 -24.56
N PHE A 316 14.49 24.79 -24.23
CA PHE A 316 15.29 25.92 -24.64
C PHE A 316 16.74 25.54 -24.88
N GLU A 317 17.48 26.45 -25.53
CA GLU A 317 18.92 26.30 -25.74
C GLU A 317 19.61 27.51 -25.16
N LEU A 318 20.79 27.28 -24.58
CA LEU A 318 21.64 28.38 -24.14
C LEU A 318 22.71 28.67 -25.19
N LYS A 319 23.16 29.92 -25.22
CA LYS A 319 24.37 30.31 -25.94
C LYS A 319 25.56 29.88 -25.08
N GLY A 320 26.49 29.17 -25.72
CA GLY A 320 27.48 28.33 -25.02
C GLY A 320 27.27 26.87 -25.36
N GLY A 321 26.09 26.53 -25.90
CA GLY A 321 25.82 25.22 -26.52
C GLY A 321 25.47 24.09 -25.54
N ILE A 322 26.18 22.98 -25.69
CA ILE A 322 26.15 21.86 -24.73
C ILE A 322 26.96 22.17 -23.45
N GLY A 323 28.10 22.84 -23.60
CA GLY A 323 28.95 23.25 -22.48
C GLY A 323 28.22 24.08 -21.46
N ALA A 324 27.52 25.12 -21.92
CA ALA A 324 26.73 25.99 -21.02
C ALA A 324 25.55 25.28 -20.35
N GLY A 325 24.96 24.32 -21.07
CA GLY A 325 23.89 23.48 -20.57
C GLY A 325 24.25 22.78 -19.27
N ARG A 326 25.41 22.13 -19.23
CA ARG A 326 25.86 21.43 -18.03
C ARG A 326 26.04 22.38 -16.82
N ARG A 327 26.61 23.57 -17.04
CA ARG A 327 26.89 24.48 -15.91
C ARG A 327 25.62 25.09 -15.33
N PHE A 328 24.59 25.21 -16.17
CA PHE A 328 23.28 25.74 -15.76
C PHE A 328 22.60 24.67 -14.90
N MET A 329 22.40 23.50 -15.52
CA MET A 329 21.78 22.36 -14.86
C MET A 329 22.50 22.00 -13.55
N ASN A 330 23.84 22.04 -13.55
CA ASN A 330 24.63 21.79 -12.33
C ASN A 330 24.37 22.77 -11.21
N ALA A 331 24.09 24.01 -11.57
CA ALA A 331 23.88 25.07 -10.58
C ALA A 331 22.47 25.10 -9.95
N LEU A 332 21.51 24.34 -10.50
CA LEU A 332 20.14 24.33 -9.99
C LEU A 332 20.03 23.68 -8.60
N GLN A 333 19.28 24.30 -7.70
CA GLN A 333 19.07 23.81 -6.34
C GLN A 333 17.63 23.49 -5.94
N LEU A 334 16.64 24.04 -6.64
CA LEU A 334 15.24 23.71 -6.40
C LEU A 334 14.76 22.77 -7.49
N PHE A 335 15.08 23.08 -8.75
CA PHE A 335 14.93 22.10 -9.83
C PHE A 335 15.84 20.91 -9.50
N SER A 336 15.43 19.71 -9.93
CA SER A 336 16.25 18.50 -9.81
C SER A 336 16.72 18.07 -11.20
N ARG A 337 17.94 17.55 -11.28
CA ARG A 337 18.42 16.93 -12.50
C ARG A 337 17.85 15.51 -12.58
N ALA A 338 16.90 15.29 -13.47
CA ALA A 338 16.24 13.98 -13.58
C ALA A 338 15.37 13.90 -14.82
N VAL A 339 15.18 12.67 -15.33
CA VAL A 339 14.19 12.43 -16.41
C VAL A 339 12.79 12.26 -15.81
N SER A 340 11.80 12.14 -16.68
CA SER A 340 10.37 12.17 -16.34
C SER A 340 9.88 13.60 -16.29
N LEU A 341 8.59 13.71 -16.05
CA LEU A 341 7.89 14.97 -16.14
C LEU A 341 6.50 14.85 -15.53
N GLY A 342 5.89 15.99 -15.29
CA GLY A 342 4.56 16.05 -14.72
C GLY A 342 4.48 15.64 -13.28
N ASP A 343 5.57 15.85 -12.54
CA ASP A 343 5.63 15.65 -11.09
C ASP A 343 5.38 16.99 -10.40
N ALA A 344 5.02 16.93 -9.13
CA ALA A 344 4.93 18.13 -8.31
C ALA A 344 6.28 18.86 -8.25
N GLU A 345 7.37 18.10 -8.32
CA GLU A 345 8.73 18.63 -8.31
C GLU A 345 9.16 19.06 -9.72
N SER A 346 9.79 20.23 -9.82
CA SER A 346 10.27 20.75 -11.10
C SER A 346 11.54 20.02 -11.49
N LEU A 347 11.60 19.53 -12.71
CA LEU A 347 12.72 18.74 -13.19
C LEU A 347 13.38 19.42 -14.38
N ALA A 348 14.69 19.19 -14.52
CA ALA A 348 15.51 19.67 -15.64
C ALA A 348 16.35 18.51 -16.17
N SER A 349 16.42 18.36 -17.49
CA SER A 349 17.11 17.22 -18.11
C SER A 349 17.72 17.60 -19.47
N HIS A 350 18.45 16.64 -20.04
CA HIS A 350 19.19 16.81 -21.30
C HIS A 350 18.90 15.60 -22.20
N PRO A 351 17.89 15.71 -23.09
CA PRO A 351 17.43 14.60 -23.93
C PRO A 351 18.50 13.81 -24.71
N ALA A 352 19.46 14.50 -25.32
CA ALA A 352 20.46 13.83 -26.18
C ALA A 352 21.33 12.80 -25.45
N SER A 353 21.68 13.06 -24.18
CA SER A 353 22.42 12.09 -23.34
C SER A 353 21.53 11.25 -22.38
N MET A 354 20.22 11.50 -22.35
CA MET A 354 19.33 10.88 -21.35
C MET A 354 18.09 10.20 -21.98
N THR A 355 16.98 10.94 -22.15
CA THR A 355 15.69 10.36 -22.56
C THR A 355 15.60 10.05 -24.08
N HIS A 356 16.62 10.48 -24.85
CA HIS A 356 16.81 10.12 -26.28
C HIS A 356 18.22 9.55 -26.52
N SER A 357 18.63 8.62 -25.64
CA SER A 357 19.88 7.86 -25.77
C SER A 357 19.77 6.73 -26.79
N SER A 358 18.55 6.19 -26.95
CA SER A 358 18.24 5.18 -27.99
C SER A 358 18.55 5.63 -29.44
N TYR A 359 18.65 6.95 -29.64
CA TYR A 359 19.06 7.53 -30.90
C TYR A 359 20.59 7.61 -30.94
N THR A 360 21.18 7.35 -32.11
CA THR A 360 22.59 7.65 -32.37
C THR A 360 22.76 9.17 -32.58
N PRO A 361 24.03 9.69 -32.63
CA PRO A 361 24.25 11.11 -32.98
C PRO A 361 23.59 11.54 -34.31
N GLU A 362 23.71 10.66 -35.30
CA GLU A 362 23.05 10.79 -36.61
C GLU A 362 21.52 10.96 -36.48
N GLU A 363 20.88 10.06 -35.73
CA GLU A 363 19.42 10.05 -35.55
C GLU A 363 18.86 11.23 -34.71
N ARG A 364 19.65 11.74 -33.77
CA ARG A 364 19.26 12.92 -32.97
C ARG A 364 19.15 14.21 -33.82
N ALA A 365 20.18 14.50 -34.62
CA ALA A 365 20.18 15.68 -35.51
C ALA A 365 19.14 15.58 -36.66
N HIS A 366 18.90 14.37 -37.20
CA HIS A 366 17.90 14.15 -38.27
C HIS A 366 16.44 14.29 -37.77
N TYR A 367 16.16 13.73 -36.59
CA TYR A 367 14.80 13.77 -36.02
C TYR A 367 14.66 14.86 -34.94
N GLY A 368 15.24 16.05 -35.17
CA GLY A 368 14.96 17.24 -34.34
C GLY A 368 15.36 17.26 -32.86
N ILE A 369 16.41 16.54 -32.49
CA ILE A 369 16.98 16.57 -31.12
C ILE A 369 18.39 17.19 -31.14
N SER A 370 18.49 18.44 -30.69
CA SER A 370 19.75 19.17 -30.68
C SER A 370 20.65 18.73 -29.51
N GLU A 371 21.92 19.11 -29.61
CA GLU A 371 22.83 19.12 -28.46
C GLU A 371 22.80 20.57 -27.94
N GLY A 372 22.63 20.73 -26.62
CA GLY A 372 22.41 22.05 -26.01
C GLY A 372 20.97 22.28 -25.56
N LEU A 373 20.06 21.40 -25.97
CA LEU A 373 18.65 21.44 -25.59
C LEU A 373 18.48 21.08 -24.10
N VAL A 374 17.85 21.99 -23.36
CA VAL A 374 17.55 21.79 -21.94
C VAL A 374 16.03 21.74 -21.82
N ARG A 375 15.51 20.58 -21.42
CA ARG A 375 14.07 20.39 -21.22
C ARG A 375 13.74 20.65 -19.77
N LEU A 376 12.68 21.42 -19.53
CA LEU A 376 12.22 21.69 -18.18
C LEU A 376 10.79 21.19 -17.99
N SER A 377 10.59 20.39 -16.96
CA SER A 377 9.25 20.03 -16.51
C SER A 377 8.93 20.93 -15.36
N VAL A 378 8.08 21.92 -15.57
CA VAL A 378 7.78 22.92 -14.55
C VAL A 378 6.77 22.35 -13.57
N GLY A 379 7.11 22.40 -12.28
CA GLY A 379 6.28 21.80 -11.25
C GLY A 379 5.36 22.78 -10.54
N LEU A 380 4.95 22.41 -9.35
CA LEU A 380 3.91 23.11 -8.64
C LEU A 380 4.45 24.00 -7.52
N GLU A 381 5.76 24.16 -7.46
CA GLU A 381 6.35 25.07 -6.47
C GLU A 381 5.91 26.52 -6.70
N ASP A 382 6.04 27.34 -5.66
CA ASP A 382 5.86 28.80 -5.74
C ASP A 382 6.75 29.36 -6.86
N ILE A 383 6.13 30.11 -7.77
CA ILE A 383 6.81 30.64 -8.95
C ILE A 383 8.02 31.54 -8.64
N ASP A 384 7.95 32.31 -7.57
CA ASP A 384 9.09 33.18 -7.20
C ASP A 384 10.32 32.34 -6.85
N ASP A 385 10.10 31.21 -6.20
CA ASP A 385 11.20 30.29 -5.89
C ASP A 385 11.80 29.66 -7.13
N LEU A 386 10.96 29.30 -8.11
CA LEU A 386 11.45 28.72 -9.38
C LEU A 386 12.19 29.75 -10.25
N LEU A 387 11.70 30.99 -10.24
CA LEU A 387 12.36 32.10 -10.91
C LEU A 387 13.74 32.38 -10.36
N ALA A 388 13.80 32.57 -9.04
CA ALA A 388 15.06 32.81 -8.34
C ALA A 388 16.10 31.72 -8.62
N ASP A 389 15.66 30.46 -8.73
CA ASP A 389 16.57 29.34 -8.95
C ASP A 389 17.09 29.31 -10.37
N VAL A 390 16.21 29.59 -11.33
CA VAL A 390 16.61 29.64 -12.74
C VAL A 390 17.50 30.88 -12.99
N GLN A 391 17.17 32.00 -12.35
CA GLN A 391 17.96 33.24 -12.45
C GLN A 391 19.40 33.02 -12.00
N GLN A 392 19.58 32.52 -10.77
CA GLN A 392 20.93 32.27 -10.25
C GLN A 392 21.70 31.22 -11.07
N ALA A 393 20.99 30.25 -11.63
CA ALA A 393 21.61 29.24 -12.47
C ALA A 393 22.04 29.79 -13.84
N LEU A 394 21.31 30.79 -14.34
CA LEU A 394 21.70 31.50 -15.57
C LEU A 394 23.00 32.27 -15.32
N LYS A 395 23.04 33.03 -14.24
CA LYS A 395 24.25 33.74 -13.80
C LYS A 395 25.49 32.82 -13.76
N ALA A 396 25.34 31.63 -13.21
CA ALA A 396 26.43 30.65 -13.14
C ALA A 396 26.71 29.93 -14.46
N SER A 397 25.85 30.08 -15.47
CA SER A 397 26.08 29.49 -16.80
C SER A 397 26.81 30.44 -17.78
N ALA A 398 27.15 31.64 -17.33
CA ALA A 398 27.90 32.60 -18.17
C ALA A 398 29.38 32.22 -18.30
N LEU B 7 28.33 -20.90 2.66
CA LEU B 7 27.08 -20.75 1.86
C LEU B 7 25.84 -21.00 2.75
N PRO B 8 25.12 -19.91 3.18
CA PRO B 8 23.97 -20.12 4.07
C PRO B 8 22.82 -20.88 3.40
N GLY B 9 21.91 -21.41 4.24
CA GLY B 9 20.83 -22.27 3.77
C GLY B 9 19.76 -21.50 3.03
N PHE B 10 18.81 -22.24 2.48
CA PHE B 10 17.79 -21.70 1.61
C PHE B 10 16.92 -20.71 2.38
N ALA B 11 16.39 -21.15 3.51
CA ALA B 11 15.51 -20.30 4.35
C ALA B 11 16.20 -19.01 4.79
N THR B 12 17.48 -19.11 5.15
CA THR B 12 18.29 -17.95 5.54
C THR B 12 18.44 -16.94 4.41
N ARG B 13 18.70 -17.45 3.21
CA ARG B 13 18.88 -16.59 2.03
C ARG B 13 17.56 -15.94 1.59
N ALA B 14 16.48 -16.70 1.65
CA ALA B 14 15.11 -16.19 1.39
C ALA B 14 14.68 -15.06 2.33
N ILE B 15 15.31 -14.98 3.50
CA ILE B 15 15.02 -13.91 4.47
C ILE B 15 16.02 -12.76 4.38
N HIS B 16 17.29 -13.08 4.10
CA HIS B 16 18.38 -12.12 4.25
C HIS B 16 19.11 -11.73 2.99
N HIS B 17 19.18 -12.60 1.99
CA HIS B 17 20.16 -12.36 0.93
C HIS B 17 20.02 -10.98 0.23
N GLY B 18 21.15 -10.28 0.18
CA GLY B 18 21.30 -9.02 -0.55
C GLY B 18 20.94 -7.78 0.24
N TYR B 19 20.56 -7.95 1.51
CA TYR B 19 20.11 -6.83 2.34
C TYR B 19 20.83 -6.79 3.69
N ASP B 20 21.49 -5.67 3.96
CA ASP B 20 22.00 -5.35 5.30
C ASP B 20 21.23 -4.13 5.82
N PRO B 21 20.52 -4.28 6.97
CA PRO B 21 19.82 -3.15 7.59
C PRO B 21 20.67 -1.90 7.86
N GLN B 22 21.96 -2.11 8.16
CA GLN B 22 22.91 -1.00 8.41
C GLN B 22 23.10 -0.06 7.21
N ASP B 23 22.86 -0.55 6.00
CA ASP B 23 22.89 0.30 4.80
C ASP B 23 21.64 1.17 4.61
N HIS B 24 20.60 1.02 5.44
CA HIS B 24 19.37 1.81 5.31
C HIS B 24 18.86 2.29 6.67
N GLY B 25 19.73 2.98 7.41
CA GLY B 25 19.39 3.56 8.72
C GLY B 25 18.92 2.56 9.76
N GLY B 26 19.36 1.31 9.63
CA GLY B 26 18.93 0.24 10.52
C GLY B 26 17.63 -0.50 10.18
N ALA B 27 16.87 -0.05 9.18
CA ALA B 27 15.55 -0.67 8.87
C ALA B 27 15.63 -2.19 8.76
N LEU B 28 14.89 -2.90 9.62
CA LEU B 28 14.91 -4.36 9.58
C LEU B 28 14.35 -4.87 8.27
N VAL B 29 13.20 -4.32 7.89
CA VAL B 29 12.57 -4.59 6.60
C VAL B 29 13.06 -3.52 5.62
N PRO B 30 13.36 -3.89 4.37
CA PRO B 30 13.84 -2.85 3.45
C PRO B 30 12.79 -1.77 3.11
N PRO B 31 13.17 -0.48 3.11
CA PRO B 31 12.20 0.54 2.69
C PRO B 31 11.77 0.38 1.25
N VAL B 32 10.52 0.74 0.99
CA VAL B 32 9.91 0.56 -0.32
C VAL B 32 10.14 1.83 -1.13
N TYR B 33 10.85 1.67 -2.24
CA TYR B 33 11.13 2.76 -3.17
C TYR B 33 9.99 2.92 -4.18
N GLN B 34 8.87 3.44 -3.70
CA GLN B 34 7.69 3.72 -4.52
C GLN B 34 7.96 5.07 -5.22
N THR B 35 8.84 5.07 -6.21
CA THR B 35 9.26 6.27 -6.92
C THR B 35 9.51 5.93 -8.36
N ALA B 36 9.05 6.79 -9.27
CA ALA B 36 9.24 6.55 -10.71
C ALA B 36 10.61 7.01 -11.17
N THR B 37 11.09 8.09 -10.58
CA THR B 37 12.32 8.69 -11.04
C THR B 37 13.35 8.93 -9.93
N PHE B 38 14.59 9.08 -10.38
CA PHE B 38 15.73 9.25 -9.50
C PHE B 38 16.55 10.41 -10.03
N THR B 39 17.01 11.27 -9.12
CA THR B 39 17.77 12.47 -9.48
C THR B 39 19.27 12.21 -9.48
N PHE B 40 20.01 13.17 -10.01
CA PHE B 40 21.48 13.11 -10.10
C PHE B 40 22.07 14.34 -9.43
N PRO B 41 23.23 14.18 -8.77
CA PRO B 41 23.92 15.34 -8.18
C PRO B 41 24.60 16.22 -9.23
N THR B 42 24.93 15.63 -10.40
CA THR B 42 25.40 16.34 -11.59
C THR B 42 24.90 15.63 -12.87
N VAL B 43 24.78 16.37 -13.97
CA VAL B 43 24.51 15.76 -15.29
C VAL B 43 25.63 14.87 -15.84
N GLU B 44 26.85 15.03 -15.32
CA GLU B 44 27.94 14.09 -15.64
C GLU B 44 27.57 12.70 -15.12
N TYR B 45 27.26 12.64 -13.83
CA TYR B 45 26.74 11.44 -13.16
C TYR B 45 25.54 10.84 -13.91
N GLY B 46 24.59 11.70 -14.32
CA GLY B 46 23.40 11.28 -15.06
C GLY B 46 23.66 10.64 -16.43
N ALA B 47 24.49 11.29 -17.24
CA ALA B 47 24.90 10.76 -18.55
C ALA B 47 25.58 9.40 -18.42
N ALA B 48 26.40 9.25 -17.38
CA ALA B 48 27.10 7.98 -17.09
C ALA B 48 26.16 6.78 -16.79
N CYS B 49 25.09 7.02 -16.03
CA CYS B 49 24.10 5.97 -15.74
C CYS B 49 23.45 5.38 -16.99
N PHE B 50 23.10 6.24 -17.94
CA PHE B 50 22.54 5.82 -19.23
C PHE B 50 23.54 5.05 -20.11
N ALA B 51 24.81 5.47 -20.10
CA ALA B 51 25.86 4.78 -20.86
C ALA B 51 26.33 3.47 -20.22
N GLY B 52 26.05 3.27 -18.93
CA GLY B 52 26.49 2.08 -18.19
C GLY B 52 27.82 2.23 -17.45
N GLU B 53 28.46 3.38 -17.56
CA GLU B 53 29.75 3.66 -16.91
C GLU B 53 29.64 3.93 -15.40
N GLN B 54 28.44 4.34 -14.94
CA GLN B 54 28.18 4.65 -13.53
C GLN B 54 27.04 3.76 -13.00
N ALA B 55 27.25 3.17 -11.81
CA ALA B 55 26.29 2.24 -11.20
C ALA B 55 25.34 2.99 -10.25
N GLY B 56 24.38 3.69 -10.85
CA GLY B 56 23.35 4.43 -10.10
C GLY B 56 21.95 4.04 -10.56
N HIS B 57 20.99 4.92 -10.30
CA HIS B 57 19.58 4.72 -10.66
C HIS B 57 19.00 5.92 -11.37
N PHE B 58 18.11 5.67 -12.33
CA PHE B 58 17.50 6.76 -13.10
C PHE B 58 15.99 6.65 -13.32
N TYR B 59 15.48 5.46 -13.65
CA TYR B 59 14.04 5.29 -13.92
C TYR B 59 13.60 3.87 -13.58
N SER B 60 12.51 3.74 -12.81
CA SER B 60 12.05 2.44 -12.29
C SER B 60 11.58 1.41 -13.32
N ARG B 61 11.22 1.84 -14.54
CA ARG B 61 10.93 0.87 -15.61
C ARG B 61 12.18 0.06 -15.98
N ILE B 62 13.34 0.71 -15.97
CA ILE B 62 14.60 0.01 -16.25
C ILE B 62 15.07 -0.73 -14.99
N SER B 63 15.09 -0.04 -13.85
CA SER B 63 15.71 -0.56 -12.61
C SER B 63 15.35 0.29 -11.36
N ASN B 64 15.06 -0.37 -10.24
CA ASN B 64 14.62 0.25 -8.96
C ASN B 64 15.22 -0.55 -7.78
N PRO B 65 15.73 0.12 -6.72
CA PRO B 65 16.38 -0.61 -5.60
C PRO B 65 15.57 -1.75 -4.96
N THR B 66 14.26 -1.54 -4.80
CA THR B 66 13.36 -2.55 -4.26
C THR B 66 13.22 -3.73 -5.21
N LEU B 67 13.02 -3.44 -6.49
CA LEU B 67 13.01 -4.50 -7.50
C LEU B 67 14.38 -5.21 -7.55
N ASN B 68 15.47 -4.46 -7.50
CA ASN B 68 16.82 -5.09 -7.53
C ASN B 68 17.09 -6.07 -6.40
N LEU B 69 16.57 -5.77 -5.22
CA LEU B 69 16.75 -6.64 -4.07
C LEU B 69 15.98 -7.94 -4.29
N LEU B 70 14.73 -7.83 -4.72
CA LEU B 70 13.94 -8.99 -5.12
C LEU B 70 14.67 -9.85 -6.16
N GLU B 71 15.29 -9.19 -7.13
CA GLU B 71 15.98 -9.84 -8.24
C GLU B 71 17.24 -10.58 -7.78
N ALA B 72 18.09 -9.90 -7.01
CA ALA B 72 19.26 -10.56 -6.40
C ALA B 72 18.87 -11.77 -5.53
N ARG B 73 17.79 -11.64 -4.76
CA ARG B 73 17.35 -12.70 -3.86
C ARG B 73 16.80 -13.89 -4.65
N MET B 74 15.93 -13.64 -5.63
CA MET B 74 15.50 -14.73 -6.50
C MET B 74 16.66 -15.39 -7.24
N ALA B 75 17.64 -14.60 -7.68
CA ALA B 75 18.83 -15.13 -8.33
C ALA B 75 19.56 -16.09 -7.40
N SER B 76 19.74 -15.69 -6.16
CA SER B 76 20.37 -16.57 -5.18
C SER B 76 19.58 -17.87 -4.96
N LEU B 77 18.28 -17.79 -4.77
CA LEU B 77 17.47 -19.00 -4.58
C LEU B 77 17.55 -19.96 -5.77
N GLU B 78 17.53 -19.43 -6.99
CA GLU B 78 17.65 -20.25 -8.21
C GLU B 78 19.08 -20.63 -8.58
N GLY B 79 20.07 -20.11 -7.86
CA GLY B 79 21.49 -20.36 -8.17
C GLY B 79 21.91 -19.78 -9.52
N GLY B 80 21.48 -18.55 -9.80
CA GLY B 80 21.71 -17.87 -11.09
C GLY B 80 22.55 -16.64 -10.84
N GLU B 81 23.05 -16.04 -11.90
CA GLU B 81 23.84 -14.81 -11.81
C GLU B 81 22.97 -13.57 -11.54
N ALA B 82 21.78 -13.49 -12.16
CA ALA B 82 20.99 -12.26 -12.16
C ALA B 82 19.48 -12.50 -12.33
N GLY B 83 18.70 -11.59 -11.77
CA GLY B 83 17.24 -11.64 -11.84
C GLY B 83 16.60 -10.38 -12.43
N LEU B 84 15.38 -10.56 -12.92
CA LEU B 84 14.56 -9.45 -13.41
C LEU B 84 13.12 -9.62 -12.90
N ALA B 85 12.58 -8.55 -12.31
CA ALA B 85 11.20 -8.55 -11.79
C ALA B 85 10.28 -7.89 -12.81
N LEU B 86 9.14 -8.52 -13.11
CA LEU B 86 8.19 -7.99 -14.09
C LEU B 86 6.74 -8.03 -13.58
N ALA B 87 5.84 -7.38 -14.32
CA ALA B 87 4.47 -7.13 -13.84
C ALA B 87 3.64 -8.40 -13.71
N SER B 88 4.03 -9.45 -14.42
CA SER B 88 3.33 -10.72 -14.41
C SER B 88 4.23 -11.81 -14.98
N GLY B 89 3.85 -13.05 -14.74
CA GLY B 89 4.47 -14.20 -15.40
C GLY B 89 4.49 -14.12 -16.92
N MET B 90 3.37 -13.69 -17.52
CA MET B 90 3.34 -13.42 -18.96
C MET B 90 4.30 -12.28 -19.33
N GLY B 91 4.43 -11.29 -18.44
CA GLY B 91 5.46 -10.27 -18.58
C GLY B 91 6.84 -10.86 -18.76
N ALA B 92 7.19 -11.80 -17.90
CA ALA B 92 8.49 -12.44 -17.91
C ALA B 92 8.70 -13.30 -19.16
N ILE B 93 7.67 -14.05 -19.55
CA ILE B 93 7.74 -14.95 -20.72
C ILE B 93 7.92 -14.14 -21.98
N THR B 94 7.04 -13.16 -22.17
CA THR B 94 7.05 -12.33 -23.38
C THR B 94 8.31 -11.46 -23.50
N SER B 95 8.74 -10.85 -22.40
CA SER B 95 9.98 -10.06 -22.44
C SER B 95 11.19 -10.92 -22.81
N THR B 96 11.21 -12.16 -22.33
CA THR B 96 12.26 -13.12 -22.62
C THR B 96 12.25 -13.49 -24.10
N LEU B 97 11.09 -13.95 -24.58
CA LEU B 97 10.98 -14.46 -25.93
C LEU B 97 11.07 -13.38 -27.01
N TRP B 98 10.57 -12.19 -26.75
CA TRP B 98 10.72 -11.08 -27.68
C TRP B 98 12.18 -10.68 -27.83
N THR B 99 12.97 -10.82 -26.76
CA THR B 99 14.38 -10.50 -26.79
C THR B 99 15.22 -11.52 -27.57
N LEU B 100 14.94 -12.81 -27.38
CA LEU B 100 15.78 -13.88 -27.94
C LEU B 100 15.40 -14.32 -29.35
N LEU B 101 14.18 -14.03 -29.79
CA LEU B 101 13.71 -14.50 -31.08
C LEU B 101 13.57 -13.38 -32.14
N ARG B 102 13.81 -13.74 -33.40
CA ARG B 102 13.52 -12.90 -34.56
C ARG B 102 12.89 -13.76 -35.66
N PRO B 103 12.27 -13.14 -36.68
CA PRO B 103 11.60 -13.94 -37.73
C PRO B 103 12.56 -14.92 -38.41
N GLY B 104 12.11 -16.16 -38.61
CA GLY B 104 12.96 -17.23 -39.16
C GLY B 104 13.64 -18.10 -38.10
N ASP B 105 13.80 -17.60 -36.88
CA ASP B 105 14.16 -18.46 -35.76
C ASP B 105 13.02 -19.46 -35.46
N GLU B 106 13.41 -20.63 -34.94
CA GLU B 106 12.47 -21.64 -34.48
C GLU B 106 12.55 -21.72 -32.97
N VAL B 107 11.38 -21.88 -32.34
CA VAL B 107 11.30 -22.20 -30.92
C VAL B 107 10.70 -23.59 -30.77
N LEU B 108 11.45 -24.45 -30.10
CA LEU B 108 11.03 -25.79 -29.75
C LEU B 108 10.27 -25.75 -28.40
N LEU B 109 9.04 -26.27 -28.40
CA LEU B 109 8.11 -26.17 -27.27
C LEU B 109 7.74 -27.51 -26.64
N GLY B 110 7.54 -27.54 -25.32
CA GLY B 110 6.91 -28.67 -24.64
C GLY B 110 5.56 -28.94 -25.27
N ASN B 111 5.09 -30.18 -25.19
CA ASN B 111 3.87 -30.60 -25.90
C ASN B 111 2.60 -29.88 -25.48
N THR B 112 2.51 -29.55 -24.19
CA THR B 112 1.42 -28.73 -23.67
C THR B 112 1.99 -27.59 -22.83
N LEU B 113 1.28 -26.47 -22.88
CA LEU B 113 1.69 -25.23 -22.26
C LEU B 113 0.48 -24.60 -21.57
N TYR B 114 0.77 -23.73 -20.59
CA TYR B 114 -0.22 -22.85 -19.98
C TYR B 114 -0.93 -22.09 -21.10
N GLY B 115 -2.26 -21.98 -21.00
CA GLY B 115 -3.11 -21.38 -22.03
C GLY B 115 -2.59 -20.09 -22.66
N CYS B 116 -2.27 -19.09 -21.84
CA CYS B 116 -1.80 -17.80 -22.36
C CYS B 116 -0.40 -17.88 -22.97
N THR B 117 0.46 -18.76 -22.47
CA THR B 117 1.75 -19.00 -23.13
C THR B 117 1.55 -19.55 -24.54
N PHE B 118 0.70 -20.56 -24.66
CA PHE B 118 0.35 -21.15 -25.94
C PHE B 118 -0.18 -20.09 -26.89
N ALA B 119 -1.08 -19.23 -26.38
CA ALA B 119 -1.70 -18.18 -27.19
C ALA B 119 -0.66 -17.15 -27.66
N PHE B 120 0.25 -16.76 -26.77
CA PHE B 120 1.34 -15.87 -27.14
C PHE B 120 2.17 -16.45 -28.28
N LEU B 121 2.53 -17.73 -28.16
CA LEU B 121 3.33 -18.39 -29.16
C LEU B 121 2.59 -18.51 -30.49
N HIS B 122 1.38 -19.04 -30.48
CA HIS B 122 0.68 -19.29 -31.75
C HIS B 122 -0.02 -18.08 -32.36
N HIS B 123 -0.58 -17.21 -31.53
CA HIS B 123 -1.34 -16.05 -32.01
C HIS B 123 -0.62 -14.71 -31.86
N GLY B 124 0.55 -14.71 -31.22
CA GLY B 124 1.38 -13.51 -31.06
C GLY B 124 2.67 -13.62 -31.86
N ILE B 125 3.77 -13.97 -31.18
CA ILE B 125 5.11 -14.01 -31.81
C ILE B 125 5.21 -14.95 -33.02
N GLY B 126 4.43 -16.04 -33.03
CA GLY B 126 4.30 -16.92 -34.21
C GLY B 126 3.76 -16.28 -35.48
N GLU B 127 2.89 -15.28 -35.34
CA GLU B 127 2.36 -14.51 -36.48
C GLU B 127 3.30 -13.39 -36.94
N PHE B 128 4.41 -13.21 -36.23
CA PHE B 128 5.51 -12.34 -36.69
C PHE B 128 6.69 -13.12 -37.33
N GLY B 129 6.43 -14.30 -37.89
CA GLY B 129 7.46 -15.05 -38.65
C GLY B 129 8.40 -15.95 -37.84
N VAL B 130 8.10 -16.15 -36.56
CA VAL B 130 8.85 -17.08 -35.73
C VAL B 130 8.20 -18.47 -35.85
N LYS B 131 9.02 -19.50 -36.10
CA LYS B 131 8.52 -20.87 -36.27
C LYS B 131 8.33 -21.60 -34.94
N LEU B 132 7.25 -22.35 -34.86
CA LEU B 132 6.88 -23.09 -33.66
C LEU B 132 6.92 -24.56 -33.96
N ARG B 133 7.55 -25.33 -33.07
CA ARG B 133 7.41 -26.78 -33.11
C ARG B 133 7.25 -27.35 -31.69
N HIS B 134 6.20 -28.15 -31.49
CA HIS B 134 6.00 -28.89 -30.23
C HIS B 134 6.69 -30.24 -30.28
N VAL B 135 7.31 -30.62 -29.17
CA VAL B 135 8.07 -31.88 -29.05
C VAL B 135 7.96 -32.37 -27.61
N ASP B 136 7.97 -33.69 -27.45
CA ASP B 136 7.99 -34.32 -26.13
C ASP B 136 9.38 -34.12 -25.53
N MET B 137 9.48 -33.32 -24.48
CA MET B 137 10.78 -32.97 -23.90
C MET B 137 11.34 -34.02 -22.95
N ALA B 138 10.61 -35.11 -22.70
CA ALA B 138 11.17 -36.29 -22.00
C ALA B 138 11.85 -37.26 -22.98
N ASP B 139 11.39 -37.25 -24.25
CA ASP B 139 11.94 -38.09 -25.33
C ASP B 139 13.16 -37.43 -25.99
N LEU B 140 14.35 -37.76 -25.51
CA LEU B 140 15.60 -37.14 -26.00
C LEU B 140 15.87 -37.35 -27.49
N GLN B 141 15.58 -38.53 -28.03
CA GLN B 141 15.90 -38.81 -29.45
C GLN B 141 14.98 -38.03 -30.41
N ALA B 142 13.71 -37.84 -30.05
CA ALA B 142 12.79 -37.01 -30.84
C ALA B 142 13.17 -35.52 -30.80
N LEU B 143 13.66 -35.07 -29.65
CA LEU B 143 14.11 -33.70 -29.47
C LEU B 143 15.36 -33.44 -30.30
N GLU B 144 16.36 -34.34 -30.22
CA GLU B 144 17.57 -34.27 -31.07
C GLU B 144 17.18 -34.26 -32.55
N ALA B 145 16.25 -35.13 -32.92
CA ALA B 145 15.73 -35.19 -34.30
C ALA B 145 15.03 -33.92 -34.74
N ALA B 146 14.34 -33.27 -33.82
CA ALA B 146 13.61 -32.03 -34.14
C ALA B 146 14.49 -30.77 -34.24
N MET B 147 15.71 -30.81 -33.70
CA MET B 147 16.61 -29.64 -33.78
C MET B 147 16.93 -29.30 -35.24
N THR B 148 16.93 -28.01 -35.53
CA THR B 148 17.27 -27.49 -36.84
C THR B 148 18.27 -26.35 -36.58
N PRO B 149 18.98 -25.89 -37.60
CA PRO B 149 19.78 -24.66 -37.48
C PRO B 149 19.00 -23.42 -37.05
N ALA B 150 17.72 -23.36 -37.40
CA ALA B 150 16.87 -22.26 -36.96
C ALA B 150 16.52 -22.31 -35.46
N THR B 151 16.63 -23.47 -34.82
CA THR B 151 16.30 -23.60 -33.39
C THR B 151 17.17 -22.70 -32.53
N ARG B 152 16.56 -21.68 -31.96
CA ARG B 152 17.27 -20.76 -31.09
C ARG B 152 16.86 -20.86 -29.63
N VAL B 153 15.64 -21.35 -29.37
CA VAL B 153 15.15 -21.47 -28.01
C VAL B 153 14.40 -22.78 -27.82
N ILE B 154 14.60 -23.39 -26.66
CA ILE B 154 13.83 -24.55 -26.25
C ILE B 154 13.10 -24.09 -25.02
N TYR B 155 11.76 -24.10 -25.09
CA TYR B 155 10.92 -23.58 -24.03
C TYR B 155 9.93 -24.63 -23.51
N PHE B 156 9.94 -24.86 -22.20
CA PHE B 156 8.98 -25.77 -21.61
C PHE B 156 8.77 -25.55 -20.12
N GLU B 157 7.68 -26.13 -19.63
CA GLU B 157 7.35 -26.15 -18.20
C GLU B 157 7.60 -27.56 -17.76
N SER B 158 8.01 -27.72 -16.52
CA SER B 158 8.21 -29.04 -15.94
C SER B 158 8.03 -28.92 -14.44
N PRO B 159 6.97 -29.50 -13.86
CA PRO B 159 5.90 -30.22 -14.56
C PRO B 159 5.04 -29.30 -15.44
N ALA B 160 4.34 -29.86 -16.42
CA ALA B 160 3.70 -29.06 -17.46
C ALA B 160 2.23 -28.65 -17.19
N ASN B 161 1.34 -29.64 -17.24
CA ASN B 161 -0.17 -29.53 -17.14
C ASN B 161 -1.03 -30.10 -18.32
N PRO B 162 -0.73 -31.33 -18.82
CA PRO B 162 -1.76 -32.17 -19.46
C PRO B 162 -2.22 -33.49 -18.76
N ASN B 163 -1.79 -33.86 -17.54
CA ASN B 163 -1.10 -33.02 -16.57
C ASN B 163 0.14 -33.63 -15.92
N MET B 164 1.01 -32.72 -15.45
CA MET B 164 2.23 -33.00 -14.69
C MET B 164 3.35 -33.72 -15.44
N HIS B 165 3.26 -33.76 -16.76
CA HIS B 165 4.32 -34.33 -17.61
C HIS B 165 5.65 -33.56 -17.37
N MET B 166 6.74 -34.31 -17.28
CA MET B 166 8.04 -33.82 -16.88
C MET B 166 8.96 -33.82 -18.09
N ALA B 167 9.99 -32.98 -18.05
CA ALA B 167 11.04 -32.97 -19.06
C ALA B 167 12.35 -33.41 -18.41
N ASP B 168 13.24 -33.99 -19.20
CA ASP B 168 14.62 -34.30 -18.75
C ASP B 168 15.46 -33.06 -19.03
N ILE B 169 15.48 -32.16 -18.07
CA ILE B 169 16.15 -30.86 -18.19
C ILE B 169 17.66 -30.97 -18.45
N ALA B 170 18.36 -31.84 -17.72
CA ALA B 170 19.80 -32.06 -17.97
C ALA B 170 20.06 -32.62 -19.37
N GLY B 171 19.15 -33.50 -19.82
CA GLY B 171 19.23 -34.06 -21.18
C GLY B 171 18.94 -33.06 -22.28
N VAL B 172 17.91 -32.25 -22.08
CA VAL B 172 17.58 -31.17 -23.00
C VAL B 172 18.79 -30.23 -23.12
N ALA B 173 19.35 -29.81 -22.00
CA ALA B 173 20.51 -28.92 -21.97
C ALA B 173 21.73 -29.48 -22.69
N LYS B 174 21.99 -30.77 -22.53
CA LYS B 174 23.09 -31.43 -23.26
C LYS B 174 22.87 -31.28 -24.77
N ILE B 175 21.64 -31.53 -25.22
CA ILE B 175 21.30 -31.39 -26.63
C ILE B 175 21.39 -29.95 -27.11
N ALA B 176 20.91 -29.00 -26.33
CA ALA B 176 20.97 -27.58 -26.67
C ALA B 176 22.41 -27.07 -26.78
N ARG B 177 23.31 -27.55 -25.93
CA ARG B 177 24.72 -27.11 -25.95
C ARG B 177 25.41 -27.47 -27.28
N LYS B 178 25.01 -28.58 -27.88
CA LYS B 178 25.52 -28.98 -29.19
C LYS B 178 25.10 -28.06 -30.34
N HIS B 179 24.03 -27.29 -30.18
CA HIS B 179 23.55 -26.38 -31.22
C HIS B 179 23.51 -24.91 -30.77
N GLY B 180 24.17 -24.58 -29.67
CA GLY B 180 24.16 -23.21 -29.12
C GLY B 180 22.82 -22.66 -28.62
N ALA B 181 21.78 -23.50 -28.54
CA ALA B 181 20.43 -23.04 -28.26
C ALA B 181 20.24 -22.69 -26.77
N THR B 182 19.37 -21.71 -26.52
CA THR B 182 19.08 -21.23 -25.17
C THR B 182 17.85 -21.98 -24.63
N VAL B 183 18.02 -22.57 -23.45
CA VAL B 183 16.98 -23.39 -22.81
C VAL B 183 16.31 -22.55 -21.71
N VAL B 184 15.01 -22.34 -21.89
CA VAL B 184 14.20 -21.54 -20.95
C VAL B 184 13.18 -22.47 -20.30
N VAL B 185 13.23 -22.55 -18.96
CA VAL B 185 12.31 -23.39 -18.21
C VAL B 185 11.35 -22.55 -17.35
N ASP B 186 10.05 -22.73 -17.53
CA ASP B 186 9.05 -22.20 -16.62
C ASP B 186 8.97 -23.07 -15.34
N ASN B 187 9.46 -22.52 -14.23
CA ASN B 187 9.63 -23.26 -12.98
C ASN B 187 8.56 -22.82 -11.97
N THR B 188 7.42 -22.36 -12.47
CA THR B 188 6.36 -21.80 -11.65
C THR B 188 5.87 -22.78 -10.60
N TYR B 189 5.52 -23.97 -11.06
CA TYR B 189 4.95 -25.03 -10.22
C TYR B 189 5.85 -25.47 -9.06
N CYS B 190 7.14 -25.61 -9.31
CA CYS B 190 8.06 -26.11 -8.30
C CYS B 190 8.56 -25.02 -7.37
N THR B 191 8.87 -23.84 -7.94
CA THR B 191 9.61 -22.78 -7.22
C THR B 191 11.06 -23.22 -7.05
N PRO B 192 11.96 -22.28 -6.77
CA PRO B 192 13.35 -22.73 -6.54
C PRO B 192 13.52 -23.66 -5.32
N TYR B 193 12.59 -23.63 -4.36
CA TYR B 193 12.68 -24.49 -3.20
C TYR B 193 12.64 -25.98 -3.57
N LEU B 194 11.87 -26.36 -4.60
CA LEU B 194 11.73 -27.75 -5.04
C LEU B 194 12.61 -28.19 -6.22
N GLN B 195 12.92 -27.28 -7.13
CA GLN B 195 13.65 -27.61 -8.37
C GLN B 195 14.40 -26.40 -8.89
N ARG B 196 15.67 -26.58 -9.25
CA ARG B 196 16.48 -25.46 -9.72
C ARG B 196 17.04 -25.80 -11.10
N PRO B 197 16.25 -25.51 -12.17
CA PRO B 197 16.65 -25.85 -13.54
C PRO B 197 18.00 -25.31 -14.01
N LEU B 198 18.46 -24.20 -13.44
CA LEU B 198 19.76 -23.64 -13.79
C LEU B 198 20.91 -24.55 -13.34
N GLU B 199 20.73 -25.25 -12.22
CA GLU B 199 21.75 -26.17 -11.71
C GLU B 199 21.77 -27.48 -12.50
N LEU B 200 20.67 -27.82 -13.16
CA LEU B 200 20.62 -28.91 -14.12
C LEU B 200 20.97 -28.52 -15.56
N GLY B 201 21.41 -27.29 -15.80
CA GLY B 201 21.96 -26.87 -17.11
C GLY B 201 21.14 -25.92 -17.98
N ALA B 202 19.93 -25.56 -17.56
CA ALA B 202 19.14 -24.53 -18.25
C ALA B 202 19.85 -23.17 -18.20
N ASP B 203 19.54 -22.33 -19.18
CA ASP B 203 20.09 -20.97 -19.26
C ASP B 203 19.23 -19.90 -18.54
N LEU B 204 17.91 -20.04 -18.60
CA LEU B 204 16.96 -19.10 -17.98
C LEU B 204 15.81 -19.83 -17.35
N VAL B 205 15.32 -19.30 -16.23
CA VAL B 205 14.04 -19.74 -15.67
C VAL B 205 13.10 -18.55 -15.56
N VAL B 206 11.84 -18.82 -15.88
CA VAL B 206 10.78 -17.85 -15.73
C VAL B 206 9.82 -18.32 -14.63
N HIS B 207 9.18 -17.36 -13.97
CA HIS B 207 8.17 -17.66 -12.96
C HIS B 207 6.98 -16.74 -13.09
N SER B 208 5.80 -17.33 -12.93
CA SER B 208 4.65 -16.58 -12.48
C SER B 208 4.76 -16.49 -10.97
N ALA B 209 5.31 -15.38 -10.48
CA ALA B 209 5.43 -15.15 -9.04
C ALA B 209 4.08 -14.84 -8.40
N THR B 210 3.09 -14.53 -9.23
CA THR B 210 1.66 -14.55 -8.86
C THR B 210 1.24 -15.82 -8.08
N1 LLP B 211 3.06 -19.93 -16.50
C2 LLP B 211 2.47 -20.81 -15.66
C2' LLP B 211 2.96 -22.24 -15.59
C3 LLP B 211 1.32 -20.34 -14.83
O3 LLP B 211 0.69 -21.19 -13.97
C4 LLP B 211 0.87 -18.93 -14.95
C4' LLP B 211 -0.31 -18.43 -14.08
C5 LLP B 211 1.63 -18.07 -15.93
C6 LLP B 211 2.69 -18.65 -16.64
C5' LLP B 211 1.35 -16.60 -16.19
OP4 LLP B 211 1.50 -15.82 -14.99
P LLP B 211 0.63 -14.49 -14.73
OP1 LLP B 211 1.30 -14.02 -13.48
OP2 LLP B 211 -0.77 -14.96 -14.65
OP3 LLP B 211 0.91 -13.79 -16.04
N LLP B 211 1.89 -16.95 -8.34
CA LLP B 211 1.51 -18.21 -7.70
CB LLP B 211 1.70 -19.33 -8.71
CG LLP B 211 1.10 -19.11 -10.10
CD LLP B 211 -0.33 -18.58 -10.16
CE LLP B 211 -0.71 -18.10 -11.57
NZ LLP B 211 -0.29 -18.93 -12.69
C LLP B 211 2.26 -18.38 -6.38
O LLP B 211 2.17 -17.50 -5.50
N TYR B 212 3.00 -19.47 -6.22
CA TYR B 212 3.60 -19.89 -4.94
C TYR B 212 4.59 -18.88 -4.35
N LEU B 213 5.38 -18.21 -5.19
CA LEU B 213 6.35 -17.23 -4.67
C LEU B 213 5.67 -16.17 -3.80
N SER B 214 4.55 -15.62 -4.28
CA SER B 214 3.72 -14.70 -3.52
C SER B 214 3.06 -15.47 -2.40
N GLY B 215 2.36 -16.52 -2.77
CA GLY B 215 1.74 -17.43 -1.82
C GLY B 215 0.36 -17.01 -1.31
N HIS B 216 -0.01 -15.74 -1.51
CA HIS B 216 -1.17 -15.17 -0.82
C HIS B 216 -2.26 -14.60 -1.73
N GLY B 217 -2.11 -14.78 -3.04
CA GLY B 217 -3.16 -14.40 -3.97
C GLY B 217 -3.41 -12.92 -4.14
N ASP B 218 -2.46 -12.09 -3.71
CA ASP B 218 -2.71 -10.64 -3.67
C ASP B 218 -1.89 -9.80 -4.65
N ILE B 219 -0.94 -10.40 -5.39
CA ILE B 219 -0.22 -9.68 -6.42
C ILE B 219 -0.13 -10.45 -7.69
N THR B 220 0.08 -9.74 -8.79
CA THR B 220 0.51 -10.31 -10.05
C THR B 220 1.97 -9.91 -10.25
N ALA B 221 2.83 -10.87 -10.58
CA ALA B 221 4.27 -10.60 -10.77
C ALA B 221 4.95 -11.72 -11.52
N GLY B 222 6.06 -11.40 -12.18
CA GLY B 222 6.88 -12.36 -12.92
C GLY B 222 8.34 -12.25 -12.52
N ILE B 223 9.09 -13.33 -12.69
CA ILE B 223 10.53 -13.30 -12.45
C ILE B 223 11.25 -13.99 -13.61
N VAL B 224 12.39 -13.45 -14.02
CA VAL B 224 13.32 -14.15 -14.91
C VAL B 224 14.63 -14.25 -14.14
N VAL B 225 15.25 -15.44 -14.14
CA VAL B 225 16.59 -15.62 -13.56
C VAL B 225 17.49 -16.33 -14.58
N GLY B 226 18.75 -15.92 -14.62
CA GLY B 226 19.71 -16.44 -15.60
C GLY B 226 21.05 -15.75 -15.54
N SER B 227 21.85 -16.00 -16.57
CA SER B 227 23.17 -15.38 -16.73
C SER B 227 23.04 -13.87 -16.95
N GLN B 228 23.99 -13.11 -16.41
CA GLN B 228 23.98 -11.64 -16.47
C GLN B 228 23.69 -11.12 -17.88
N ALA B 229 24.41 -11.64 -18.87
CA ALA B 229 24.31 -11.12 -20.23
C ALA B 229 22.91 -11.29 -20.88
N LEU B 230 22.26 -12.44 -20.66
CA LEU B 230 20.90 -12.65 -21.17
C LEU B 230 19.88 -11.76 -20.45
N VAL B 231 19.97 -11.70 -19.13
CA VAL B 231 19.02 -10.95 -18.31
C VAL B 231 19.11 -9.46 -18.59
N ASP B 232 20.34 -8.95 -18.67
CA ASP B 232 20.64 -7.57 -19.13
C ASP B 232 19.91 -7.25 -20.42
N ARG B 233 20.04 -8.11 -21.42
CA ARG B 233 19.33 -7.87 -22.68
C ARG B 233 17.80 -7.95 -22.54
N ILE B 234 17.31 -8.82 -21.67
CA ILE B 234 15.87 -8.91 -21.46
C ILE B 234 15.33 -7.64 -20.74
N ARG B 235 16.12 -7.11 -19.80
CA ARG B 235 15.84 -5.87 -19.14
C ARG B 235 15.82 -4.70 -20.13
N LEU B 236 16.88 -4.58 -20.94
CA LEU B 236 17.09 -3.38 -21.77
C LEU B 236 16.39 -3.43 -23.11
N GLN B 237 15.78 -4.56 -23.46
CA GLN B 237 15.05 -4.70 -24.72
C GLN B 237 13.63 -5.16 -24.46
N GLY B 238 13.48 -6.39 -23.95
CA GLY B 238 12.16 -6.97 -23.69
C GLY B 238 11.29 -6.11 -22.78
N LEU B 239 11.82 -5.81 -21.60
CA LEU B 239 11.10 -5.03 -20.62
C LEU B 239 11.01 -3.57 -21.02
N LYS B 240 12.18 -2.96 -21.29
CA LYS B 240 12.28 -1.52 -21.52
C LYS B 240 11.49 -1.06 -22.75
N ASP B 241 11.66 -1.76 -23.86
CA ASP B 241 11.10 -1.36 -25.15
C ASP B 241 9.90 -2.20 -25.62
N MET B 242 9.86 -3.49 -25.33
CA MET B 242 8.93 -4.37 -26.04
C MET B 242 7.68 -4.80 -25.25
N THR B 243 7.70 -4.65 -23.91
CA THR B 243 6.51 -4.96 -23.09
C THR B 243 6.11 -3.87 -22.15
N GLY B 244 7.07 -3.21 -21.50
CA GLY B 244 6.76 -2.25 -20.45
C GLY B 244 6.06 -2.90 -19.26
N ALA B 245 6.32 -4.18 -19.04
CA ALA B 245 5.70 -4.91 -17.93
C ALA B 245 6.45 -4.62 -16.64
N VAL B 246 6.29 -3.41 -16.13
CA VAL B 246 7.00 -2.92 -14.95
C VAL B 246 6.29 -3.38 -13.67
N LEU B 247 7.06 -3.92 -12.72
CA LEU B 247 6.50 -4.38 -11.45
C LEU B 247 6.50 -3.20 -10.50
N SER B 248 5.36 -2.96 -9.87
CA SER B 248 5.29 -1.96 -8.81
C SER B 248 6.22 -2.31 -7.64
N PRO B 249 6.94 -1.31 -7.09
CA PRO B 249 7.74 -1.61 -5.91
C PRO B 249 6.93 -2.11 -4.70
N HIS B 250 5.67 -1.69 -4.60
CA HIS B 250 4.73 -2.16 -3.57
C HIS B 250 4.51 -3.66 -3.66
N ASP B 251 4.21 -4.11 -4.87
CA ASP B 251 3.98 -5.51 -5.15
C ASP B 251 5.27 -6.30 -4.97
N ALA B 252 6.40 -5.74 -5.36
CA ALA B 252 7.71 -6.38 -5.19
C ALA B 252 8.04 -6.59 -3.73
N ALA B 253 7.64 -5.63 -2.90
CA ALA B 253 7.80 -5.73 -1.44
C ALA B 253 6.95 -6.85 -0.86
N LEU B 254 5.69 -6.92 -1.26
CA LEU B 254 4.80 -8.05 -0.88
C LEU B 254 5.31 -9.41 -1.34
N LEU B 255 5.92 -9.44 -2.53
CA LEU B 255 6.48 -10.67 -3.07
C LEU B 255 7.63 -11.13 -2.20
N MET B 256 8.50 -10.21 -1.83
CA MET B 256 9.58 -10.50 -0.90
C MET B 256 9.06 -10.96 0.45
N ARG B 257 8.00 -10.33 0.92
CA ARG B 257 7.36 -10.78 2.17
C ARG B 257 6.87 -12.23 2.02
N GLY B 258 6.23 -12.54 0.90
CA GLY B 258 5.79 -13.90 0.62
C GLY B 258 6.91 -14.92 0.56
N ILE B 259 8.05 -14.52 0.00
CA ILE B 259 9.19 -15.40 -0.19
C ILE B 259 9.86 -15.80 1.14
N LYS B 260 9.70 -15.00 2.18
CA LYS B 260 10.25 -15.34 3.50
C LYS B 260 9.61 -16.56 4.19
N THR B 261 8.45 -17.01 3.73
CA THR B 261 7.83 -18.22 4.24
C THR B 261 7.74 -19.32 3.16
N LEU B 262 8.45 -19.16 2.04
CA LEU B 262 8.31 -20.06 0.90
C LEU B 262 8.53 -21.51 1.30
N ASN B 263 9.64 -21.76 1.98
CA ASN B 263 9.98 -23.11 2.40
C ASN B 263 8.87 -23.75 3.24
N LEU B 264 8.36 -22.99 4.21
CA LEU B 264 7.35 -23.52 5.12
C LEU B 264 6.02 -23.77 4.42
N ARG B 265 5.65 -22.88 3.50
CA ARG B 265 4.40 -23.03 2.73
C ARG B 265 4.48 -24.20 1.79
N MET B 266 5.61 -24.33 1.08
CA MET B 266 5.77 -25.44 0.12
C MET B 266 5.74 -26.81 0.81
N ASP B 267 6.40 -26.92 1.96
CA ASP B 267 6.33 -28.12 2.81
C ASP B 267 4.86 -28.52 3.10
N ARG B 268 4.05 -27.54 3.50
CA ARG B 268 2.65 -27.80 3.85
C ARG B 268 1.78 -28.06 2.62
N HIS B 269 2.01 -27.33 1.53
CA HIS B 269 1.30 -27.60 0.27
C HIS B 269 1.53 -29.04 -0.16
N CYS B 270 2.80 -29.44 -0.13
CA CYS B 270 3.20 -30.79 -0.51
C CYS B 270 2.62 -31.89 0.39
N ALA B 271 2.74 -31.74 1.71
CA ALA B 271 2.16 -32.70 2.68
C ALA B 271 0.63 -32.83 2.56
N ASN B 272 -0.08 -31.71 2.41
CA ASN B 272 -1.53 -31.80 2.12
C ASN B 272 -1.83 -32.50 0.80
N ALA B 273 -1.02 -32.20 -0.23
CA ALA B 273 -1.24 -32.74 -1.55
C ALA B 273 -0.99 -34.25 -1.58
N GLN B 274 0.09 -34.70 -0.93
CA GLN B 274 0.40 -36.13 -0.79
C GLN B 274 -0.75 -36.92 -0.16
N VAL B 275 -1.31 -36.38 0.94
CA VAL B 275 -2.49 -36.96 1.59
C VAL B 275 -3.68 -37.01 0.62
N LEU B 276 -4.05 -35.90 -0.01
CA LEU B 276 -5.19 -35.91 -0.94
C LEU B 276 -4.99 -36.81 -2.16
N ALA B 277 -3.75 -36.89 -2.65
CA ALA B 277 -3.44 -37.76 -3.79
C ALA B 277 -3.66 -39.23 -3.42
N GLU B 278 -3.06 -39.64 -2.28
CA GLU B 278 -3.26 -40.99 -1.71
C GLU B 278 -4.75 -41.32 -1.56
N PHE B 279 -5.53 -40.36 -1.06
CA PHE B 279 -6.97 -40.53 -0.92
C PHE B 279 -7.67 -40.68 -2.27
N LEU B 280 -7.43 -39.73 -3.18
CA LEU B 280 -8.08 -39.73 -4.50
C LEU B 280 -7.75 -40.96 -5.37
N ALA B 281 -6.50 -41.42 -5.31
CA ALA B 281 -6.06 -42.61 -6.05
C ALA B 281 -6.84 -43.91 -5.74
N ARG B 282 -7.42 -44.01 -4.54
CA ARG B 282 -8.19 -45.19 -4.09
C ARG B 282 -9.71 -45.08 -4.29
N GLN B 283 -10.21 -43.97 -4.83
CA GLN B 283 -11.65 -43.75 -4.91
C GLN B 283 -12.30 -44.32 -6.20
N PRO B 284 -13.53 -44.86 -6.08
CA PRO B 284 -14.21 -45.48 -7.23
C PRO B 284 -14.64 -44.50 -8.32
N GLN B 285 -14.88 -43.24 -7.94
CA GLN B 285 -15.23 -42.18 -8.87
C GLN B 285 -14.06 -41.75 -9.77
N VAL B 286 -12.82 -42.07 -9.39
CA VAL B 286 -11.61 -41.59 -10.06
C VAL B 286 -11.02 -42.59 -11.05
N GLU B 287 -11.19 -42.28 -12.34
CA GLU B 287 -10.60 -43.05 -13.45
C GLU B 287 -9.08 -43.04 -13.36
N LEU B 288 -8.51 -41.85 -13.21
CA LEU B 288 -7.08 -41.64 -13.41
C LEU B 288 -6.60 -40.45 -12.57
N ILE B 289 -5.34 -40.51 -12.12
CA ILE B 289 -4.73 -39.42 -11.35
C ILE B 289 -3.26 -39.18 -11.74
N HIS B 290 -2.90 -37.91 -11.76
CA HIS B 290 -1.54 -37.46 -12.01
C HIS B 290 -1.07 -36.70 -10.78
N TYR B 291 -0.14 -37.31 -10.04
CA TYR B 291 0.53 -36.66 -8.94
C TYR B 291 1.93 -37.29 -8.80
N PRO B 292 3.01 -36.48 -8.92
CA PRO B 292 4.41 -36.98 -8.91
C PRO B 292 4.86 -37.82 -7.71
N GLY B 293 4.17 -37.70 -6.59
CA GLY B 293 4.47 -38.44 -5.38
C GLY B 293 3.93 -39.86 -5.32
N LEU B 294 2.94 -40.18 -6.17
CA LEU B 294 2.43 -41.56 -6.29
C LEU B 294 3.38 -42.43 -7.10
N ALA B 295 3.72 -43.60 -6.56
CA ALA B 295 4.52 -44.62 -7.26
C ALA B 295 4.00 -44.99 -8.65
N SER B 296 2.68 -44.89 -8.86
CA SER B 296 2.09 -45.11 -10.18
C SER B 296 2.32 -43.97 -11.21
N PHE B 297 2.91 -42.85 -10.79
CA PHE B 297 3.17 -41.73 -11.69
C PHE B 297 4.14 -42.19 -12.77
N PRO B 298 3.75 -42.03 -14.06
CA PRO B 298 4.58 -42.59 -15.13
C PRO B 298 6.06 -42.18 -15.08
N GLN B 299 6.36 -40.94 -14.70
CA GLN B 299 7.77 -40.45 -14.68
C GLN B 299 8.30 -40.27 -13.26
N TYR B 300 7.89 -41.17 -12.36
CA TYR B 300 8.23 -41.10 -10.93
C TYR B 300 9.72 -40.94 -10.68
N THR B 301 10.53 -41.72 -11.38
CA THR B 301 12.00 -41.71 -11.20
C THR B 301 12.61 -40.38 -11.67
N LEU B 302 12.18 -39.91 -12.84
CA LEU B 302 12.61 -38.60 -13.38
C LEU B 302 12.15 -37.44 -12.50
N ALA B 303 10.90 -37.50 -12.04
CA ALA B 303 10.38 -36.51 -11.10
C ALA B 303 11.28 -36.38 -9.85
N ARG B 304 11.67 -37.51 -9.26
CA ARG B 304 12.53 -37.54 -8.06
C ARG B 304 14.00 -37.13 -8.30
N GLN B 305 14.50 -37.25 -9.53
CA GLN B 305 15.82 -36.69 -9.87
C GLN B 305 15.84 -35.16 -9.89
N GLN B 306 14.70 -34.54 -10.20
CA GLN B 306 14.62 -33.08 -10.41
C GLN B 306 13.95 -32.27 -9.30
N MET B 307 12.91 -32.85 -8.70
CA MET B 307 12.09 -32.23 -7.64
C MET B 307 12.39 -32.85 -6.26
N SER B 308 12.73 -32.02 -5.27
CA SER B 308 12.94 -32.54 -3.90
C SER B 308 11.63 -32.96 -3.21
N GLN B 309 10.49 -32.41 -3.63
CA GLN B 309 9.20 -32.83 -3.14
C GLN B 309 8.24 -32.83 -4.30
N PRO B 310 7.15 -33.62 -4.21
CA PRO B 310 6.25 -33.79 -5.35
C PRO B 310 5.30 -32.62 -5.69
N GLY B 311 5.28 -31.55 -4.90
CA GLY B 311 4.49 -30.34 -5.24
C GLY B 311 3.10 -30.31 -4.62
N GLY B 312 2.44 -29.18 -4.80
CA GLY B 312 1.09 -28.95 -4.27
C GLY B 312 -0.03 -29.07 -5.28
N MET B 313 0.27 -29.50 -6.50
CA MET B 313 -0.75 -29.61 -7.54
C MET B 313 -1.12 -31.07 -7.82
N ILE B 314 -2.42 -31.34 -7.95
CA ILE B 314 -2.91 -32.64 -8.36
C ILE B 314 -3.84 -32.46 -9.53
N ALA B 315 -3.75 -33.36 -10.52
CA ALA B 315 -4.77 -33.47 -11.56
C ALA B 315 -5.33 -34.86 -11.57
N PHE B 316 -6.64 -34.96 -11.74
CA PHE B 316 -7.30 -36.25 -11.79
C PHE B 316 -8.52 -36.19 -12.71
N GLU B 317 -8.97 -37.37 -13.10
CA GLU B 317 -10.05 -37.54 -14.04
C GLU B 317 -11.15 -38.36 -13.38
N LEU B 318 -12.37 -37.86 -13.43
CA LEU B 318 -13.52 -38.57 -12.91
C LEU B 318 -14.17 -39.44 -14.00
N LYS B 319 -14.69 -40.61 -13.61
CA LYS B 319 -15.30 -41.57 -14.57
C LYS B 319 -16.56 -41.05 -15.26
N GLY B 320 -17.38 -40.28 -14.53
CA GLY B 320 -18.62 -39.75 -15.11
C GLY B 320 -18.50 -38.66 -16.17
N GLY B 321 -17.27 -38.32 -16.57
CA GLY B 321 -17.04 -37.36 -17.65
C GLY B 321 -17.30 -35.91 -17.26
N ILE B 322 -17.75 -35.13 -18.24
CA ILE B 322 -18.00 -33.70 -18.05
C ILE B 322 -19.09 -33.44 -17.01
N GLY B 323 -20.12 -34.27 -16.99
CA GLY B 323 -21.24 -34.09 -16.06
C GLY B 323 -20.86 -34.25 -14.60
N ALA B 324 -20.05 -35.28 -14.30
CA ALA B 324 -19.57 -35.54 -12.94
C ALA B 324 -18.54 -34.49 -12.51
N GLY B 325 -17.70 -34.07 -13.47
CA GLY B 325 -16.80 -32.94 -13.28
C GLY B 325 -17.52 -31.71 -12.74
N ARG B 326 -18.63 -31.34 -13.36
CA ARG B 326 -19.42 -30.18 -12.93
C ARG B 326 -19.99 -30.36 -11.55
N ARG B 327 -20.58 -31.52 -11.31
CA ARG B 327 -21.22 -31.82 -10.04
C ARG B 327 -20.22 -31.79 -8.89
N PHE B 328 -19.02 -32.34 -9.13
CA PHE B 328 -17.93 -32.27 -8.16
C PHE B 328 -17.58 -30.83 -7.78
N MET B 329 -17.34 -30.02 -8.81
CA MET B 329 -16.97 -28.61 -8.64
C MET B 329 -18.02 -27.85 -7.87
N ASN B 330 -19.27 -28.01 -8.28
CA ASN B 330 -20.37 -27.27 -7.67
C ASN B 330 -20.67 -27.63 -6.22
N ALA B 331 -20.27 -28.82 -5.78
CA ALA B 331 -20.52 -29.24 -4.39
C ALA B 331 -19.41 -28.82 -3.42
N LEU B 332 -18.27 -28.35 -3.94
CA LEU B 332 -17.17 -27.91 -3.06
C LEU B 332 -17.59 -26.70 -2.23
N GLN B 333 -17.30 -26.76 -0.93
CA GLN B 333 -17.63 -25.72 0.04
C GLN B 333 -16.40 -24.98 0.57
N LEU B 334 -15.24 -25.64 0.56
CA LEU B 334 -14.01 -25.12 1.13
C LEU B 334 -13.01 -24.77 0.04
N PHE B 335 -12.77 -25.70 -0.90
CA PHE B 335 -12.14 -25.35 -2.18
C PHE B 335 -12.99 -24.27 -2.87
N SER B 336 -12.33 -23.27 -3.47
CA SER B 336 -13.03 -22.31 -4.33
C SER B 336 -12.90 -22.75 -5.79
N ARG B 337 -13.92 -22.43 -6.59
CA ARG B 337 -13.86 -22.60 -8.05
C ARG B 337 -13.11 -21.41 -8.62
N ALA B 338 -11.86 -21.62 -9.05
CA ALA B 338 -11.03 -20.55 -9.58
C ALA B 338 -9.85 -21.10 -10.34
N VAL B 339 -9.40 -20.38 -11.36
CA VAL B 339 -8.09 -20.66 -11.97
C VAL B 339 -7.06 -19.96 -11.11
N SER B 340 -5.79 -20.26 -11.37
CA SER B 340 -4.66 -19.85 -10.51
C SER B 340 -4.37 -20.96 -9.50
N LEU B 341 -3.29 -20.76 -8.77
CA LEU B 341 -2.68 -21.79 -7.97
C LEU B 341 -1.67 -21.14 -7.04
N GLY B 342 -1.15 -21.93 -6.12
CA GLY B 342 -0.16 -21.45 -5.19
C GLY B 342 -0.64 -20.50 -4.11
N ASP B 343 -1.95 -20.39 -3.89
CA ASP B 343 -2.48 -19.57 -2.82
C ASP B 343 -2.56 -20.36 -1.52
N ALA B 344 -2.70 -19.66 -0.41
CA ALA B 344 -3.05 -20.30 0.86
C ALA B 344 -4.42 -21.01 0.77
N GLU B 345 -5.35 -20.42 0.02
CA GLU B 345 -6.66 -21.00 -0.22
C GLU B 345 -6.55 -22.08 -1.27
N SER B 346 -7.17 -23.22 -0.99
CA SER B 346 -7.24 -24.33 -1.91
C SER B 346 -8.17 -23.98 -3.06
N LEU B 347 -7.74 -24.32 -4.29
CA LEU B 347 -8.48 -24.01 -5.50
C LEU B 347 -8.69 -25.22 -6.38
N ALA B 348 -9.82 -25.22 -7.07
CA ALA B 348 -10.16 -26.25 -8.03
C ALA B 348 -10.59 -25.61 -9.33
N SER B 349 -10.20 -26.23 -10.45
CA SER B 349 -10.75 -25.92 -11.75
C SER B 349 -11.05 -27.22 -12.51
N HIS B 350 -12.10 -27.16 -13.32
CA HIS B 350 -12.52 -28.25 -14.20
C HIS B 350 -12.54 -27.65 -15.61
N PRO B 351 -11.39 -27.65 -16.30
CA PRO B 351 -11.28 -27.02 -17.62
C PRO B 351 -12.39 -27.33 -18.62
N ALA B 352 -12.93 -28.55 -18.59
CA ALA B 352 -13.97 -28.95 -19.54
C ALA B 352 -15.28 -28.15 -19.43
N SER B 353 -15.58 -27.65 -18.23
CA SER B 353 -16.78 -26.82 -18.01
C SER B 353 -16.50 -25.36 -17.64
N MET B 354 -15.24 -24.92 -17.78
CA MET B 354 -14.81 -23.59 -17.30
C MET B 354 -13.94 -22.87 -18.34
N THR B 355 -12.63 -23.13 -18.33
CA THR B 355 -11.70 -22.42 -19.19
C THR B 355 -11.79 -22.85 -20.65
N HIS B 356 -12.31 -24.07 -20.89
CA HIS B 356 -12.43 -24.63 -22.26
C HIS B 356 -13.86 -25.11 -22.58
N SER B 357 -14.88 -24.44 -22.03
CA SER B 357 -16.28 -24.84 -22.22
C SER B 357 -16.83 -24.45 -23.59
N SER B 358 -16.37 -23.30 -24.11
CA SER B 358 -16.64 -22.87 -25.49
C SER B 358 -16.18 -23.88 -26.55
N TYR B 359 -15.09 -24.60 -26.24
CA TYR B 359 -14.54 -25.64 -27.12
C TYR B 359 -15.51 -26.84 -27.28
N THR B 360 -15.22 -27.68 -28.26
CA THR B 360 -16.00 -28.91 -28.55
C THR B 360 -15.45 -30.07 -27.71
N PRO B 361 -16.25 -31.15 -27.52
CA PRO B 361 -15.67 -32.39 -26.96
C PRO B 361 -14.50 -33.04 -27.76
N GLU B 362 -14.35 -32.71 -29.05
CA GLU B 362 -13.22 -33.17 -29.88
C GLU B 362 -11.97 -32.29 -29.79
N GLU B 363 -12.15 -30.97 -29.64
CA GLU B 363 -11.05 -30.02 -29.49
C GLU B 363 -10.22 -30.30 -28.23
N ARG B 364 -10.91 -30.46 -27.10
CA ARG B 364 -10.27 -30.76 -25.81
C ARG B 364 -9.48 -32.06 -25.82
N ALA B 365 -9.97 -33.06 -26.55
CA ALA B 365 -9.35 -34.39 -26.62
C ALA B 365 -7.90 -34.38 -27.12
N HIS B 366 -7.63 -33.74 -28.25
CA HIS B 366 -6.29 -33.74 -28.85
C HIS B 366 -5.29 -32.83 -28.12
N TYR B 367 -5.80 -31.88 -27.32
CA TYR B 367 -4.95 -31.02 -26.47
C TYR B 367 -4.50 -31.70 -25.14
N GLY B 368 -5.04 -32.88 -24.83
CA GLY B 368 -4.71 -33.60 -23.60
C GLY B 368 -5.56 -33.15 -22.42
N ILE B 369 -6.84 -32.91 -22.69
CA ILE B 369 -7.82 -32.41 -21.73
C ILE B 369 -9.04 -33.33 -21.71
N SER B 370 -9.00 -34.33 -20.84
CA SER B 370 -10.14 -35.23 -20.61
C SER B 370 -11.45 -34.48 -20.25
N GLU B 371 -12.56 -35.10 -20.61
CA GLU B 371 -13.89 -34.56 -20.27
C GLU B 371 -14.10 -34.42 -18.75
N GLY B 372 -13.49 -35.31 -17.97
CA GLY B 372 -13.62 -35.27 -16.52
C GLY B 372 -12.38 -34.78 -15.78
N LEU B 373 -11.48 -34.05 -16.46
CA LEU B 373 -10.22 -33.61 -15.86
C LEU B 373 -10.44 -32.44 -14.89
N VAL B 374 -10.14 -32.69 -13.62
CA VAL B 374 -10.21 -31.69 -12.55
C VAL B 374 -8.81 -31.47 -12.04
N ARG B 375 -8.44 -30.21 -11.84
CA ARG B 375 -7.13 -29.92 -11.26
C ARG B 375 -7.27 -29.13 -9.95
N LEU B 376 -6.45 -29.50 -8.98
CA LEU B 376 -6.49 -28.95 -7.63
C LEU B 376 -5.17 -28.26 -7.30
N SER B 377 -5.27 -27.04 -6.79
CA SER B 377 -4.16 -26.37 -6.12
C SER B 377 -4.41 -26.54 -4.64
N VAL B 378 -3.63 -27.43 -4.01
CA VAL B 378 -3.88 -27.80 -2.65
C VAL B 378 -3.29 -26.72 -1.76
N GLY B 379 -4.15 -26.16 -0.91
CA GLY B 379 -3.80 -25.00 -0.09
C GLY B 379 -3.17 -25.38 1.22
N LEU B 380 -3.22 -24.47 2.17
CA LEU B 380 -2.54 -24.61 3.45
C LEU B 380 -3.52 -24.92 4.59
N GLU B 381 -4.78 -25.17 4.27
CA GLU B 381 -5.79 -25.48 5.28
C GLU B 381 -5.49 -26.82 5.97
N ASP B 382 -6.18 -27.08 7.09
CA ASP B 382 -6.00 -28.34 7.80
C ASP B 382 -6.57 -29.45 6.92
N ILE B 383 -5.75 -30.47 6.72
CA ILE B 383 -6.01 -31.54 5.79
C ILE B 383 -7.31 -32.28 6.04
N ASP B 384 -7.71 -32.45 7.30
CA ASP B 384 -9.00 -33.09 7.62
C ASP B 384 -10.21 -32.34 7.02
N ASP B 385 -10.16 -31.01 7.07
CA ASP B 385 -11.20 -30.19 6.42
C ASP B 385 -11.20 -30.32 4.88
N LEU B 386 -10.00 -30.33 4.28
CA LEU B 386 -9.86 -30.53 2.82
C LEU B 386 -10.35 -31.90 2.41
N LEU B 387 -10.00 -32.92 3.19
CA LEU B 387 -10.52 -34.28 2.96
C LEU B 387 -12.04 -34.37 3.03
N ALA B 388 -12.64 -33.81 4.07
CA ALA B 388 -14.12 -33.79 4.18
C ALA B 388 -14.76 -33.13 2.95
N ASP B 389 -14.17 -32.02 2.49
CA ASP B 389 -14.72 -31.29 1.34
C ASP B 389 -14.62 -32.10 0.05
N VAL B 390 -13.45 -32.67 -0.23
CA VAL B 390 -13.25 -33.50 -1.42
C VAL B 390 -14.19 -34.74 -1.37
N GLN B 391 -14.22 -35.42 -0.23
CA GLN B 391 -15.13 -36.56 0.04
C GLN B 391 -16.59 -36.33 -0.34
N GLN B 392 -17.23 -35.30 0.23
CA GLN B 392 -18.65 -35.05 -0.04
C GLN B 392 -18.88 -34.65 -1.50
N ALA B 393 -17.92 -33.91 -2.06
CA ALA B 393 -17.98 -33.52 -3.46
C ALA B 393 -17.90 -34.75 -4.38
N LEU B 394 -17.09 -35.74 -4.02
CA LEU B 394 -17.05 -36.99 -4.77
C LEU B 394 -18.40 -37.71 -4.75
N LYS B 395 -19.03 -37.77 -3.57
CA LYS B 395 -20.36 -38.37 -3.41
C LYS B 395 -21.42 -37.64 -4.25
N ALA B 396 -21.33 -36.30 -4.31
CA ALA B 396 -22.24 -35.51 -5.12
C ALA B 396 -22.02 -35.69 -6.63
N SER B 397 -20.79 -36.04 -7.02
CA SER B 397 -20.46 -36.28 -8.44
C SER B 397 -21.08 -37.53 -9.04
N ALA B 398 -21.54 -38.46 -8.19
CA ALA B 398 -22.32 -39.64 -8.64
C ALA B 398 -23.69 -39.22 -9.20
N LEU C 7 -16.41 -28.16 13.54
CA LEU C 7 -15.66 -26.88 13.68
C LEU C 7 -14.34 -26.99 12.89
N PRO C 8 -14.13 -26.12 11.86
CA PRO C 8 -12.90 -26.20 11.06
C PRO C 8 -11.64 -26.01 11.92
N GLY C 9 -10.52 -26.57 11.47
CA GLY C 9 -9.26 -26.48 12.21
C GLY C 9 -8.67 -25.08 12.23
N PHE C 10 -7.61 -24.93 13.02
CA PHE C 10 -7.01 -23.63 13.30
C PHE C 10 -6.48 -22.94 12.04
N ALA C 11 -5.77 -23.69 11.20
CA ALA C 11 -5.19 -23.17 9.97
C ALA C 11 -6.26 -22.80 8.96
N THR C 12 -7.32 -23.60 8.91
CA THR C 12 -8.46 -23.32 8.05
C THR C 12 -9.09 -21.99 8.41
N ARG C 13 -9.33 -21.76 9.69
CA ARG C 13 -9.96 -20.50 10.14
C ARG C 13 -9.02 -19.29 9.99
N ALA C 14 -7.73 -19.49 10.24
CA ALA C 14 -6.72 -18.43 9.99
C ALA C 14 -6.68 -17.96 8.54
N ILE C 15 -7.17 -18.79 7.63
CA ILE C 15 -7.18 -18.46 6.21
C ILE C 15 -8.55 -17.97 5.74
N HIS C 16 -9.62 -18.54 6.29
CA HIS C 16 -10.96 -18.41 5.72
C HIS C 16 -12.00 -17.72 6.57
N HIS C 17 -11.82 -17.70 7.89
CA HIS C 17 -12.95 -17.37 8.77
C HIS C 17 -13.50 -15.95 8.52
N GLY C 18 -14.83 -15.88 8.46
CA GLY C 18 -15.55 -14.62 8.32
C GLY C 18 -15.58 -14.05 6.92
N TYR C 19 -15.05 -14.78 5.92
CA TYR C 19 -14.98 -14.30 4.53
C TYR C 19 -15.47 -15.34 3.54
N ASP C 20 -16.48 -14.96 2.75
CA ASP C 20 -16.90 -15.70 1.57
C ASP C 20 -16.61 -14.81 0.33
N PRO C 21 -15.73 -15.28 -0.60
CA PRO C 21 -15.50 -14.52 -1.84
C PRO C 21 -16.78 -14.10 -2.61
N GLN C 22 -17.81 -14.95 -2.66
CA GLN C 22 -19.10 -14.63 -3.33
C GLN C 22 -19.79 -13.28 -2.91
N ASP C 23 -19.47 -12.75 -1.74
CA ASP C 23 -20.05 -11.46 -1.30
C ASP C 23 -19.23 -10.24 -1.69
N HIS C 24 -18.07 -10.42 -2.33
CA HIS C 24 -17.22 -9.29 -2.75
C HIS C 24 -16.77 -9.47 -4.20
N GLY C 25 -17.75 -9.74 -5.07
CA GLY C 25 -17.52 -9.93 -6.50
C GLY C 25 -16.63 -11.11 -6.86
N GLY C 26 -16.57 -12.11 -5.99
CA GLY C 26 -15.69 -13.23 -6.19
C GLY C 26 -14.24 -13.02 -5.77
N ALA C 27 -13.87 -11.87 -5.22
CA ALA C 27 -12.46 -11.64 -4.88
C ALA C 27 -11.91 -12.68 -3.90
N LEU C 28 -10.85 -13.39 -4.29
CA LEU C 28 -10.26 -14.41 -3.40
C LEU C 28 -9.67 -13.75 -2.15
N VAL C 29 -8.88 -12.70 -2.32
CA VAL C 29 -8.39 -11.91 -1.18
C VAL C 29 -9.41 -10.78 -0.98
N PRO C 30 -9.85 -10.53 0.28
CA PRO C 30 -10.80 -9.44 0.53
C PRO C 30 -10.29 -8.08 0.05
N PRO C 31 -11.15 -7.27 -0.57
CA PRO C 31 -10.73 -5.92 -0.90
C PRO C 31 -10.40 -5.06 0.31
N VAL C 32 -9.43 -4.16 0.15
CA VAL C 32 -8.94 -3.35 1.26
C VAL C 32 -9.77 -2.07 1.30
N TYR C 33 -10.48 -1.85 2.40
CA TYR C 33 -11.29 -0.67 2.59
C TYR C 33 -10.46 0.48 3.13
N GLN C 34 -9.59 1.02 2.28
CA GLN C 34 -8.75 2.16 2.61
C GLN C 34 -9.60 3.41 2.41
N THR C 35 -10.54 3.61 3.32
CA THR C 35 -11.43 4.76 3.32
C THR C 35 -11.66 5.17 4.77
N ALA C 36 -11.79 6.48 4.99
CA ALA C 36 -11.98 7.02 6.34
C ALA C 36 -13.45 7.10 6.68
N THR C 37 -14.29 7.38 5.70
CA THR C 37 -15.70 7.51 5.99
C THR C 37 -16.57 6.69 5.06
N PHE C 38 -17.80 6.48 5.51
CA PHE C 38 -18.79 5.71 4.81
C PHE C 38 -20.03 6.57 4.70
N THR C 39 -20.75 6.47 3.59
CA THR C 39 -21.96 7.27 3.34
C THR C 39 -23.20 6.46 3.68
N PHE C 40 -24.32 7.18 3.79
CA PHE C 40 -25.64 6.59 4.09
C PHE C 40 -26.65 6.83 2.96
N PRO C 41 -27.51 5.83 2.66
CA PRO C 41 -28.58 6.06 1.67
C PRO C 41 -29.65 7.06 2.14
N THR C 42 -29.92 7.05 3.45
CA THR C 42 -30.73 8.09 4.12
C THR C 42 -30.03 8.53 5.42
N VAL C 43 -30.29 9.77 5.84
CA VAL C 43 -30.00 10.22 7.22
C VAL C 43 -30.61 9.33 8.31
N GLU C 44 -31.82 8.82 8.08
CA GLU C 44 -32.46 7.87 9.01
C GLU C 44 -31.59 6.63 9.22
N TYR C 45 -31.06 6.08 8.11
CA TYR C 45 -30.06 4.99 8.18
C TYR C 45 -28.81 5.41 8.97
N GLY C 46 -28.33 6.62 8.73
CA GLY C 46 -27.18 7.17 9.43
C GLY C 46 -27.35 7.33 10.93
N ALA C 47 -28.47 7.95 11.34
CA ALA C 47 -28.84 8.08 12.77
C ALA C 47 -28.77 6.73 13.49
N ALA C 48 -29.41 5.74 12.88
CA ALA C 48 -29.43 4.36 13.37
C ALA C 48 -28.04 3.75 13.58
N CYS C 49 -27.07 4.08 12.71
CA CYS C 49 -25.69 3.59 12.87
C CYS C 49 -24.98 4.15 14.11
N PHE C 50 -25.20 5.43 14.40
CA PHE C 50 -24.61 6.07 15.58
C PHE C 50 -25.29 5.63 16.87
N ALA C 51 -26.61 5.54 16.84
CA ALA C 51 -27.42 5.04 17.96
C ALA C 51 -27.14 3.57 18.31
N GLY C 52 -26.62 2.79 17.34
CA GLY C 52 -26.22 1.39 17.55
C GLY C 52 -27.20 0.34 17.01
N GLU C 53 -28.38 0.78 16.59
CA GLU C 53 -29.50 -0.13 16.22
C GLU C 53 -29.48 -0.62 14.75
N GLN C 54 -28.29 -0.74 14.15
CA GLN C 54 -28.16 -1.14 12.74
C GLN C 54 -26.78 -1.73 12.47
N ALA C 55 -26.75 -2.82 11.70
CA ALA C 55 -25.49 -3.34 11.12
C ALA C 55 -25.07 -2.41 9.98
N GLY C 56 -23.86 -1.86 10.07
CA GLY C 56 -23.37 -0.87 9.10
C GLY C 56 -22.24 0.00 9.61
N HIS C 57 -21.76 0.86 8.73
CA HIS C 57 -20.53 1.61 8.93
C HIS C 57 -20.74 3.11 8.76
N PHE C 58 -19.90 3.89 9.43
CA PHE C 58 -19.90 5.35 9.28
C PHE C 58 -18.53 5.99 9.28
N TYR C 59 -17.64 5.52 10.16
CA TYR C 59 -16.32 6.12 10.29
C TYR C 59 -15.30 5.10 10.77
N SER C 60 -14.18 5.03 10.07
CA SER C 60 -13.14 4.01 10.31
C SER C 60 -12.49 4.01 11.70
N ARG C 61 -12.48 5.14 12.41
CA ARG C 61 -12.02 5.15 13.82
C ARG C 61 -12.92 4.26 14.70
N ILE C 62 -14.24 4.31 14.47
CA ILE C 62 -15.18 3.44 15.19
C ILE C 62 -15.15 2.02 14.62
N SER C 63 -15.33 1.89 13.29
CA SER C 63 -15.44 0.58 12.61
C SER C 63 -15.20 0.65 11.09
N ASN C 64 -14.66 -0.46 10.52
CA ASN C 64 -14.24 -0.57 9.10
C ASN C 64 -14.26 -2.06 8.70
N PRO C 65 -14.86 -2.41 7.53
CA PRO C 65 -15.01 -3.84 7.16
C PRO C 65 -13.73 -4.68 7.06
N THR C 66 -12.64 -4.09 6.58
CA THR C 66 -11.35 -4.78 6.61
C THR C 66 -10.94 -5.06 8.05
N LEU C 67 -11.08 -4.06 8.92
CA LEU C 67 -10.77 -4.26 10.34
C LEU C 67 -11.70 -5.31 10.97
N ASN C 68 -12.99 -5.23 10.63
CA ASN C 68 -13.97 -6.19 11.13
C ASN C 68 -13.59 -7.63 10.82
N LEU C 69 -13.09 -7.87 9.62
CA LEU C 69 -12.67 -9.23 9.24
C LEU C 69 -11.50 -9.72 10.10
N LEU C 70 -10.47 -8.89 10.22
CA LEU C 70 -9.33 -9.17 11.11
C LEU C 70 -9.79 -9.51 12.52
N GLU C 71 -10.69 -8.68 13.02
CA GLU C 71 -11.24 -8.80 14.36
C GLU C 71 -12.00 -10.12 14.55
N ALA C 72 -12.94 -10.40 13.64
CA ALA C 72 -13.71 -11.66 13.71
C ALA C 72 -12.79 -12.85 13.62
N ARG C 73 -11.80 -12.77 12.74
CA ARG C 73 -10.86 -13.85 12.55
C ARG C 73 -10.01 -14.06 13.82
N MET C 74 -9.49 -12.99 14.40
CA MET C 74 -8.73 -13.12 15.63
C MET C 74 -9.60 -13.65 16.76
N ALA C 75 -10.87 -13.22 16.79
CA ALA C 75 -11.84 -13.73 17.77
C ALA C 75 -11.99 -15.25 17.68
N SER C 76 -12.11 -15.75 16.45
CA SER C 76 -12.19 -17.17 16.21
C SER C 76 -10.92 -17.91 16.67
N LEU C 77 -9.75 -17.37 16.39
CA LEU C 77 -8.52 -18.10 16.77
C LEU C 77 -8.34 -18.19 18.29
N GLU C 78 -8.76 -17.14 19.00
CA GLU C 78 -8.70 -17.10 20.47
C GLU C 78 -9.90 -17.75 21.19
N GLY C 79 -10.92 -18.16 20.43
CA GLY C 79 -12.17 -18.68 21.01
C GLY C 79 -12.94 -17.61 21.78
N GLY C 80 -12.87 -16.37 21.32
CA GLY C 80 -13.60 -15.26 21.92
C GLY C 80 -14.80 -14.90 21.07
N GLU C 81 -15.70 -14.10 21.65
CA GLU C 81 -16.91 -13.62 20.97
C GLU C 81 -16.65 -12.44 20.02
N ALA C 82 -15.75 -11.53 20.39
CA ALA C 82 -15.51 -10.32 19.63
C ALA C 82 -14.05 -9.93 19.66
N GLY C 83 -13.63 -9.24 18.59
CA GLY C 83 -12.29 -8.72 18.46
C GLY C 83 -12.29 -7.24 18.17
N LEU C 84 -11.17 -6.59 18.51
CA LEU C 84 -10.93 -5.20 18.15
C LEU C 84 -9.49 -5.00 17.69
N ALA C 85 -9.32 -4.23 16.61
CA ALA C 85 -8.02 -3.95 16.00
C ALA C 85 -7.60 -2.51 16.27
N LEU C 86 -6.33 -2.33 16.64
CA LEU C 86 -5.80 -1.03 17.06
C LEU C 86 -4.44 -0.78 16.45
N ALA C 87 -3.98 0.45 16.59
CA ALA C 87 -2.76 0.92 15.94
C ALA C 87 -1.47 0.34 16.50
N SER C 88 -1.54 -0.24 17.69
CA SER C 88 -0.38 -0.83 18.32
C SER C 88 -0.81 -1.68 19.50
N GLY C 89 0.09 -2.56 19.92
CA GLY C 89 -0.11 -3.28 21.19
C GLY C 89 -0.40 -2.35 22.34
N MET C 90 0.33 -1.25 22.44
CA MET C 90 0.09 -0.26 23.49
C MET C 90 -1.28 0.38 23.30
N GLY C 91 -1.71 0.51 22.04
CA GLY C 91 -3.07 0.92 21.74
C GLY C 91 -4.13 -0.01 22.31
N ALA C 92 -3.88 -1.31 22.20
CA ALA C 92 -4.76 -2.34 22.76
C ALA C 92 -4.84 -2.28 24.29
N ILE C 93 -3.68 -2.19 24.94
CA ILE C 93 -3.58 -2.21 26.41
C ILE C 93 -4.14 -0.94 27.02
N THR C 94 -3.78 0.21 26.47
CA THR C 94 -4.27 1.47 26.99
C THR C 94 -5.76 1.59 26.73
N SER C 95 -6.20 1.28 25.50
CA SER C 95 -7.63 1.39 25.20
C SER C 95 -8.43 0.52 26.16
N THR C 96 -7.91 -0.65 26.48
CA THR C 96 -8.59 -1.61 27.36
C THR C 96 -8.65 -1.07 28.79
N LEU C 97 -7.49 -0.68 29.33
CA LEU C 97 -7.37 -0.27 30.73
C LEU C 97 -8.00 1.10 31.00
N TRP C 98 -7.91 2.03 30.05
CA TRP C 98 -8.63 3.31 30.18
C TRP C 98 -10.13 3.14 30.31
N THR C 99 -10.75 2.11 29.71
CA THR C 99 -12.23 2.01 29.79
C THR C 99 -12.71 1.23 30.99
N LEU C 100 -11.93 0.26 31.47
CA LEU C 100 -12.30 -0.58 32.61
C LEU C 100 -12.04 0.02 33.99
N LEU C 101 -11.13 1.00 34.07
CA LEU C 101 -10.71 1.58 35.35
C LEU C 101 -11.08 3.04 35.50
N ARG C 102 -11.36 3.42 36.74
CA ARG C 102 -11.61 4.82 37.14
C ARG C 102 -10.92 5.08 38.51
N PRO C 103 -10.80 6.37 38.90
CA PRO C 103 -10.19 6.68 40.22
C PRO C 103 -10.83 5.92 41.40
N GLY C 104 -9.99 5.34 42.25
CA GLY C 104 -10.46 4.51 43.37
C GLY C 104 -10.52 3.03 43.06
N ASP C 105 -10.49 2.64 41.78
CA ASP C 105 -10.32 1.24 41.41
C ASP C 105 -8.87 0.84 41.60
N GLU C 106 -8.65 -0.44 41.83
CA GLU C 106 -7.31 -0.99 41.94
C GLU C 106 -7.12 -1.96 40.80
N VAL C 107 -5.86 -2.11 40.38
CA VAL C 107 -5.50 -3.14 39.42
C VAL C 107 -4.31 -3.93 39.97
N LEU C 108 -4.45 -5.27 39.98
CA LEU C 108 -3.35 -6.18 40.36
C LEU C 108 -2.58 -6.63 39.13
N LEU C 109 -1.28 -6.40 39.15
CA LEU C 109 -0.40 -6.65 38.03
C LEU C 109 0.49 -7.86 38.29
N GLY C 110 0.94 -8.53 37.23
CA GLY C 110 2.01 -9.53 37.33
C GLY C 110 3.29 -8.87 37.78
N ASN C 111 4.20 -9.65 38.36
CA ASN C 111 5.44 -9.08 38.94
C ASN C 111 6.32 -8.37 37.92
N THR C 112 6.37 -8.87 36.69
CA THR C 112 7.17 -8.24 35.64
C THR C 112 6.28 -7.92 34.43
N LEU C 113 6.46 -6.73 33.86
CA LEU C 113 5.71 -6.26 32.70
C LEU C 113 6.63 -5.74 31.62
N TYR C 114 6.10 -5.67 30.40
CA TYR C 114 6.76 -5.00 29.30
C TYR C 114 6.99 -3.53 29.69
N GLY C 115 8.18 -3.02 29.39
CA GLY C 115 8.60 -1.64 29.68
C GLY C 115 7.54 -0.56 29.58
N CYS C 116 6.94 -0.40 28.39
CA CYS C 116 5.93 0.65 28.16
C CYS C 116 4.58 0.33 28.86
N THR C 117 4.29 -0.95 29.12
CA THR C 117 3.14 -1.29 29.97
C THR C 117 3.38 -0.80 31.40
N PHE C 118 4.54 -1.18 31.96
CA PHE C 118 4.98 -0.72 33.28
C PHE C 118 4.86 0.81 33.38
N ALA C 119 5.51 1.52 32.44
CA ALA C 119 5.50 2.98 32.39
C ALA C 119 4.09 3.57 32.31
N PHE C 120 3.25 2.98 31.46
CA PHE C 120 1.87 3.43 31.38
C PHE C 120 1.14 3.29 32.70
N LEU C 121 1.31 2.13 33.34
CA LEU C 121 0.62 1.87 34.60
C LEU C 121 1.11 2.81 35.68
N HIS C 122 2.42 2.86 35.91
CA HIS C 122 2.98 3.72 36.97
C HIS C 122 2.98 5.22 36.65
N HIS C 123 3.56 5.60 35.53
CA HIS C 123 3.69 7.01 35.18
C HIS C 123 2.51 7.58 34.40
N GLY C 124 1.57 6.74 33.95
CA GLY C 124 0.42 7.16 33.17
C GLY C 124 -0.87 7.09 33.97
N ILE C 125 -1.59 5.98 33.83
CA ILE C 125 -2.90 5.80 34.51
C ILE C 125 -2.80 5.76 36.05
N GLY C 126 -1.67 5.31 36.57
CA GLY C 126 -1.38 5.35 38.00
C GLY C 126 -1.35 6.75 38.58
N GLU C 127 -0.94 7.75 37.79
CA GLU C 127 -0.96 9.13 38.23
C GLU C 127 -2.33 9.82 38.07
N PHE C 128 -3.36 9.08 37.64
CA PHE C 128 -4.75 9.59 37.62
C PHE C 128 -5.67 8.94 38.66
N GLY C 129 -5.10 8.50 39.79
CA GLY C 129 -5.89 7.97 40.90
C GLY C 129 -6.27 6.48 40.87
N VAL C 130 -5.58 5.69 40.07
CA VAL C 130 -5.82 4.25 40.02
C VAL C 130 -4.70 3.58 40.81
N LYS C 131 -5.08 2.73 41.77
CA LYS C 131 -4.11 2.08 42.65
C LYS C 131 -3.48 0.87 41.95
N LEU C 132 -2.16 0.80 42.01
CA LEU C 132 -1.39 -0.31 41.46
C LEU C 132 -0.85 -1.19 42.58
N ARG C 133 -0.77 -2.50 42.34
CA ARG C 133 -0.01 -3.42 43.21
C ARG C 133 0.45 -4.66 42.44
N HIS C 134 1.71 -5.02 42.60
CA HIS C 134 2.31 -6.17 41.92
C HIS C 134 2.27 -7.44 42.75
N VAL C 135 1.75 -8.52 42.17
CA VAL C 135 1.65 -9.83 42.80
C VAL C 135 2.22 -10.91 41.88
N ASP C 136 2.91 -11.89 42.47
CA ASP C 136 3.29 -13.10 41.71
C ASP C 136 2.03 -13.88 41.32
N MET C 137 1.77 -13.93 40.02
CA MET C 137 0.55 -14.57 39.50
C MET C 137 0.66 -16.09 39.34
N ALA C 138 1.83 -16.65 39.70
CA ALA C 138 1.99 -18.10 39.96
C ALA C 138 1.63 -18.50 41.41
N ASP C 139 1.61 -17.53 42.33
CA ASP C 139 1.32 -17.75 43.76
C ASP C 139 -0.14 -17.39 44.08
N LEU C 140 -1.00 -18.41 44.08
CA LEU C 140 -2.47 -18.22 44.21
C LEU C 140 -2.90 -17.65 45.56
N GLN C 141 -2.22 -18.05 46.64
CA GLN C 141 -2.59 -17.58 47.98
C GLN C 141 -2.12 -16.13 48.23
N ALA C 142 -0.98 -15.74 47.65
CA ALA C 142 -0.55 -14.32 47.65
C ALA C 142 -1.51 -13.39 46.88
N LEU C 143 -2.13 -13.91 45.81
CA LEU C 143 -3.11 -13.16 45.03
C LEU C 143 -4.41 -12.97 45.80
N GLU C 144 -4.94 -14.06 46.37
CA GLU C 144 -6.15 -14.03 47.22
C GLU C 144 -6.01 -13.03 48.38
N ALA C 145 -4.82 -13.00 49.00
CA ALA C 145 -4.52 -12.03 50.06
C ALA C 145 -4.46 -10.59 49.55
N ALA C 146 -4.01 -10.40 48.30
CA ALA C 146 -3.97 -9.07 47.68
C ALA C 146 -5.33 -8.50 47.28
N MET C 147 -6.34 -9.34 47.09
CA MET C 147 -7.66 -8.84 46.65
C MET C 147 -8.27 -7.89 47.70
N THR C 148 -8.85 -6.79 47.20
CA THR C 148 -9.69 -5.90 48.01
C THR C 148 -11.04 -5.75 47.27
N PRO C 149 -12.06 -5.13 47.91
CA PRO C 149 -13.28 -4.80 47.15
C PRO C 149 -13.10 -3.72 46.06
N ALA C 150 -12.03 -2.92 46.15
CA ALA C 150 -11.68 -1.99 45.07
C ALA C 150 -11.17 -2.69 43.80
N THR C 151 -10.52 -3.85 43.97
CA THR C 151 -9.92 -4.62 42.85
C THR C 151 -10.87 -4.87 41.68
N ARG C 152 -10.70 -4.11 40.60
CA ARG C 152 -11.56 -4.18 39.40
C ARG C 152 -10.96 -5.04 38.29
N VAL C 153 -9.63 -5.02 38.13
CA VAL C 153 -8.94 -5.65 37.01
C VAL C 153 -7.70 -6.40 37.48
N ILE C 154 -7.44 -7.55 36.86
CA ILE C 154 -6.19 -8.30 37.04
C ILE C 154 -5.51 -8.38 35.68
N TYR C 155 -4.32 -7.80 35.56
CA TYR C 155 -3.60 -7.74 34.28
C TYR C 155 -2.23 -8.39 34.44
N PHE C 156 -1.87 -9.26 33.52
CA PHE C 156 -0.55 -9.86 33.50
C PHE C 156 -0.17 -10.40 32.12
N GLU C 157 1.13 -10.62 31.93
CA GLU C 157 1.67 -11.37 30.79
C GLU C 157 2.07 -12.77 31.22
N SER C 158 1.80 -13.76 30.37
CA SER C 158 2.33 -15.11 30.58
C SER C 158 2.61 -15.76 29.21
N PRO C 159 3.86 -16.11 28.91
CA PRO C 159 5.05 -15.85 29.72
C PRO C 159 5.38 -14.38 29.78
N ALA C 160 6.12 -13.94 30.80
CA ALA C 160 6.38 -12.52 31.03
C ALA C 160 7.64 -12.01 30.32
N ASN C 161 7.53 -10.80 29.74
CA ASN C 161 8.65 -10.11 29.07
C ASN C 161 9.62 -9.58 30.13
N PRO C 162 10.91 -9.99 30.19
CA PRO C 162 11.57 -10.92 29.26
C PRO C 162 12.23 -12.15 29.95
N ASN C 163 11.71 -12.57 31.10
CA ASN C 163 12.30 -13.70 31.90
C ASN C 163 11.51 -15.04 31.89
N MET C 164 10.40 -15.08 31.14
CA MET C 164 9.55 -16.27 30.92
C MET C 164 8.73 -16.74 32.13
N HIS C 165 8.43 -15.84 33.08
CA HIS C 165 7.63 -16.20 34.25
C HIS C 165 6.17 -16.49 33.87
N MET C 166 5.68 -17.68 34.23
CA MET C 166 4.31 -18.13 33.92
C MET C 166 3.31 -17.74 35.00
N ALA C 167 2.06 -17.60 34.60
CA ALA C 167 0.95 -17.34 35.51
C ALA C 167 0.05 -18.55 35.47
N ASP C 168 -0.71 -18.76 36.55
CA ASP C 168 -1.68 -19.85 36.61
C ASP C 168 -3.00 -19.25 36.20
N ILE C 169 -3.26 -19.23 34.89
CA ILE C 169 -4.39 -18.48 34.36
C ILE C 169 -5.69 -19.06 34.89
N ALA C 170 -5.81 -20.37 34.92
CA ALA C 170 -6.99 -21.03 35.48
C ALA C 170 -7.19 -20.64 36.95
N GLY C 171 -6.10 -20.67 37.72
CA GLY C 171 -6.14 -20.30 39.13
C GLY C 171 -6.50 -18.86 39.38
N VAL C 172 -5.89 -17.96 38.60
CA VAL C 172 -6.14 -16.53 38.72
C VAL C 172 -7.61 -16.24 38.40
N ALA C 173 -8.12 -16.85 37.33
CA ALA C 173 -9.50 -16.59 36.89
C ALA C 173 -10.58 -17.14 37.83
N LYS C 174 -10.27 -18.25 38.50
CA LYS C 174 -11.13 -18.81 39.54
C LYS C 174 -11.34 -17.75 40.61
N ILE C 175 -10.23 -17.24 41.13
CA ILE C 175 -10.23 -16.19 42.15
C ILE C 175 -10.94 -14.91 41.68
N ALA C 176 -10.71 -14.54 40.42
CA ALA C 176 -11.30 -13.32 39.87
C ALA C 176 -12.82 -13.43 39.71
N ARG C 177 -13.34 -14.61 39.37
CA ARG C 177 -14.79 -14.85 39.34
C ARG C 177 -15.48 -14.60 40.70
N LYS C 178 -14.83 -15.03 41.79
CA LYS C 178 -15.38 -14.84 43.15
C LYS C 178 -15.53 -13.36 43.51
N HIS C 179 -14.49 -12.58 43.24
CA HIS C 179 -14.46 -11.16 43.58
C HIS C 179 -15.09 -10.20 42.56
N GLY C 180 -15.53 -10.72 41.42
CA GLY C 180 -16.08 -9.89 40.33
C GLY C 180 -15.03 -9.06 39.58
N ALA C 181 -13.80 -9.57 39.50
CA ALA C 181 -12.67 -8.90 38.83
C ALA C 181 -12.49 -9.38 37.38
N THR C 182 -12.19 -8.44 36.50
CA THR C 182 -11.98 -8.72 35.07
C THR C 182 -10.51 -9.07 34.83
N VAL C 183 -10.24 -10.22 34.20
CA VAL C 183 -8.88 -10.70 33.95
C VAL C 183 -8.44 -10.45 32.49
N VAL C 184 -7.32 -9.73 32.36
CA VAL C 184 -6.75 -9.33 31.08
C VAL C 184 -5.37 -9.95 30.94
N VAL C 185 -5.21 -10.77 29.91
CA VAL C 185 -3.95 -11.46 29.66
C VAL C 185 -3.29 -10.97 28.37
N ASP C 186 -2.05 -10.51 28.50
CA ASP C 186 -1.23 -10.18 27.35
C ASP C 186 -0.66 -11.49 26.79
N ASN C 187 -1.22 -11.91 25.67
CA ASN C 187 -0.86 -13.16 24.99
C ASN C 187 0.08 -12.99 23.78
N THR C 188 0.82 -11.90 23.77
CA THR C 188 1.71 -11.58 22.66
C THR C 188 2.70 -12.72 22.33
N TYR C 189 3.42 -13.21 23.33
CA TYR C 189 4.51 -14.21 23.14
C TYR C 189 4.08 -15.56 22.57
N CYS C 190 2.89 -16.01 22.94
CA CYS C 190 2.39 -17.32 22.57
C CYS C 190 1.61 -17.30 21.27
N THR C 191 0.70 -16.32 21.16
CA THR C 191 -0.30 -16.22 20.09
C THR C 191 -1.40 -17.23 20.37
N PRO C 192 -2.56 -17.09 19.70
CA PRO C 192 -3.64 -18.05 19.91
C PRO C 192 -3.32 -19.48 19.44
N TYR C 193 -2.31 -19.63 18.60
CA TYR C 193 -1.89 -20.94 18.12
C TYR C 193 -1.33 -21.82 19.26
N LEU C 194 -0.59 -21.19 20.17
CA LEU C 194 0.06 -21.86 21.28
C LEU C 194 -0.68 -21.77 22.62
N GLN C 195 -1.49 -20.73 22.83
CA GLN C 195 -2.15 -20.53 24.13
C GLN C 195 -3.38 -19.71 23.95
N ARG C 196 -4.46 -20.09 24.63
CA ARG C 196 -5.74 -19.42 24.51
C ARG C 196 -6.28 -19.12 25.91
N PRO C 197 -5.81 -18.03 26.53
CA PRO C 197 -6.22 -17.68 27.88
C PRO C 197 -7.73 -17.52 28.09
N LEU C 198 -8.49 -17.17 27.06
CA LEU C 198 -9.95 -17.11 27.21
C LEU C 198 -10.59 -18.45 27.58
N GLU C 199 -9.98 -19.53 27.08
CA GLU C 199 -10.43 -20.90 27.36
C GLU C 199 -9.91 -21.41 28.74
N LEU C 200 -8.94 -20.68 29.32
CA LEU C 200 -8.52 -20.87 30.70
C LEU C 200 -9.23 -19.89 31.68
N GLY C 201 -10.31 -19.23 31.23
CA GLY C 201 -11.09 -18.32 32.08
C GLY C 201 -10.74 -16.84 32.09
N ALA C 202 -9.82 -16.39 31.22
CA ALA C 202 -9.61 -14.95 31.08
C ALA C 202 -10.82 -14.29 30.39
N ASP C 203 -11.03 -13.01 30.72
CA ASP C 203 -12.12 -12.22 30.17
C ASP C 203 -11.72 -11.51 28.88
N LEU C 204 -10.48 -11.01 28.85
CA LEU C 204 -9.95 -10.29 27.71
C LEU C 204 -8.51 -10.75 27.45
N VAL C 205 -8.13 -10.87 26.18
CA VAL C 205 -6.71 -11.01 25.80
C VAL C 205 -6.31 -9.82 24.94
N VAL C 206 -5.07 -9.36 25.12
CA VAL C 206 -4.50 -8.30 24.31
C VAL C 206 -3.23 -8.84 23.65
N HIS C 207 -2.92 -8.31 22.46
CA HIS C 207 -1.67 -8.66 21.75
C HIS C 207 -1.03 -7.43 21.21
N SER C 208 0.27 -7.50 21.10
CA SER C 208 0.99 -6.69 20.16
C SER C 208 1.04 -7.54 18.89
N ALA C 209 0.12 -7.25 17.98
CA ALA C 209 0.07 -7.94 16.69
C ALA C 209 1.27 -7.57 15.81
N THR C 210 2.00 -6.52 16.21
CA THR C 210 3.34 -6.19 15.67
C THR C 210 4.33 -7.36 15.62
N LYS C 211 4.17 -8.32 16.53
CA LYS C 211 5.15 -9.40 16.74
C LYS C 211 4.82 -10.65 15.88
N TYR C 212 4.52 -11.81 16.51
CA TYR C 212 4.29 -13.05 15.78
C TYR C 212 3.09 -13.04 14.84
N LEU C 213 2.01 -12.35 15.22
CA LEU C 213 0.79 -12.38 14.40
C LEU C 213 1.07 -11.79 13.01
N SER C 214 1.74 -10.63 12.97
CA SER C 214 2.23 -10.07 11.71
C SER C 214 3.29 -10.97 11.11
N GLY C 215 4.29 -11.28 11.92
CA GLY C 215 5.35 -12.19 11.54
C GLY C 215 6.52 -11.62 10.75
N HIS C 216 6.35 -10.45 10.13
CA HIS C 216 7.33 -9.97 9.15
C HIS C 216 7.93 -8.59 9.46
N GLY C 217 7.58 -8.03 10.61
CA GLY C 217 8.20 -6.82 11.10
C GLY C 217 7.88 -5.56 10.35
N ASP C 218 6.80 -5.56 9.55
CA ASP C 218 6.54 -4.45 8.67
C ASP C 218 5.35 -3.61 9.11
N ILE C 219 4.67 -4.01 10.18
CA ILE C 219 3.56 -3.24 10.71
C ILE C 219 3.63 -3.09 12.22
N THR C 220 2.98 -2.05 12.72
CA THR C 220 2.69 -1.92 14.13
C THR C 220 1.19 -2.08 14.27
N ALA C 221 0.75 -2.96 15.16
CA ALA C 221 -0.71 -3.17 15.39
C ALA C 221 -1.02 -3.87 16.72
N GLY C 222 -2.27 -3.70 17.17
CA GLY C 222 -2.76 -4.29 18.41
C GLY C 222 -4.10 -4.97 18.21
N ILE C 223 -4.36 -5.97 19.05
CA ILE C 223 -5.63 -6.71 19.06
C ILE C 223 -6.15 -6.88 20.48
N VAL C 224 -7.46 -6.67 20.65
CA VAL C 224 -8.17 -7.10 21.85
C VAL C 224 -9.16 -8.18 21.43
N VAL C 225 -9.28 -9.23 22.23
CA VAL C 225 -10.36 -10.20 22.07
C VAL C 225 -10.97 -10.55 23.43
N GLY C 226 -12.29 -10.71 23.45
CA GLY C 226 -13.00 -11.16 24.64
C GLY C 226 -14.51 -11.17 24.42
N SER C 227 -15.26 -10.90 25.48
CA SER C 227 -16.73 -10.86 25.37
C SER C 227 -17.21 -9.68 24.52
N GLN C 228 -18.34 -9.88 23.83
CA GLN C 228 -19.00 -8.80 23.11
C GLN C 228 -19.18 -7.53 23.98
N ALA C 229 -19.60 -7.72 25.22
CA ALA C 229 -19.89 -6.59 26.11
C ALA C 229 -18.63 -5.83 26.51
N LEU C 230 -17.53 -6.52 26.79
CA LEU C 230 -16.29 -5.82 27.12
C LEU C 230 -15.71 -5.10 25.90
N VAL C 231 -15.69 -5.80 24.76
CA VAL C 231 -15.09 -5.24 23.55
C VAL C 231 -15.89 -4.07 23.00
N ASP C 232 -17.21 -4.16 23.02
CA ASP C 232 -18.03 -3.00 22.65
C ASP C 232 -17.70 -1.77 23.49
N ARG C 233 -17.39 -1.95 24.78
CA ARG C 233 -17.07 -0.82 25.67
C ARG C 233 -15.71 -0.24 25.32
N ILE C 234 -14.75 -1.14 25.06
CA ILE C 234 -13.41 -0.76 24.70
C ILE C 234 -13.37 -0.01 23.36
N ARG C 235 -14.17 -0.49 22.39
CA ARG C 235 -14.32 0.18 21.09
C ARG C 235 -14.90 1.57 21.24
N LEU C 236 -16.06 1.67 21.91
CA LEU C 236 -16.82 2.92 21.96
C LEU C 236 -16.32 3.92 23.01
N GLN C 237 -15.41 3.53 23.90
CA GLN C 237 -14.87 4.49 24.87
C GLN C 237 -13.36 4.61 24.75
N GLY C 238 -12.65 3.52 24.99
CA GLY C 238 -11.18 3.51 24.97
C GLY C 238 -10.62 3.98 23.64
N LEU C 239 -11.01 3.29 22.57
CA LEU C 239 -10.53 3.61 21.23
C LEU C 239 -11.12 4.92 20.71
N LYS C 240 -12.44 4.96 20.58
CA LYS C 240 -13.16 6.11 20.01
C LYS C 240 -12.80 7.45 20.66
N ASP C 241 -12.75 7.49 22.00
CA ASP C 241 -12.60 8.73 22.78
C ASP C 241 -11.27 8.94 23.52
N MET C 242 -10.61 7.88 23.96
CA MET C 242 -9.49 8.02 24.90
C MET C 242 -8.08 7.77 24.33
N THR C 243 -7.99 7.07 23.20
CA THR C 243 -6.70 6.83 22.55
C THR C 243 -6.64 7.23 21.08
N GLY C 244 -7.74 7.08 20.35
CA GLY C 244 -7.71 7.22 18.89
C GLY C 244 -6.64 6.35 18.21
N ALA C 245 -6.35 5.17 18.76
CA ALA C 245 -5.35 4.24 18.19
C ALA C 245 -5.97 3.38 17.06
N VAL C 246 -6.23 4.03 15.94
CA VAL C 246 -6.89 3.44 14.80
C VAL C 246 -5.86 2.73 13.93
N LEU C 247 -6.15 1.49 13.55
CA LEU C 247 -5.31 0.72 12.66
C LEU C 247 -5.64 1.07 11.20
N SER C 248 -4.60 1.33 10.41
CA SER C 248 -4.75 1.48 8.98
C SER C 248 -5.35 0.21 8.36
N PRO C 249 -6.37 0.36 7.49
CA PRO C 249 -6.86 -0.81 6.74
C PRO C 249 -5.75 -1.55 5.96
N HIS C 250 -4.82 -0.80 5.39
CA HIS C 250 -3.63 -1.35 4.73
C HIS C 250 -2.81 -2.23 5.69
N ASP C 251 -2.52 -1.74 6.89
CA ASP C 251 -1.80 -2.53 7.89
C ASP C 251 -2.65 -3.77 8.33
N ALA C 252 -3.95 -3.61 8.45
CA ALA C 252 -4.82 -4.71 8.84
C ALA C 252 -4.83 -5.84 7.81
N ALA C 253 -4.76 -5.50 6.53
CA ALA C 253 -4.66 -6.52 5.46
C ALA C 253 -3.30 -7.23 5.46
N LEU C 254 -2.20 -6.52 5.71
CA LEU C 254 -0.89 -7.19 5.91
C LEU C 254 -0.90 -8.12 7.13
N LEU C 255 -1.62 -7.72 8.19
CA LEU C 255 -1.73 -8.55 9.39
C LEU C 255 -2.54 -9.80 9.10
N MET C 256 -3.68 -9.65 8.43
CA MET C 256 -4.40 -10.82 7.93
C MET C 256 -3.52 -11.71 7.03
N ARG C 257 -2.72 -11.10 6.17
CA ARG C 257 -1.75 -11.84 5.34
C ARG C 257 -0.78 -12.65 6.22
N GLY C 258 -0.24 -12.02 7.26
CA GLY C 258 0.64 -12.71 8.23
C GLY C 258 -0.01 -13.88 8.96
N ILE C 259 -1.23 -13.67 9.44
CA ILE C 259 -1.95 -14.69 10.20
C ILE C 259 -2.18 -15.95 9.39
N LYS C 260 -2.22 -15.84 8.06
CA LYS C 260 -2.40 -17.02 7.20
C LYS C 260 -1.28 -18.06 7.27
N THR C 261 -0.09 -17.67 7.75
CA THR C 261 1.01 -18.61 7.97
C THR C 261 1.42 -18.73 9.44
N LEU C 262 0.55 -18.28 10.34
CA LEU C 262 0.87 -18.24 11.75
C LEU C 262 1.28 -19.63 12.28
N ASN C 263 0.46 -20.64 12.00
CA ASN C 263 0.75 -22.02 12.41
C ASN C 263 2.10 -22.55 11.95
N LEU C 264 2.45 -22.28 10.70
CA LEU C 264 3.69 -22.77 10.09
C LEU C 264 4.86 -21.99 10.65
N ARG C 265 4.69 -20.68 10.81
CA ARG C 265 5.73 -19.83 11.35
C ARG C 265 6.06 -20.23 12.78
N MET C 266 5.04 -20.29 13.64
CA MET C 266 5.24 -20.65 15.04
C MET C 266 5.90 -22.03 15.19
N ASP C 267 5.46 -23.03 14.42
CA ASP C 267 6.14 -24.35 14.44
C ASP C 267 7.66 -24.21 14.23
N ARG C 268 8.07 -23.36 13.30
CA ARG C 268 9.48 -23.24 12.96
C ARG C 268 10.21 -22.39 13.99
N HIS C 269 9.59 -21.32 14.49
CA HIS C 269 10.17 -20.56 15.61
C HIS C 269 10.48 -21.51 16.81
N CYS C 270 9.49 -22.33 17.17
CA CYS C 270 9.57 -23.28 18.28
C CYS C 270 10.66 -24.34 18.06
N ALA C 271 10.65 -24.99 16.90
CA ALA C 271 11.67 -25.97 16.55
C ALA C 271 13.09 -25.39 16.52
N ASN C 272 13.26 -24.20 15.97
CA ASN C 272 14.58 -23.53 15.97
C ASN C 272 15.00 -23.14 17.40
N ALA C 273 14.05 -22.61 18.16
CA ALA C 273 14.29 -22.16 19.53
C ALA C 273 14.67 -23.32 20.44
N GLN C 274 14.04 -24.47 20.24
CA GLN C 274 14.35 -25.67 21.02
C GLN C 274 15.80 -26.07 20.82
N VAL C 275 16.23 -26.14 19.55
CA VAL C 275 17.61 -26.55 19.27
C VAL C 275 18.60 -25.56 19.88
N LEU C 276 18.36 -24.25 19.70
CA LEU C 276 19.27 -23.23 20.25
C LEU C 276 19.33 -23.24 21.78
N ALA C 277 18.19 -23.45 22.43
CA ALA C 277 18.12 -23.48 23.89
C ALA C 277 18.91 -24.69 24.40
N GLU C 278 18.64 -25.87 23.82
CA GLU C 278 19.35 -27.12 24.16
C GLU C 278 20.86 -26.98 23.92
N PHE C 279 21.24 -26.34 22.80
CA PHE C 279 22.65 -26.00 22.56
C PHE C 279 23.20 -25.11 23.67
N LEU C 280 22.49 -24.02 23.96
CA LEU C 280 22.90 -23.08 25.01
C LEU C 280 23.03 -23.70 26.41
N ALA C 281 22.24 -24.74 26.69
CA ALA C 281 22.33 -25.50 27.95
C ALA C 281 23.71 -26.13 28.14
N ARG C 282 24.15 -26.88 27.13
CA ARG C 282 25.45 -27.58 27.16
C ARG C 282 26.71 -26.67 27.03
N GLN C 283 26.60 -25.37 27.29
CA GLN C 283 27.70 -24.44 27.00
C GLN C 283 28.33 -23.85 28.27
N PRO C 284 29.69 -23.82 28.35
CA PRO C 284 30.38 -23.35 29.56
C PRO C 284 30.21 -21.86 29.89
N GLN C 285 29.97 -21.02 28.88
CA GLN C 285 29.80 -19.57 29.10
C GLN C 285 28.44 -19.16 29.70
N VAL C 286 27.44 -20.05 29.62
CA VAL C 286 26.05 -19.76 30.07
C VAL C 286 25.84 -20.12 31.55
N GLU C 287 25.24 -19.19 32.30
CA GLU C 287 24.95 -19.37 33.74
C GLU C 287 23.51 -19.88 33.94
N LEU C 288 22.52 -19.12 33.48
CA LEU C 288 21.10 -19.55 33.50
C LEU C 288 20.49 -19.57 32.11
N ILE C 289 19.34 -20.23 32.00
CA ILE C 289 18.49 -20.18 30.80
C ILE C 289 17.03 -20.22 31.23
N HIS C 290 16.24 -19.30 30.70
CA HIS C 290 14.79 -19.39 30.79
C HIS C 290 14.22 -19.76 29.42
N TYR C 291 14.10 -21.05 29.13
CA TYR C 291 13.33 -21.54 27.98
C TYR C 291 12.31 -22.56 28.47
N PRO C 292 10.99 -22.34 28.23
CA PRO C 292 9.92 -23.25 28.70
C PRO C 292 10.00 -24.73 28.27
N GLY C 293 10.74 -25.04 27.20
CA GLY C 293 10.88 -26.40 26.70
C GLY C 293 12.09 -27.18 27.20
N LEU C 294 12.93 -26.56 28.03
CA LEU C 294 14.00 -27.28 28.72
C LEU C 294 13.43 -27.95 29.98
N ALA C 295 13.85 -29.19 30.22
CA ALA C 295 13.51 -29.90 31.47
C ALA C 295 13.90 -29.10 32.71
N SER C 296 15.03 -28.40 32.64
CA SER C 296 15.53 -27.48 33.69
C SER C 296 14.59 -26.34 34.11
N PHE C 297 13.64 -26.00 33.25
CA PHE C 297 12.80 -24.82 33.46
C PHE C 297 11.94 -24.94 34.71
N PRO C 298 12.09 -24.01 35.68
CA PRO C 298 11.42 -24.12 36.99
C PRO C 298 9.90 -24.25 36.95
N GLN C 299 9.24 -23.68 35.94
CA GLN C 299 7.78 -23.77 35.81
C GLN C 299 7.33 -24.70 34.66
N TYR C 300 8.17 -25.69 34.33
CA TYR C 300 7.97 -26.58 33.18
C TYR C 300 6.56 -27.21 33.12
N THR C 301 6.02 -27.57 34.29
CA THR C 301 4.72 -28.24 34.40
C THR C 301 3.55 -27.30 34.08
N LEU C 302 3.62 -26.08 34.60
CA LEU C 302 2.60 -25.06 34.34
C LEU C 302 2.61 -24.58 32.88
N ALA C 303 3.81 -24.46 32.32
CA ALA C 303 3.99 -24.12 30.90
C ALA C 303 3.31 -25.13 29.97
N ARG C 304 3.36 -26.41 30.32
CA ARG C 304 2.75 -27.47 29.49
C ARG C 304 1.22 -27.57 29.60
N GLN C 305 0.64 -27.16 30.73
CA GLN C 305 -0.82 -27.15 30.89
C GLN C 305 -1.47 -26.00 30.09
N GLN C 306 -0.71 -24.94 29.79
CA GLN C 306 -1.24 -23.74 29.12
C GLN C 306 -0.76 -23.56 27.66
N MET C 307 0.53 -23.75 27.40
CA MET C 307 1.13 -23.63 26.06
C MET C 307 1.30 -24.99 25.38
N SER C 308 0.82 -25.12 24.14
CA SER C 308 1.01 -26.37 23.37
C SER C 308 2.46 -26.56 22.86
N GLN C 309 3.22 -25.48 22.71
CA GLN C 309 4.66 -25.58 22.38
C GLN C 309 5.39 -24.53 23.21
N PRO C 310 6.71 -24.68 23.40
CA PRO C 310 7.46 -23.78 24.29
C PRO C 310 7.79 -22.36 23.75
N GLY C 311 7.46 -22.06 22.50
CA GLY C 311 7.62 -20.68 21.95
C GLY C 311 8.96 -20.36 21.32
N GLY C 312 9.06 -19.14 20.81
CA GLY C 312 10.20 -18.70 20.02
C GLY C 312 11.26 -17.89 20.74
N MET C 313 11.02 -17.54 22.01
CA MET C 313 11.89 -16.66 22.80
C MET C 313 12.80 -17.41 23.77
N ILE C 314 14.07 -17.03 23.81
CA ILE C 314 15.02 -17.53 24.81
C ILE C 314 15.62 -16.34 25.55
N ALA C 315 15.75 -16.48 26.88
CA ALA C 315 16.52 -15.56 27.73
C ALA C 315 17.66 -16.33 28.40
N PHE C 316 18.82 -15.71 28.52
CA PHE C 316 19.95 -16.33 29.22
C PHE C 316 20.95 -15.30 29.74
N GLU C 317 21.73 -15.71 30.75
CA GLU C 317 22.85 -14.91 31.27
C GLU C 317 24.16 -15.58 30.89
N LEU C 318 25.21 -14.78 30.76
CA LEU C 318 26.58 -15.28 30.55
C LEU C 318 27.42 -15.09 31.82
N LYS C 319 28.35 -16.02 32.04
CA LYS C 319 29.41 -15.83 33.03
C LYS C 319 30.39 -14.83 32.41
N GLY C 320 30.63 -13.73 33.12
CA GLY C 320 31.22 -12.53 32.53
C GLY C 320 30.28 -11.34 32.67
N GLY C 321 28.98 -11.62 32.84
CA GLY C 321 27.99 -10.60 33.20
C GLY C 321 27.65 -9.62 32.08
N ILE C 322 27.73 -8.33 32.37
CA ILE C 322 27.46 -7.25 31.41
C ILE C 322 28.56 -7.09 30.34
N GLY C 323 29.80 -7.36 30.70
CA GLY C 323 30.93 -7.29 29.77
C GLY C 323 30.83 -8.30 28.65
N ALA C 324 30.59 -9.57 29.02
CA ALA C 324 30.41 -10.64 28.02
C ALA C 324 29.14 -10.45 27.17
N GLY C 325 28.10 -9.87 27.78
CA GLY C 325 26.90 -9.44 27.06
C GLY C 325 27.22 -8.63 25.82
N ARG C 326 27.94 -7.52 26.01
CA ARG C 326 28.32 -6.64 24.91
C ARG C 326 29.11 -7.35 23.82
N ARG C 327 30.11 -8.13 24.23
CA ARG C 327 31.00 -8.80 23.29
C ARG C 327 30.27 -9.88 22.50
N PHE C 328 29.33 -10.57 23.15
CA PHE C 328 28.49 -11.59 22.48
C PHE C 328 27.64 -10.94 21.39
N MET C 329 26.93 -9.89 21.75
CA MET C 329 25.97 -9.20 20.88
C MET C 329 26.63 -8.52 19.71
N ASN C 330 27.72 -7.82 19.98
CA ASN C 330 28.45 -7.10 18.96
C ASN C 330 29.15 -8.04 17.99
N ALA C 331 29.36 -9.29 18.40
CA ALA C 331 29.93 -10.32 17.54
C ALA C 331 28.93 -11.09 16.65
N LEU C 332 27.64 -10.94 16.88
CA LEU C 332 26.62 -11.60 16.05
C LEU C 332 26.62 -11.04 14.63
N GLN C 333 26.64 -11.94 13.65
CA GLN C 333 26.68 -11.58 12.24
C GLN C 333 25.39 -11.89 11.46
N LEU C 334 24.50 -12.73 12.02
CA LEU C 334 23.26 -13.16 11.35
C LEU C 334 22.03 -12.73 12.18
N PHE C 335 22.04 -13.06 13.48
CA PHE C 335 21.20 -12.36 14.45
C PHE C 335 21.47 -10.86 14.29
N SER C 336 20.43 -10.05 14.43
CA SER C 336 20.55 -8.60 14.44
C SER C 336 20.30 -8.06 15.84
N ARG C 337 21.04 -7.02 16.20
CA ARG C 337 20.87 -6.33 17.47
C ARG C 337 19.71 -5.37 17.33
N ALA C 338 18.56 -5.74 17.88
CA ALA C 338 17.38 -4.90 17.83
C ALA C 338 16.42 -5.30 18.93
N VAL C 339 15.53 -4.38 19.30
CA VAL C 339 14.35 -4.74 20.09
C VAL C 339 13.29 -5.29 19.14
N SER C 340 12.20 -5.79 19.71
CA SER C 340 11.11 -6.51 19.02
C SER C 340 11.38 -8.02 18.96
N LEU C 341 10.34 -8.73 18.57
CA LEU C 341 10.39 -10.17 18.45
C LEU C 341 9.31 -10.64 17.48
N GLY C 342 9.38 -11.92 17.13
CA GLY C 342 8.36 -12.56 16.34
C GLY C 342 8.42 -12.23 14.87
N ASP C 343 9.62 -11.95 14.40
CA ASP C 343 9.89 -11.63 13.01
C ASP C 343 10.63 -12.80 12.37
N ALA C 344 10.52 -12.91 11.05
CA ALA C 344 11.26 -13.90 10.29
C ALA C 344 12.77 -13.84 10.56
N GLU C 345 13.27 -12.62 10.78
CA GLU C 345 14.68 -12.38 11.15
C GLU C 345 14.92 -12.67 12.63
N SER C 346 16.07 -13.27 12.92
CA SER C 346 16.48 -13.53 14.29
C SER C 346 17.00 -12.26 14.94
N LEU C 347 16.49 -11.94 16.14
CA LEU C 347 16.86 -10.72 16.87
C LEU C 347 17.43 -10.98 18.28
N ALA C 348 18.37 -10.15 18.71
CA ALA C 348 18.99 -10.21 20.04
C ALA C 348 18.95 -8.85 20.72
N SER C 349 18.69 -8.83 22.03
CA SER C 349 18.56 -7.58 22.80
C SER C 349 19.02 -7.72 24.26
N HIS C 350 19.34 -6.57 24.88
CA HIS C 350 19.72 -6.44 26.31
C HIS C 350 18.63 -5.59 27.03
N PRO C 351 17.65 -6.25 27.69
CA PRO C 351 16.44 -5.51 28.13
C PRO C 351 16.59 -4.31 29.09
N ALA C 352 17.67 -4.26 29.89
CA ALA C 352 17.84 -3.19 30.89
C ALA C 352 18.15 -1.82 30.28
N SER C 353 19.01 -1.80 29.25
CA SER C 353 19.37 -0.57 28.54
C SER C 353 18.42 -0.23 27.38
N MET C 354 17.57 -1.16 26.97
CA MET C 354 16.78 -1.03 25.74
C MET C 354 15.25 -1.13 25.96
N THR C 355 14.70 -2.35 26.00
CA THR C 355 13.24 -2.58 26.02
C THR C 355 12.57 -2.20 27.35
N HIS C 356 13.35 -2.28 28.44
CA HIS C 356 12.91 -1.91 29.78
C HIS C 356 13.81 -0.78 30.34
N SER C 357 14.06 0.25 29.52
CA SER C 357 14.87 1.42 29.92
C SER C 357 14.06 2.53 30.62
N SER C 358 12.74 2.33 30.71
CA SER C 358 11.87 3.14 31.57
C SER C 358 12.07 2.82 33.07
N TYR C 359 12.42 1.57 33.37
CA TYR C 359 12.80 1.14 34.73
C TYR C 359 14.14 1.78 35.15
N THR C 360 14.21 2.26 36.41
CA THR C 360 15.49 2.69 37.02
C THR C 360 16.32 1.45 37.45
N PRO C 361 17.61 1.63 37.81
CA PRO C 361 18.41 0.49 38.31
C PRO C 361 17.83 -0.28 39.52
N GLU C 362 17.10 0.41 40.40
CA GLU C 362 16.41 -0.22 41.53
C GLU C 362 15.16 -1.00 41.06
N GLU C 363 14.38 -0.39 40.16
CA GLU C 363 13.15 -1.02 39.61
C GLU C 363 13.48 -2.22 38.72
N ARG C 364 14.59 -2.13 37.98
CA ARG C 364 15.24 -3.27 37.31
C ARG C 364 15.41 -4.47 38.27
N ALA C 365 16.10 -4.25 39.38
CA ALA C 365 16.38 -5.32 40.37
C ALA C 365 15.13 -5.78 41.12
N HIS C 366 14.31 -4.83 41.59
CA HIS C 366 13.04 -5.11 42.32
C HIS C 366 12.18 -6.13 41.57
N TYR C 367 11.92 -5.86 40.28
CA TYR C 367 11.06 -6.71 39.44
C TYR C 367 11.87 -7.61 38.46
N GLY C 368 12.75 -8.45 39.03
CA GLY C 368 13.42 -9.56 38.32
C GLY C 368 14.07 -9.37 36.95
N ILE C 369 14.57 -8.15 36.67
CA ILE C 369 15.27 -7.85 35.39
C ILE C 369 16.78 -7.81 35.65
N SER C 370 17.51 -8.72 35.01
CA SER C 370 18.87 -9.09 35.44
C SER C 370 20.00 -8.21 34.85
N GLU C 371 21.24 -8.59 35.15
CA GLU C 371 22.45 -7.82 34.83
C GLU C 371 22.98 -8.16 33.43
N GLY C 372 23.40 -9.42 33.26
CA GLY C 372 23.97 -9.89 32.00
C GLY C 372 22.97 -10.69 31.17
N LEU C 373 21.69 -10.31 31.21
CA LEU C 373 20.63 -11.06 30.52
C LEU C 373 20.49 -10.66 29.05
N VAL C 374 20.60 -11.65 28.16
CA VAL C 374 20.44 -11.47 26.71
C VAL C 374 19.19 -12.24 26.27
N ARG C 375 18.24 -11.53 25.66
CA ARG C 375 17.02 -12.12 25.13
C ARG C 375 17.20 -12.38 23.64
N LEU C 376 16.83 -13.58 23.18
CA LEU C 376 16.84 -13.92 21.77
C LEU C 376 15.42 -14.16 21.31
N SER C 377 15.04 -13.54 20.18
CA SER C 377 13.82 -13.89 19.44
C SER C 377 14.28 -14.73 18.28
N VAL C 378 14.00 -16.03 18.32
CA VAL C 378 14.56 -16.95 17.33
C VAL C 378 13.66 -16.85 16.09
N GLY C 379 14.29 -16.61 14.95
CA GLY C 379 13.63 -16.41 13.67
C GLY C 379 13.46 -17.70 12.91
N LEU C 380 13.27 -17.56 11.60
CA LEU C 380 12.95 -18.66 10.71
C LEU C 380 14.11 -19.11 9.85
N GLU C 381 15.32 -18.60 10.10
CA GLU C 381 16.52 -18.98 9.32
C GLU C 381 16.86 -20.45 9.55
N ASP C 382 17.72 -21.00 8.69
CA ASP C 382 18.27 -22.35 8.85
C ASP C 382 18.98 -22.43 10.21
N ILE C 383 18.58 -23.42 11.00
CA ILE C 383 19.14 -23.63 12.34
C ILE C 383 20.68 -23.77 12.36
N ASP C 384 21.25 -24.49 11.40
CA ASP C 384 22.72 -24.64 11.31
C ASP C 384 23.43 -23.28 11.26
N ASP C 385 22.85 -22.33 10.51
CA ASP C 385 23.41 -20.98 10.38
C ASP C 385 23.24 -20.20 11.68
N LEU C 386 22.09 -20.34 12.31
CA LEU C 386 21.85 -19.70 13.60
C LEU C 386 22.81 -20.26 14.67
N LEU C 387 22.95 -21.59 14.68
CA LEU C 387 23.90 -22.28 15.56
C LEU C 387 25.33 -21.78 15.38
N ALA C 388 25.82 -21.76 14.13
CA ALA C 388 27.17 -21.27 13.85
C ALA C 388 27.39 -19.86 14.37
N ASP C 389 26.38 -19.01 14.18
CA ASP C 389 26.44 -17.61 14.59
C ASP C 389 26.50 -17.47 16.11
N VAL C 390 25.64 -18.19 16.81
CA VAL C 390 25.62 -18.18 18.29
C VAL C 390 26.94 -18.79 18.80
N GLN C 391 27.35 -19.90 18.19
CA GLN C 391 28.64 -20.53 18.51
C GLN C 391 29.81 -19.53 18.45
N GLN C 392 30.03 -18.91 17.29
CA GLN C 392 31.16 -17.97 17.13
C GLN C 392 31.06 -16.73 18.03
N ALA C 393 29.83 -16.35 18.39
CA ALA C 393 29.59 -15.23 19.28
C ALA C 393 29.91 -15.54 20.73
N LEU C 394 29.76 -16.80 21.13
CA LEU C 394 30.19 -17.24 22.46
C LEU C 394 31.71 -17.21 22.59
N LYS C 395 32.42 -17.70 21.57
CA LYS C 395 33.89 -17.63 21.52
C LYS C 395 34.41 -16.20 21.65
N ALA C 396 33.73 -15.27 20.97
CA ALA C 396 34.10 -13.85 20.98
C ALA C 396 33.82 -13.15 22.32
N SER C 397 32.97 -13.73 23.16
CA SER C 397 32.61 -13.12 24.45
C SER C 397 33.53 -13.44 25.66
N ALA C 398 34.63 -14.15 25.41
CA ALA C 398 35.56 -14.56 26.50
C ALA C 398 36.24 -13.39 27.24
N LEU D 7 13.19 32.20 3.11
CA LEU D 7 12.12 31.17 3.31
C LEU D 7 11.33 30.93 2.02
N PRO D 8 11.46 29.72 1.42
CA PRO D 8 10.63 29.36 0.26
C PRO D 8 9.14 29.46 0.56
N GLY D 9 8.36 29.62 -0.51
CA GLY D 9 6.92 29.77 -0.39
C GLY D 9 6.27 28.52 0.16
N PHE D 10 5.04 28.66 0.65
CA PHE D 10 4.27 27.57 1.26
C PHE D 10 4.23 26.33 0.36
N ALA D 11 3.94 26.54 -0.91
CA ALA D 11 3.81 25.46 -1.88
C ALA D 11 5.14 24.76 -2.11
N THR D 12 6.21 25.52 -2.10
CA THR D 12 7.54 24.92 -2.21
C THR D 12 7.88 24.03 -1.01
N ARG D 13 7.50 24.49 0.17
CA ARG D 13 7.82 23.74 1.39
C ARG D 13 6.93 22.49 1.55
N ALA D 14 5.65 22.62 1.16
CA ALA D 14 4.72 21.49 1.17
C ALA D 14 5.16 20.35 0.27
N ILE D 15 5.96 20.66 -0.74
CA ILE D 15 6.49 19.70 -1.68
C ILE D 15 7.89 19.20 -1.34
N HIS D 16 8.74 20.07 -0.81
CA HIS D 16 10.18 19.79 -0.68
C HIS D 16 10.76 19.71 0.73
N HIS D 17 10.19 20.42 1.71
CA HIS D 17 10.87 20.65 2.97
C HIS D 17 11.26 19.33 3.67
N GLY D 18 12.52 19.28 4.10
CA GLY D 18 13.07 18.19 4.91
C GLY D 18 13.58 17.01 4.11
N TYR D 19 13.52 17.10 2.78
CA TYR D 19 13.92 15.97 1.95
C TYR D 19 14.89 16.42 0.87
N ASP D 20 16.01 15.73 0.78
CA ASP D 20 16.93 15.86 -0.34
C ASP D 20 17.04 14.45 -0.93
N PRO D 21 16.59 14.26 -2.19
CA PRO D 21 16.74 12.99 -2.90
C PRO D 21 18.15 12.36 -2.84
N GLN D 22 19.16 13.23 -2.80
CA GLN D 22 20.58 12.83 -2.73
C GLN D 22 20.97 11.97 -1.51
N ASP D 23 20.20 12.04 -0.41
CA ASP D 23 20.45 11.17 0.76
C ASP D 23 19.78 9.79 0.68
N HIS D 24 18.93 9.56 -0.33
CA HIS D 24 18.17 8.31 -0.45
C HIS D 24 18.27 7.76 -1.87
N GLY D 25 19.52 7.60 -2.33
CA GLY D 25 19.84 7.01 -3.61
C GLY D 25 19.40 7.79 -4.84
N GLY D 26 19.09 9.08 -4.67
CA GLY D 26 18.48 9.88 -5.72
C GLY D 26 16.96 9.83 -5.80
N ALA D 27 16.30 9.04 -4.96
CA ALA D 27 14.85 8.83 -5.11
C ALA D 27 14.07 10.15 -5.02
N LEU D 28 13.27 10.47 -6.05
CA LEU D 28 12.51 11.73 -6.08
C LEU D 28 11.48 11.73 -4.98
N VAL D 29 10.75 10.63 -4.83
CA VAL D 29 9.82 10.46 -3.72
C VAL D 29 10.57 9.71 -2.60
N PRO D 30 10.45 10.16 -1.34
CA PRO D 30 11.06 9.43 -0.21
C PRO D 30 10.59 7.96 -0.12
N PRO D 31 11.54 7.00 -0.02
CA PRO D 31 11.12 5.62 0.20
C PRO D 31 10.29 5.47 1.46
N VAL D 32 9.37 4.51 1.45
CA VAL D 32 8.49 4.29 2.59
C VAL D 32 9.11 3.27 3.55
N TYR D 33 9.34 3.72 4.78
CA TYR D 33 9.97 2.93 5.83
C TYR D 33 8.89 2.12 6.55
N GLN D 34 8.33 1.15 5.82
CA GLN D 34 7.30 0.27 6.34
C GLN D 34 8.00 -0.81 7.16
N THR D 35 8.47 -0.42 8.34
CA THR D 35 9.22 -1.32 9.23
C THR D 35 8.95 -0.99 10.69
N ALA D 36 8.72 -2.01 11.49
CA ALA D 36 8.41 -1.87 12.91
C ALA D 36 9.65 -1.55 13.73
N THR D 37 10.76 -2.22 13.45
CA THR D 37 11.99 -2.05 14.23
C THR D 37 13.22 -1.74 13.37
N PHE D 38 14.25 -1.22 14.03
CA PHE D 38 15.53 -0.80 13.44
C PHE D 38 16.68 -1.43 14.23
N THR D 39 17.70 -1.92 13.53
CA THR D 39 18.80 -2.63 14.14
C THR D 39 19.94 -1.67 14.47
N PHE D 40 20.88 -2.13 15.31
CA PHE D 40 22.05 -1.34 15.73
C PHE D 40 23.35 -2.04 15.33
N PRO D 41 24.42 -1.26 15.01
CA PRO D 41 25.73 -1.86 14.74
C PRO D 41 26.47 -2.35 16.00
N THR D 42 26.23 -1.71 17.14
CA THR D 42 26.70 -2.17 18.44
C THR D 42 25.60 -1.93 19.51
N VAL D 43 25.70 -2.61 20.64
CA VAL D 43 24.74 -2.38 21.74
C VAL D 43 24.98 -1.04 22.45
N GLU D 44 26.20 -0.53 22.41
CA GLU D 44 26.48 0.81 22.95
C GLU D 44 25.89 1.93 22.07
N TYR D 45 25.88 1.73 20.74
CA TYR D 45 25.13 2.60 19.81
C TYR D 45 23.62 2.54 20.13
N GLY D 46 23.11 1.33 20.36
CA GLY D 46 21.74 1.11 20.78
C GLY D 46 21.38 1.76 22.11
N ALA D 47 22.26 1.63 23.10
CA ALA D 47 22.08 2.26 24.43
C ALA D 47 22.01 3.78 24.34
N ALA D 48 22.88 4.35 23.49
CA ALA D 48 22.90 5.80 23.25
C ALA D 48 21.59 6.31 22.63
N CYS D 49 20.98 5.52 21.72
CA CYS D 49 19.70 5.88 21.09
C CYS D 49 18.54 5.94 22.08
N PHE D 50 18.46 4.93 22.95
CA PHE D 50 17.42 4.88 23.99
C PHE D 50 17.57 6.01 25.01
N ALA D 51 18.81 6.44 25.28
CA ALA D 51 19.10 7.53 26.24
C ALA D 51 18.90 8.94 25.67
N GLY D 52 18.70 9.05 24.35
CA GLY D 52 18.71 10.34 23.66
C GLY D 52 20.11 10.82 23.27
N GLU D 53 21.15 10.11 23.71
CA GLU D 53 22.54 10.54 23.51
C GLU D 53 23.03 10.39 22.06
N GLN D 54 22.34 9.56 21.27
CA GLN D 54 22.64 9.35 19.85
C GLN D 54 21.37 9.58 19.03
N ALA D 55 21.50 10.34 17.94
CA ALA D 55 20.42 10.53 16.99
C ALA D 55 20.32 9.27 16.13
N GLY D 56 19.23 8.53 16.28
CA GLY D 56 19.00 7.30 15.54
C GLY D 56 17.64 6.70 15.81
N HIS D 57 17.34 5.61 15.08
CA HIS D 57 16.05 4.95 15.17
C HIS D 57 16.11 3.59 15.82
N PHE D 58 15.08 3.26 16.59
CA PHE D 58 14.94 1.93 17.23
C PHE D 58 13.59 1.20 17.01
N TYR D 59 12.49 1.93 17.05
CA TYR D 59 11.16 1.30 17.03
C TYR D 59 10.13 2.33 16.61
N SER D 60 9.25 1.95 15.69
CA SER D 60 8.40 2.92 14.98
C SER D 60 7.29 3.58 15.83
N ARG D 61 6.86 2.95 16.93
CA ARG D 61 5.88 3.60 17.82
C ARG D 61 6.44 4.91 18.40
N ILE D 62 7.75 4.95 18.66
CA ILE D 62 8.41 6.14 19.22
C ILE D 62 8.70 7.10 18.08
N SER D 63 9.38 6.61 17.05
CA SER D 63 9.78 7.43 15.91
C SER D 63 10.14 6.59 14.67
N ASN D 64 9.88 7.12 13.48
CA ASN D 64 10.13 6.43 12.19
C ASN D 64 10.45 7.48 11.11
N PRO D 65 11.45 7.22 10.23
CA PRO D 65 11.90 8.25 9.25
C PRO D 65 10.86 8.81 8.25
N THR D 66 9.95 7.98 7.74
CA THR D 66 8.80 8.47 6.96
C THR D 66 7.90 9.40 7.77
N LEU D 67 7.53 8.96 8.96
CA LEU D 67 6.81 9.80 9.90
C LEU D 67 7.58 11.07 10.28
N ASN D 68 8.89 10.98 10.47
CA ASN D 68 9.69 12.18 10.78
C ASN D 68 9.69 13.23 9.68
N LEU D 69 9.68 12.78 8.43
CA LEU D 69 9.63 13.71 7.30
C LEU D 69 8.28 14.44 7.29
N LEU D 70 7.19 13.69 7.48
CA LEU D 70 5.85 14.25 7.59
C LEU D 70 5.76 15.30 8.69
N GLU D 71 6.34 14.95 9.83
CA GLU D 71 6.36 15.77 11.02
C GLU D 71 7.13 17.07 10.78
N ALA D 72 8.31 16.95 10.19
CA ALA D 72 9.16 18.12 9.91
C ALA D 72 8.49 19.08 8.94
N ARG D 73 7.87 18.49 7.91
CA ARG D 73 7.17 19.25 6.89
C ARG D 73 5.98 19.98 7.47
N MET D 74 5.17 19.27 8.27
CA MET D 74 4.00 19.89 8.92
C MET D 74 4.40 21.01 9.85
N ALA D 75 5.49 20.82 10.60
CA ALA D 75 5.99 21.85 11.50
C ALA D 75 6.40 23.10 10.73
N SER D 76 7.17 22.94 9.66
CA SER D 76 7.45 24.03 8.73
C SER D 76 6.21 24.73 8.20
N LEU D 77 5.20 23.96 7.80
CA LEU D 77 3.97 24.55 7.30
C LEU D 77 3.18 25.30 8.39
N GLU D 78 3.18 24.79 9.62
CA GLU D 78 2.55 25.52 10.75
C GLU D 78 3.49 26.62 11.32
N GLY D 79 4.73 26.65 10.88
CA GLY D 79 5.72 27.60 11.37
C GLY D 79 6.26 27.28 12.75
N GLY D 80 6.06 26.04 13.21
CA GLY D 80 6.53 25.59 14.53
C GLY D 80 7.81 24.78 14.45
N GLU D 81 8.32 24.39 15.61
CA GLU D 81 9.65 23.81 15.75
C GLU D 81 9.64 22.29 15.43
N ALA D 82 8.68 21.57 16.01
CA ALA D 82 8.65 20.13 15.91
C ALA D 82 7.21 19.66 15.65
N GLY D 83 7.09 18.46 15.09
CA GLY D 83 5.79 17.84 14.81
C GLY D 83 5.75 16.40 15.24
N LEU D 84 4.54 15.89 15.49
CA LEU D 84 4.32 14.48 15.78
C LEU D 84 3.15 13.95 14.95
N ALA D 85 3.31 12.78 14.37
CA ALA D 85 2.28 12.13 13.57
C ALA D 85 1.66 11.02 14.39
N LEU D 86 0.33 10.91 14.33
CA LEU D 86 -0.44 9.93 15.09
C LEU D 86 -1.54 9.31 14.24
N ALA D 87 -2.12 8.23 14.73
CA ALA D 87 -3.06 7.40 13.99
C ALA D 87 -4.42 8.06 13.75
N SER D 88 -4.73 9.12 14.45
CA SER D 88 -5.97 9.87 14.21
C SER D 88 -5.91 11.23 14.84
N GLY D 89 -6.83 12.09 14.41
CA GLY D 89 -7.09 13.36 15.10
C GLY D 89 -7.35 13.18 16.58
N MET D 90 -8.13 12.16 16.93
CA MET D 90 -8.38 11.90 18.34
C MET D 90 -7.11 11.44 19.03
N GLY D 91 -6.30 10.67 18.29
CA GLY D 91 -4.95 10.32 18.70
C GLY D 91 -4.07 11.51 19.01
N ALA D 92 -4.17 12.57 18.22
CA ALA D 92 -3.45 13.83 18.48
C ALA D 92 -3.91 14.54 19.74
N ILE D 93 -5.23 14.64 19.88
CA ILE D 93 -5.86 15.36 20.97
C ILE D 93 -5.65 14.63 22.32
N THR D 94 -5.87 13.33 22.36
CA THR D 94 -5.76 12.57 23.58
C THR D 94 -4.30 12.43 24.02
N SER D 95 -3.43 12.03 23.09
CA SER D 95 -2.00 11.99 23.36
C SER D 95 -1.56 13.33 23.97
N THR D 96 -1.96 14.44 23.36
CA THR D 96 -1.59 15.78 23.86
C THR D 96 -2.07 16.04 25.30
N LEU D 97 -3.37 15.86 25.55
CA LEU D 97 -3.97 16.27 26.82
C LEU D 97 -3.64 15.35 27.98
N TRP D 98 -3.58 14.04 27.73
CA TRP D 98 -3.08 13.09 28.73
C TRP D 98 -1.70 13.48 29.22
N THR D 99 -0.84 14.02 28.37
CA THR D 99 0.53 14.31 28.82
C THR D 99 0.61 15.66 29.53
N LEU D 100 -0.32 16.57 29.23
CA LEU D 100 -0.29 17.92 29.81
C LEU D 100 -1.07 18.08 31.10
N LEU D 101 -2.03 17.19 31.36
CA LEU D 101 -2.96 17.36 32.45
C LEU D 101 -2.85 16.24 33.46
N ARG D 102 -3.12 16.57 34.73
CA ARG D 102 -3.15 15.63 35.85
C ARG D 102 -4.30 16.00 36.79
N PRO D 103 -4.69 15.10 37.70
CA PRO D 103 -5.82 15.41 38.60
C PRO D 103 -5.65 16.74 39.32
N GLY D 104 -6.71 17.53 39.35
CA GLY D 104 -6.67 18.83 39.97
C GLY D 104 -6.30 19.96 39.03
N ASP D 105 -5.68 19.65 37.89
CA ASP D 105 -5.52 20.66 36.84
C ASP D 105 -6.89 21.00 36.26
N GLU D 106 -7.01 22.23 35.77
CA GLU D 106 -8.22 22.68 35.11
C GLU D 106 -7.93 22.99 33.65
N VAL D 107 -8.92 22.70 32.81
CA VAL D 107 -8.82 23.01 31.41
C VAL D 107 -9.99 23.92 31.04
N LEU D 108 -9.68 25.05 30.42
CA LEU D 108 -10.72 25.91 29.87
C LEU D 108 -11.03 25.51 28.41
N LEU D 109 -12.29 25.23 28.13
CA LEU D 109 -12.72 24.70 26.83
C LEU D 109 -13.50 25.71 26.04
N GLY D 110 -13.29 25.78 24.73
CA GLY D 110 -14.19 26.50 23.83
C GLY D 110 -15.64 26.06 24.06
N ASN D 111 -16.59 26.97 23.83
CA ASN D 111 -18.01 26.67 24.10
C ASN D 111 -18.56 25.48 23.30
N THR D 112 -18.12 25.30 22.06
CA THR D 112 -18.57 24.18 21.22
C THR D 112 -17.34 23.42 20.74
N LEU D 113 -17.40 22.10 20.85
CA LEU D 113 -16.31 21.22 20.46
C LEU D 113 -16.84 20.07 19.62
N TYR D 114 -15.95 19.54 18.77
CA TYR D 114 -16.18 18.30 18.05
C TYR D 114 -16.61 17.20 19.04
N GLY D 115 -17.67 16.48 18.68
CA GLY D 115 -18.31 15.46 19.54
C GLY D 115 -17.44 14.48 20.31
N CYS D 116 -16.46 13.88 19.64
CA CYS D 116 -15.59 12.90 20.33
C CYS D 116 -14.60 13.63 21.24
N THR D 117 -14.16 14.83 20.86
CA THR D 117 -13.37 15.67 21.77
C THR D 117 -14.18 15.99 23.05
N PHE D 118 -15.43 16.41 22.85
CA PHE D 118 -16.36 16.65 23.96
C PHE D 118 -16.51 15.42 24.84
N ALA D 119 -16.74 14.26 24.22
CA ALA D 119 -16.89 13.01 24.97
C ALA D 119 -15.60 12.62 25.68
N PHE D 120 -14.47 12.82 25.02
CA PHE D 120 -13.19 12.55 25.65
C PHE D 120 -13.05 13.36 26.93
N LEU D 121 -13.33 14.66 26.83
CA LEU D 121 -13.16 15.55 27.97
C LEU D 121 -14.14 15.24 29.10
N HIS D 122 -15.43 15.25 28.80
CA HIS D 122 -16.46 15.02 29.84
C HIS D 122 -16.61 13.58 30.35
N HIS D 123 -16.44 12.59 29.49
CA HIS D 123 -16.61 11.19 29.92
C HIS D 123 -15.30 10.39 30.04
N GLY D 124 -14.18 10.97 29.61
CA GLY D 124 -12.88 10.30 29.67
C GLY D 124 -11.99 10.98 30.69
N ILE D 125 -11.13 11.89 30.24
CA ILE D 125 -10.15 12.53 31.12
C ILE D 125 -10.79 13.34 32.27
N GLY D 126 -11.99 13.89 32.06
CA GLY D 126 -12.74 14.56 33.15
C GLY D 126 -13.31 13.67 34.25
N GLU D 127 -13.36 12.35 34.01
CA GLU D 127 -13.73 11.33 35.02
C GLU D 127 -12.51 10.79 35.78
N PHE D 128 -11.30 11.22 35.39
CA PHE D 128 -10.06 10.95 36.12
C PHE D 128 -9.56 12.15 36.94
N GLY D 129 -10.48 13.08 37.28
CA GLY D 129 -10.20 14.18 38.23
C GLY D 129 -9.65 15.48 37.65
N VAL D 130 -9.82 15.65 36.34
CA VAL D 130 -9.42 16.89 35.67
C VAL D 130 -10.69 17.73 35.59
N LYS D 131 -10.59 18.98 36.02
CA LYS D 131 -11.74 19.89 36.02
C LYS D 131 -11.87 20.60 34.68
N LEU D 132 -13.11 20.78 34.23
CA LEU D 132 -13.41 21.36 32.94
C LEU D 132 -14.33 22.55 33.16
N ARG D 133 -14.11 23.62 32.41
CA ARG D 133 -15.10 24.68 32.31
C ARG D 133 -15.16 25.17 30.88
N HIS D 134 -16.39 25.35 30.41
CA HIS D 134 -16.63 25.88 29.08
C HIS D 134 -16.79 27.39 29.18
N VAL D 135 -16.19 28.10 28.22
CA VAL D 135 -16.18 29.56 28.15
C VAL D 135 -16.32 30.00 26.69
N ASP D 136 -16.94 31.15 26.47
CA ASP D 136 -16.96 31.76 25.15
C ASP D 136 -15.59 32.40 24.86
N MET D 137 -14.78 31.72 24.06
CA MET D 137 -13.42 32.17 23.71
C MET D 137 -13.33 33.45 22.86
N ALA D 138 -14.47 33.92 22.32
CA ALA D 138 -14.55 35.25 21.66
C ALA D 138 -14.78 36.40 22.64
N ASP D 139 -15.35 36.11 23.81
CA ASP D 139 -15.55 37.10 24.87
C ASP D 139 -14.31 37.09 25.80
N LEU D 140 -13.34 37.95 25.49
CA LEU D 140 -12.05 37.97 26.21
C LEU D 140 -12.15 38.29 27.71
N GLN D 141 -13.13 39.12 28.09
CA GLN D 141 -13.37 39.47 29.50
C GLN D 141 -13.81 38.25 30.28
N ALA D 142 -14.73 37.48 29.70
CA ALA D 142 -15.23 36.26 30.34
C ALA D 142 -14.15 35.20 30.49
N LEU D 143 -13.20 35.14 29.55
CA LEU D 143 -12.07 34.19 29.62
C LEU D 143 -11.18 34.55 30.78
N GLU D 144 -10.74 35.81 30.81
CA GLU D 144 -9.98 36.39 31.93
C GLU D 144 -10.61 36.11 33.28
N ALA D 145 -11.91 36.31 33.38
CA ALA D 145 -12.67 36.06 34.63
C ALA D 145 -12.71 34.59 35.00
N ALA D 146 -12.73 33.71 34.00
CA ALA D 146 -12.74 32.27 34.25
C ALA D 146 -11.38 31.69 34.66
N MET D 147 -10.28 32.41 34.42
CA MET D 147 -8.93 31.92 34.72
C MET D 147 -8.72 31.73 36.21
N THR D 148 -8.13 30.60 36.59
CA THR D 148 -7.76 30.29 37.97
C THR D 148 -6.27 29.92 37.96
N PRO D 149 -5.63 29.79 39.15
CA PRO D 149 -4.24 29.31 39.16
C PRO D 149 -4.09 27.83 38.76
N ALA D 150 -5.15 27.05 38.97
CA ALA D 150 -5.22 25.66 38.51
C ALA D 150 -5.45 25.49 36.98
N THR D 151 -5.69 26.59 36.25
CA THR D 151 -5.90 26.55 34.81
C THR D 151 -4.58 26.25 34.10
N ARG D 152 -4.42 25.00 33.66
CA ARG D 152 -3.19 24.57 32.99
C ARG D 152 -3.28 24.64 31.46
N VAL D 153 -4.48 24.44 30.91
CA VAL D 153 -4.66 24.33 29.45
C VAL D 153 -5.91 25.08 29.02
N ILE D 154 -5.77 25.87 27.96
CA ILE D 154 -6.89 26.43 27.22
C ILE D 154 -6.92 25.68 25.90
N TYR D 155 -8.01 24.96 25.66
CA TYR D 155 -8.21 24.17 24.46
C TYR D 155 -9.43 24.69 23.71
N PHE D 156 -9.28 25.01 22.42
CA PHE D 156 -10.42 25.29 21.56
C PHE D 156 -10.18 24.99 20.07
N GLU D 157 -11.28 25.03 19.32
CA GLU D 157 -11.31 25.03 17.86
C GLU D 157 -11.72 26.40 17.33
N SER D 158 -11.12 26.81 16.23
CA SER D 158 -11.52 28.04 15.57
C SER D 158 -11.26 27.89 14.06
N PRO D 159 -12.29 27.92 13.21
CA PRO D 159 -13.70 27.91 13.60
C PRO D 159 -14.09 26.62 14.31
N ALA D 160 -15.10 26.71 15.16
CA ALA D 160 -15.54 25.57 15.94
C ALA D 160 -16.67 24.85 15.19
N ASN D 161 -16.66 23.52 15.21
CA ASN D 161 -17.74 22.75 14.56
C ASN D 161 -18.91 22.41 15.47
N PRO D 162 -20.16 22.51 14.98
CA PRO D 162 -20.49 22.75 13.57
C PRO D 162 -20.83 24.21 13.18
N ASN D 163 -20.99 25.10 14.16
CA ASN D 163 -21.55 26.45 13.93
C ASN D 163 -20.55 27.58 13.50
N MET D 164 -19.26 27.26 13.36
CA MET D 164 -18.20 28.17 12.83
C MET D 164 -17.78 29.33 13.75
N HIS D 165 -18.07 29.18 15.03
CA HIS D 165 -17.75 30.23 16.00
C HIS D 165 -16.22 30.34 16.13
N MET D 166 -15.75 31.57 16.26
CA MET D 166 -14.35 31.93 16.13
C MET D 166 -13.86 32.30 17.49
N ALA D 167 -12.56 32.21 17.69
CA ALA D 167 -11.91 32.84 18.84
C ALA D 167 -10.78 33.75 18.35
N ASP D 168 -10.57 34.86 19.05
CA ASP D 168 -9.41 35.73 18.85
C ASP D 168 -8.17 35.04 19.44
N ILE D 169 -7.47 34.24 18.63
CA ILE D 169 -6.31 33.46 19.10
C ILE D 169 -5.23 34.32 19.79
N ALA D 170 -4.85 35.44 19.21
CA ALA D 170 -3.81 36.31 19.82
C ALA D 170 -4.27 36.89 21.16
N GLY D 171 -5.55 37.24 21.24
CA GLY D 171 -6.17 37.73 22.46
C GLY D 171 -6.20 36.67 23.53
N VAL D 172 -6.51 35.44 23.14
CA VAL D 172 -6.51 34.31 24.10
C VAL D 172 -5.09 34.02 24.55
N ALA D 173 -4.15 34.05 23.61
CA ALA D 173 -2.75 33.79 23.92
C ALA D 173 -2.21 34.80 24.95
N LYS D 174 -2.57 36.08 24.81
CA LYS D 174 -2.18 37.15 25.75
C LYS D 174 -2.59 36.83 27.19
N ILE D 175 -3.86 36.48 27.37
CA ILE D 175 -4.41 36.08 28.67
C ILE D 175 -3.70 34.83 29.20
N ALA D 176 -3.47 33.86 28.33
CA ALA D 176 -2.71 32.69 28.73
C ALA D 176 -1.28 33.05 29.17
N ARG D 177 -0.61 33.93 28.44
CA ARG D 177 0.71 34.41 28.85
C ARG D 177 0.71 35.10 30.23
N LYS D 178 -0.31 35.93 30.46
CA LYS D 178 -0.47 36.59 31.76
C LYS D 178 -0.57 35.57 32.90
N HIS D 179 -1.53 34.65 32.79
CA HIS D 179 -1.79 33.70 33.87
C HIS D 179 -0.89 32.46 33.91
N GLY D 180 -0.14 32.21 32.83
CA GLY D 180 0.78 31.07 32.74
C GLY D 180 0.18 29.74 32.25
N ALA D 181 -0.77 29.81 31.32
CA ALA D 181 -1.42 28.59 30.78
C ALA D 181 -0.93 28.25 29.36
N THR D 182 -1.04 26.97 29.02
CA THR D 182 -0.71 26.44 27.70
C THR D 182 -1.94 26.52 26.78
N VAL D 183 -1.81 27.15 25.61
CA VAL D 183 -2.90 27.26 24.62
C VAL D 183 -2.75 26.19 23.55
N VAL D 184 -3.79 25.37 23.39
CA VAL D 184 -3.83 24.30 22.40
C VAL D 184 -4.98 24.58 21.44
N VAL D 185 -4.68 24.78 20.16
CA VAL D 185 -5.72 25.07 19.16
C VAL D 185 -5.88 23.91 18.16
N ASP D 186 -7.13 23.49 17.96
CA ASP D 186 -7.48 22.51 16.91
C ASP D 186 -7.69 23.31 15.62
N ASN D 187 -6.71 23.16 14.72
CA ASN D 187 -6.67 23.90 13.47
C ASN D 187 -7.07 23.05 12.24
N THR D 188 -7.87 22.01 12.47
CA THR D 188 -8.28 21.06 11.43
C THR D 188 -8.90 21.80 10.23
N TYR D 189 -9.92 22.60 10.52
CA TYR D 189 -10.74 23.27 9.51
C TYR D 189 -9.96 24.17 8.57
N CYS D 190 -8.99 24.91 9.12
CA CYS D 190 -8.28 25.89 8.33
C CYS D 190 -7.09 25.29 7.60
N THR D 191 -6.36 24.40 8.25
CA THR D 191 -5.03 23.96 7.84
C THR D 191 -4.00 25.10 8.01
N PRO D 192 -2.71 24.75 8.04
CA PRO D 192 -1.65 25.76 8.05
C PRO D 192 -1.67 26.72 6.85
N TYR D 193 -2.35 26.31 5.76
CA TYR D 193 -2.48 27.16 4.60
C TYR D 193 -3.33 28.40 4.82
N LEU D 194 -4.37 28.30 5.64
CA LEU D 194 -5.26 29.45 5.88
C LEU D 194 -5.06 30.14 7.23
N GLN D 195 -4.50 29.44 8.21
CA GLN D 195 -4.44 29.93 9.57
C GLN D 195 -3.32 29.22 10.31
N ARG D 196 -2.52 29.99 11.06
CA ARG D 196 -1.36 29.45 11.76
C ARG D 196 -1.37 29.92 13.20
N PRO D 197 -2.06 29.17 14.07
CA PRO D 197 -2.20 29.60 15.45
C PRO D 197 -0.89 29.73 16.21
N LEU D 198 0.15 29.00 15.84
CA LEU D 198 1.47 29.17 16.49
C LEU D 198 2.04 30.58 16.31
N GLU D 199 1.75 31.18 15.16
CA GLU D 199 2.20 32.52 14.84
C GLU D 199 1.33 33.60 15.51
N LEU D 200 0.31 33.20 16.25
CA LEU D 200 -0.55 34.12 17.00
C LEU D 200 -0.50 33.80 18.50
N GLY D 201 0.58 33.16 18.96
CA GLY D 201 0.82 32.93 20.38
C GLY D 201 0.42 31.59 20.96
N ALA D 202 -0.33 30.76 20.22
CA ALA D 202 -0.64 29.41 20.69
C ALA D 202 0.64 28.59 20.82
N ASP D 203 0.63 27.61 21.73
CA ASP D 203 1.78 26.75 22.01
C ASP D 203 1.73 25.44 21.21
N LEU D 204 0.54 24.87 21.06
CA LEU D 204 0.34 23.65 20.31
C LEU D 204 -0.85 23.77 19.36
N VAL D 205 -0.73 23.12 18.21
CA VAL D 205 -1.85 22.97 17.28
C VAL D 205 -2.03 21.48 16.99
N VAL D 206 -3.29 21.06 16.91
CA VAL D 206 -3.63 19.67 16.61
C VAL D 206 -4.49 19.66 15.35
N HIS D 207 -4.34 18.60 14.55
CA HIS D 207 -5.20 18.38 13.39
C HIS D 207 -5.69 16.95 13.37
N SER D 208 -6.93 16.79 12.92
CA SER D 208 -7.36 15.59 12.23
C SER D 208 -6.83 15.71 10.81
N ALA D 209 -5.68 15.07 10.55
CA ALA D 209 -5.13 15.03 9.20
C ALA D 209 -5.97 14.14 8.28
N THR D 210 -6.90 13.39 8.85
CA THR D 210 -7.93 12.70 8.10
C THR D 210 -8.67 13.62 7.13
N1 LLP D 211 -11.33 17.50 15.63
C2 LLP D 211 -12.01 18.02 14.59
C2' LLP D 211 -12.32 19.48 14.53
C3 LLP D 211 -12.46 17.12 13.50
O3 LLP D 211 -13.15 17.59 12.44
C4 LLP D 211 -12.14 15.67 13.59
C4' LLP D 211 -12.53 14.67 12.49
C5 LLP D 211 -11.38 15.25 14.81
C6 LLP D 211 -11.01 16.21 15.76
C5' LLP D 211 -10.98 13.81 15.06
OP4 LLP D 211 -10.17 13.33 14.00
P LLP D 211 -10.10 11.78 13.62
OP1 LLP D 211 -8.93 11.70 12.65
OP2 LLP D 211 -11.47 11.53 13.06
OP3 LLP D 211 -9.85 11.16 14.96
N LLP D 211 -8.79 14.91 7.45
CA LLP D 211 -9.59 15.87 6.68
CB LLP D 211 -10.26 16.84 7.68
CG LLP D 211 -10.87 16.21 8.94
CD LLP D 211 -11.77 15.02 8.70
CE LLP D 211 -12.31 14.35 9.97
NZ LLP D 211 -12.64 15.20 11.12
C LLP D 211 -8.78 16.53 5.55
O LLP D 211 -8.26 15.83 4.68
N TYR D 212 -8.65 17.86 5.53
CA TYR D 212 -8.04 18.57 4.39
C TYR D 212 -6.59 18.22 4.11
N LEU D 213 -5.81 17.84 5.11
CA LEU D 213 -4.38 17.62 4.86
C LEU D 213 -4.18 16.42 3.94
N SER D 214 -4.87 15.32 4.26
CA SER D 214 -5.02 14.18 3.34
C SER D 214 -5.72 14.59 2.07
N GLY D 215 -6.90 15.17 2.21
CA GLY D 215 -7.68 15.70 1.09
C GLY D 215 -8.48 14.70 0.26
N HIS D 216 -8.20 13.40 0.40
CA HIS D 216 -8.75 12.36 -0.47
C HIS D 216 -9.53 11.24 0.25
N GLY D 217 -9.72 11.33 1.55
CA GLY D 217 -10.61 10.44 2.30
C GLY D 217 -10.14 9.02 2.52
N ASP D 218 -8.85 8.74 2.31
CA ASP D 218 -8.36 7.37 2.31
C ASP D 218 -7.47 6.99 3.51
N ILE D 219 -7.19 7.94 4.40
CA ILE D 219 -6.43 7.64 5.60
C ILE D 219 -7.07 8.28 6.83
N THR D 220 -6.80 7.70 7.98
CA THR D 220 -7.08 8.37 9.24
C THR D 220 -5.71 8.75 9.81
N ALA D 221 -5.59 9.98 10.33
CA ALA D 221 -4.31 10.48 10.84
C ALA D 221 -4.45 11.77 11.65
N GLY D 222 -3.44 11.99 12.49
CA GLY D 222 -3.38 13.19 13.34
C GLY D 222 -2.01 13.82 13.37
N ILE D 223 -1.99 15.13 13.61
CA ILE D 223 -0.75 15.87 13.69
C ILE D 223 -0.79 16.74 14.93
N VAL D 224 0.34 16.79 15.65
CA VAL D 224 0.59 17.81 16.68
C VAL D 224 1.83 18.58 16.22
N VAL D 225 1.74 19.93 16.27
CA VAL D 225 2.91 20.81 16.04
C VAL D 225 3.05 21.80 17.21
N GLY D 226 4.28 22.01 17.64
CA GLY D 226 4.59 23.02 18.67
C GLY D 226 6.07 23.06 18.91
N SER D 227 6.46 23.43 20.12
CA SER D 227 7.88 23.48 20.51
C SER D 227 8.48 22.07 20.63
N GLN D 228 9.78 21.95 20.36
CA GLN D 228 10.50 20.69 20.62
C GLN D 228 10.21 20.16 22.01
N ALA D 229 10.28 21.04 23.01
CA ALA D 229 10.04 20.66 24.40
C ALA D 229 8.69 19.96 24.60
N LEU D 230 7.60 20.59 24.17
CA LEU D 230 6.26 20.02 24.33
C LEU D 230 6.03 18.78 23.47
N VAL D 231 6.47 18.81 22.22
CA VAL D 231 6.23 17.68 21.33
C VAL D 231 7.03 16.44 21.81
N ASP D 232 8.27 16.63 22.26
CA ASP D 232 9.04 15.53 22.88
C ASP D 232 8.30 14.85 24.05
N ARG D 233 7.68 15.64 24.90
CA ARG D 233 6.87 15.08 25.98
C ARG D 233 5.66 14.31 25.44
N ILE D 234 4.95 14.86 24.44
CA ILE D 234 3.77 14.19 23.91
C ILE D 234 4.17 12.88 23.22
N ARG D 235 5.26 12.90 22.48
CA ARG D 235 5.83 11.68 21.89
C ARG D 235 6.18 10.60 22.93
N LEU D 236 7.01 10.97 23.91
CA LEU D 236 7.58 10.00 24.87
C LEU D 236 6.65 9.58 26.01
N GLN D 237 5.52 10.26 26.17
CA GLN D 237 4.55 9.94 27.24
C GLN D 237 3.14 9.68 26.70
N GLY D 238 2.54 10.66 26.07
CA GLY D 238 1.20 10.52 25.51
C GLY D 238 1.09 9.44 24.45
N LEU D 239 2.02 9.45 23.47
CA LEU D 239 1.99 8.46 22.39
C LEU D 239 2.57 7.11 22.84
N LYS D 240 3.81 7.14 23.35
CA LYS D 240 4.56 5.94 23.73
C LYS D 240 3.81 5.09 24.76
N ASP D 241 3.29 5.73 25.80
CA ASP D 241 2.73 5.02 26.96
C ASP D 241 1.19 5.10 27.09
N MET D 242 0.57 6.22 26.74
CA MET D 242 -0.84 6.44 27.12
C MET D 242 -1.93 6.23 26.05
N THR D 243 -1.57 6.28 24.77
CA THR D 243 -2.55 6.01 23.67
C THR D 243 -2.12 4.94 22.68
N GLY D 244 -0.82 4.87 22.37
CA GLY D 244 -0.29 3.97 21.37
C GLY D 244 -0.90 4.25 20.00
N ALA D 245 -1.27 5.49 19.74
CA ALA D 245 -1.86 5.86 18.46
C ALA D 245 -0.77 6.10 17.41
N VAL D 246 -0.18 5.01 16.95
CA VAL D 246 0.90 5.05 15.98
C VAL D 246 0.33 5.19 14.56
N LEU D 247 0.88 6.13 13.80
CA LEU D 247 0.53 6.25 12.38
C LEU D 247 1.32 5.26 11.52
N SER D 248 0.60 4.58 10.63
CA SER D 248 1.24 3.70 9.66
C SER D 248 2.15 4.50 8.70
N PRO D 249 3.39 4.01 8.45
CA PRO D 249 4.27 4.63 7.45
C PRO D 249 3.60 4.77 6.08
N HIS D 250 2.85 3.73 5.68
CA HIS D 250 2.03 3.76 4.46
C HIS D 250 1.06 4.95 4.44
N ASP D 251 0.32 5.12 5.52
CA ASP D 251 -0.61 6.23 5.64
C ASP D 251 0.09 7.60 5.71
N ALA D 252 1.25 7.66 6.35
CA ALA D 252 2.06 8.90 6.38
C ALA D 252 2.53 9.30 4.99
N ALA D 253 2.96 8.34 4.20
CA ALA D 253 3.34 8.61 2.80
C ALA D 253 2.16 9.15 1.99
N LEU D 254 0.96 8.60 2.21
CA LEU D 254 -0.23 9.12 1.52
C LEU D 254 -0.64 10.50 2.04
N LEU D 255 -0.40 10.76 3.31
CA LEU D 255 -0.63 12.09 3.86
C LEU D 255 0.31 13.14 3.22
N MET D 256 1.59 12.80 3.10
CA MET D 256 2.53 13.67 2.42
C MET D 256 2.13 13.94 0.98
N ARG D 257 1.65 12.90 0.31
CA ARG D 257 1.16 13.01 -1.05
C ARG D 257 0.01 14.02 -1.12
N GLY D 258 -0.98 13.85 -0.25
CA GLY D 258 -2.07 14.83 -0.13
C GLY D 258 -1.60 16.25 0.15
N ILE D 259 -0.66 16.39 1.07
CA ILE D 259 -0.10 17.70 1.44
C ILE D 259 0.53 18.46 0.26
N LYS D 260 1.05 17.76 -0.74
CA LYS D 260 1.65 18.42 -1.91
C LYS D 260 0.69 19.23 -2.80
N THR D 261 -0.61 18.97 -2.72
CA THR D 261 -1.60 19.76 -3.44
C THR D 261 -2.49 20.60 -2.49
N LEU D 262 -2.09 20.71 -1.22
CA LEU D 262 -2.90 21.39 -0.19
C LEU D 262 -3.33 22.80 -0.59
N ASN D 263 -2.37 23.62 -1.04
CA ASN D 263 -2.67 24.99 -1.46
C ASN D 263 -3.69 25.02 -2.61
N LEU D 264 -3.49 24.14 -3.58
CA LEU D 264 -4.37 24.12 -4.74
C LEU D 264 -5.76 23.69 -4.35
N ARG D 265 -5.86 22.68 -3.49
CA ARG D 265 -7.18 22.15 -3.10
C ARG D 265 -7.93 23.15 -2.24
N MET D 266 -7.25 23.75 -1.26
CA MET D 266 -7.91 24.72 -0.40
C MET D 266 -8.42 25.92 -1.18
N ASP D 267 -7.65 26.37 -2.18
CA ASP D 267 -8.09 27.46 -3.05
C ASP D 267 -9.42 27.12 -3.76
N ARG D 268 -9.51 25.90 -4.28
CA ARG D 268 -10.74 25.48 -4.94
C ARG D 268 -11.87 25.23 -3.91
N HIS D 269 -11.53 24.65 -2.76
CA HIS D 269 -12.52 24.43 -1.68
C HIS D 269 -13.16 25.76 -1.29
N CYS D 270 -12.31 26.75 -1.04
CA CYS D 270 -12.75 28.08 -0.65
C CYS D 270 -13.55 28.81 -1.73
N ALA D 271 -13.07 28.79 -2.96
CA ALA D 271 -13.80 29.45 -4.05
C ALA D 271 -15.17 28.80 -4.31
N ASN D 272 -15.25 27.48 -4.23
CA ASN D 272 -16.54 26.77 -4.37
C ASN D 272 -17.48 27.11 -3.22
N ALA D 273 -16.95 27.13 -2.00
CA ALA D 273 -17.77 27.36 -0.82
C ALA D 273 -18.34 28.78 -0.77
N GLN D 274 -17.54 29.75 -1.19
CA GLN D 274 -17.98 31.14 -1.32
C GLN D 274 -19.18 31.26 -2.25
N VAL D 275 -19.08 30.68 -3.45
CA VAL D 275 -20.18 30.75 -4.43
C VAL D 275 -21.42 30.07 -3.86
N LEU D 276 -21.23 28.89 -3.29
CA LEU D 276 -22.33 28.14 -2.67
C LEU D 276 -22.98 28.89 -1.50
N ALA D 277 -22.16 29.52 -0.66
CA ALA D 277 -22.66 30.27 0.49
C ALA D 277 -23.47 31.46 0.02
N GLU D 278 -22.94 32.23 -0.91
CA GLU D 278 -23.68 33.36 -1.49
C GLU D 278 -25.00 32.88 -2.10
N PHE D 279 -24.97 31.72 -2.75
CA PHE D 279 -26.18 31.13 -3.28
C PHE D 279 -27.20 30.88 -2.16
N LEU D 280 -26.79 30.12 -1.15
CA LEU D 280 -27.69 29.73 -0.06
C LEU D 280 -28.34 30.90 0.66
N ALA D 281 -27.58 32.00 0.82
CA ALA D 281 -28.07 33.19 1.53
C ALA D 281 -29.27 33.85 0.84
N ARG D 282 -29.41 33.69 -0.47
CA ARG D 282 -30.53 34.25 -1.25
C ARG D 282 -31.71 33.29 -1.39
N GLN D 283 -31.64 32.07 -0.88
CA GLN D 283 -32.73 31.11 -1.13
C GLN D 283 -33.82 31.21 -0.05
N PRO D 284 -35.10 31.09 -0.46
CA PRO D 284 -36.24 31.24 0.47
C PRO D 284 -36.37 30.17 1.56
N GLN D 285 -35.76 29.00 1.37
CA GLN D 285 -35.83 27.89 2.34
C GLN D 285 -34.83 28.05 3.50
N VAL D 286 -33.83 28.94 3.35
CA VAL D 286 -32.75 29.11 4.32
C VAL D 286 -33.05 30.19 5.39
N GLU D 287 -33.01 29.77 6.64
CA GLU D 287 -33.34 30.63 7.79
C GLU D 287 -32.13 31.46 8.18
N LEU D 288 -31.01 30.77 8.36
CA LEU D 288 -29.74 31.37 8.79
C LEU D 288 -28.63 30.66 8.04
N ILE D 289 -27.52 31.36 7.85
CA ILE D 289 -26.33 30.73 7.29
C ILE D 289 -25.06 31.29 7.95
N HIS D 290 -24.13 30.37 8.25
CA HIS D 290 -22.85 30.68 8.86
C HIS D 290 -21.73 30.33 7.88
N TYR D 291 -21.19 31.34 7.23
CA TYR D 291 -20.00 31.18 6.42
C TYR D 291 -19.07 32.38 6.67
N PRO D 292 -17.81 32.14 7.10
CA PRO D 292 -16.89 33.25 7.41
C PRO D 292 -16.73 34.28 6.30
N GLY D 293 -16.92 33.86 5.05
CA GLY D 293 -16.78 34.74 3.89
C GLY D 293 -17.99 35.59 3.52
N LEU D 294 -19.10 35.43 4.21
CA LEU D 294 -20.25 36.32 4.05
C LEU D 294 -20.10 37.54 4.98
N ALA D 295 -20.34 38.73 4.44
CA ALA D 295 -20.39 39.97 5.24
C ALA D 295 -21.33 39.89 6.44
N SER D 296 -22.41 39.10 6.31
CA SER D 296 -23.37 38.88 7.39
C SER D 296 -22.87 37.98 8.55
N PHE D 297 -21.70 37.37 8.40
CA PHE D 297 -21.14 36.50 9.44
C PHE D 297 -20.85 37.34 10.67
N PRO D 298 -21.33 36.92 11.86
CA PRO D 298 -21.12 37.74 13.09
C PRO D 298 -19.67 38.23 13.28
N GLN D 299 -18.71 37.33 13.05
CA GLN D 299 -17.29 37.63 13.29
C GLN D 299 -16.48 37.79 12.01
N TYR D 300 -17.07 38.50 11.06
CA TYR D 300 -16.48 38.71 9.75
C TYR D 300 -15.13 39.40 9.84
N THR D 301 -15.06 40.47 10.64
CA THR D 301 -13.79 41.20 10.84
C THR D 301 -12.70 40.28 11.41
N LEU D 302 -13.03 39.53 12.45
CA LEU D 302 -12.10 38.56 13.03
C LEU D 302 -11.68 37.46 12.02
N ALA D 303 -12.63 36.96 11.24
CA ALA D 303 -12.33 35.98 10.18
C ALA D 303 -11.31 36.49 9.17
N ARG D 304 -11.52 37.71 8.66
CA ARG D 304 -10.57 38.32 7.71
C ARG D 304 -9.20 38.63 8.32
N GLN D 305 -9.17 38.77 9.65
CA GLN D 305 -7.94 39.08 10.37
C GLN D 305 -7.05 37.84 10.58
N GLN D 306 -7.68 36.71 10.77
CA GLN D 306 -7.04 35.50 11.28
C GLN D 306 -6.87 34.38 10.24
N MET D 307 -7.84 34.28 9.32
CA MET D 307 -7.83 33.32 8.23
C MET D 307 -7.58 34.05 6.91
N SER D 308 -6.65 33.56 6.09
CA SER D 308 -6.38 34.21 4.79
C SER D 308 -7.48 33.93 3.74
N GLN D 309 -8.26 32.86 3.93
CA GLN D 309 -9.46 32.58 3.13
C GLN D 309 -10.56 32.03 4.04
N PRO D 310 -11.83 32.16 3.64
CA PRO D 310 -12.93 31.79 4.52
C PRO D 310 -13.22 30.28 4.69
N GLY D 311 -12.51 29.39 3.98
CA GLY D 311 -12.65 27.95 4.23
C GLY D 311 -13.67 27.25 3.33
N GLY D 312 -13.75 25.94 3.47
CA GLY D 312 -14.62 25.10 2.64
C GLY D 312 -15.88 24.59 3.32
N MET D 313 -16.10 25.01 4.57
CA MET D 313 -17.18 24.51 5.40
C MET D 313 -18.33 25.52 5.52
N ILE D 314 -19.55 25.05 5.35
CA ILE D 314 -20.74 25.91 5.50
C ILE D 314 -21.67 25.27 6.51
N ALA D 315 -22.32 26.10 7.31
CA ALA D 315 -23.41 25.66 8.16
C ALA D 315 -24.61 26.55 7.93
N PHE D 316 -25.78 25.96 7.75
CA PHE D 316 -27.00 26.73 7.59
C PHE D 316 -28.16 26.02 8.22
N GLU D 317 -29.26 26.75 8.41
CA GLU D 317 -30.49 26.18 8.93
C GLU D 317 -31.60 26.40 7.93
N LEU D 318 -32.45 25.40 7.80
CA LEU D 318 -33.61 25.51 6.93
C LEU D 318 -34.81 26.01 7.74
N LYS D 319 -35.66 26.81 7.11
CA LYS D 319 -36.86 27.33 7.79
C LYS D 319 -37.73 26.24 8.40
N GLY D 320 -37.90 25.14 7.68
CA GLY D 320 -38.77 24.06 8.11
C GLY D 320 -38.24 23.09 9.16
N GLY D 321 -37.16 23.44 9.86
CA GLY D 321 -36.71 22.64 11.02
C GLY D 321 -36.05 21.31 10.67
N ILE D 322 -36.21 20.32 11.54
CA ILE D 322 -35.61 19.00 11.38
C ILE D 322 -36.19 18.22 10.20
N GLY D 323 -37.51 18.31 9.98
CA GLY D 323 -38.18 17.69 8.85
C GLY D 323 -37.60 18.12 7.53
N ALA D 324 -37.40 19.43 7.36
CA ALA D 324 -36.84 19.98 6.11
C ALA D 324 -35.38 19.58 5.89
N GLY D 325 -34.59 19.60 6.97
CA GLY D 325 -33.20 19.17 6.94
C GLY D 325 -33.06 17.74 6.49
N ARG D 326 -33.86 16.84 7.07
CA ARG D 326 -33.91 15.44 6.63
C ARG D 326 -34.18 15.30 5.14
N ARG D 327 -35.21 16.00 4.67
CA ARG D 327 -35.61 15.86 3.27
C ARG D 327 -34.59 16.49 2.34
N PHE D 328 -33.96 17.58 2.77
CA PHE D 328 -32.83 18.17 2.03
C PHE D 328 -31.69 17.15 1.89
N MET D 329 -31.36 16.51 2.98
CA MET D 329 -30.26 15.56 3.02
C MET D 329 -30.48 14.33 2.13
N ASN D 330 -31.66 13.75 2.25
CA ASN D 330 -32.07 12.61 1.43
C ASN D 330 -32.16 12.94 -0.05
N ALA D 331 -32.43 14.19 -0.40
CA ALA D 331 -32.55 14.61 -1.79
C ALA D 331 -31.22 14.79 -2.54
N LEU D 332 -30.09 14.93 -1.83
CA LEU D 332 -28.80 15.18 -2.48
C LEU D 332 -28.35 13.97 -3.32
N GLN D 333 -27.95 14.20 -4.57
CA GLN D 333 -27.46 13.15 -5.47
C GLN D 333 -25.95 13.19 -5.72
N LEU D 334 -25.35 14.37 -5.67
CA LEU D 334 -23.92 14.53 -5.89
C LEU D 334 -23.21 14.66 -4.56
N PHE D 335 -23.72 15.54 -3.68
CA PHE D 335 -23.32 15.50 -2.26
C PHE D 335 -23.65 14.11 -1.69
N SER D 336 -22.77 13.57 -0.84
CA SER D 336 -23.03 12.32 -0.12
C SER D 336 -23.43 12.66 1.29
N ARG D 337 -24.29 11.82 1.87
CA ARG D 337 -24.69 11.96 3.26
C ARG D 337 -23.63 11.22 4.06
N ALA D 338 -22.75 11.99 4.70
CA ALA D 338 -21.68 11.39 5.50
C ALA D 338 -21.09 12.39 6.47
N VAL D 339 -20.53 11.86 7.55
CA VAL D 339 -19.67 12.65 8.43
C VAL D 339 -18.31 12.72 7.77
N SER D 340 -17.42 13.49 8.37
CA SER D 340 -16.11 13.81 7.84
C SER D 340 -16.23 15.03 6.94
N LEU D 341 -15.08 15.49 6.49
CA LEU D 341 -14.96 16.75 5.80
C LEU D 341 -13.59 16.89 5.19
N GLY D 342 -13.51 17.80 4.24
CA GLY D 342 -12.27 18.10 3.55
C GLY D 342 -11.78 17.05 2.59
N ASP D 343 -12.70 16.31 1.97
CA ASP D 343 -12.39 15.38 0.88
C ASP D 343 -12.64 16.08 -0.44
N ALA D 344 -12.09 15.53 -1.52
CA ALA D 344 -12.48 15.92 -2.87
C ALA D 344 -13.99 15.87 -3.09
N GLU D 345 -14.64 14.86 -2.51
CA GLU D 345 -16.08 14.67 -2.61
C GLU D 345 -16.81 15.60 -1.65
N SER D 346 -17.86 16.26 -2.15
CA SER D 346 -18.71 17.12 -1.32
C SER D 346 -19.56 16.28 -0.37
N LEU D 347 -19.65 16.67 0.90
CA LEU D 347 -20.33 15.90 1.95
C LEU D 347 -21.31 16.76 2.75
N ALA D 348 -22.46 16.19 3.11
CA ALA D 348 -23.44 16.86 3.97
C ALA D 348 -23.73 16.01 5.19
N SER D 349 -23.96 16.67 6.31
CA SER D 349 -24.37 16.00 7.56
C SER D 349 -25.32 16.96 8.29
N HIS D 350 -26.36 16.38 8.87
CA HIS D 350 -27.46 17.11 9.50
C HIS D 350 -27.48 16.48 10.86
N PRO D 351 -26.60 16.95 11.80
CA PRO D 351 -26.53 16.34 13.13
C PRO D 351 -27.88 15.93 13.79
N ALA D 352 -28.95 16.70 13.52
CA ALA D 352 -30.26 16.46 14.14
C ALA D 352 -30.89 15.08 13.87
N SER D 353 -30.67 14.55 12.68
CA SER D 353 -31.08 13.18 12.34
C SER D 353 -29.87 12.32 11.97
N MET D 354 -28.76 12.50 12.69
CA MET D 354 -27.55 11.67 12.59
C MET D 354 -26.85 11.74 13.95
N THR D 355 -25.51 11.79 13.98
CA THR D 355 -24.78 12.31 15.13
C THR D 355 -25.42 13.61 15.58
N HIS D 356 -26.45 13.47 16.42
CA HIS D 356 -26.83 14.52 17.34
C HIS D 356 -25.49 14.85 18.07
N SER D 357 -24.73 13.77 18.31
CA SER D 357 -23.23 13.72 18.29
C SER D 357 -22.61 13.31 19.63
N SER D 358 -23.18 12.26 20.25
CA SER D 358 -22.84 11.82 21.61
C SER D 358 -22.94 12.94 22.68
N TYR D 359 -23.83 13.90 22.44
CA TYR D 359 -24.20 14.95 23.40
C TYR D 359 -25.59 14.52 23.94
N THR D 360 -26.05 15.19 25.00
CA THR D 360 -27.44 15.09 25.47
C THR D 360 -28.24 16.19 24.71
N PRO D 361 -29.60 16.06 24.60
CA PRO D 361 -30.39 17.18 24.02
C PRO D 361 -30.20 18.55 24.69
N GLU D 362 -29.90 18.53 25.99
CA GLU D 362 -29.65 19.74 26.80
C GLU D 362 -28.27 20.35 26.52
N GLU D 363 -27.25 19.50 26.41
CA GLU D 363 -25.87 19.93 26.08
C GLU D 363 -25.71 20.38 24.61
N ARG D 364 -26.44 19.73 23.70
CA ARG D 364 -26.57 20.26 22.33
C ARG D 364 -27.05 21.71 22.37
N ALA D 365 -28.23 21.93 22.94
CA ALA D 365 -28.85 23.25 23.01
C ALA D 365 -28.03 24.26 23.83
N HIS D 366 -27.37 23.79 24.90
CA HIS D 366 -26.54 24.66 25.78
C HIS D 366 -25.23 25.10 25.10
N TYR D 367 -24.57 24.16 24.41
CA TYR D 367 -23.28 24.42 23.75
C TYR D 367 -23.41 24.82 22.26
N GLY D 368 -24.64 24.88 21.73
CA GLY D 368 -24.96 25.58 20.47
C GLY D 368 -25.25 24.78 19.20
N ILE D 369 -25.58 23.49 19.35
CA ILE D 369 -25.87 22.62 18.21
C ILE D 369 -27.38 22.49 17.99
N SER D 370 -27.90 23.25 17.02
CA SER D 370 -29.32 23.28 16.67
C SER D 370 -29.81 21.95 16.08
N GLU D 371 -31.13 21.82 15.93
CA GLU D 371 -31.77 20.64 15.31
C GLU D 371 -32.24 20.90 13.86
N GLY D 372 -32.25 22.16 13.41
CA GLY D 372 -32.51 22.47 11.98
C GLY D 372 -31.25 22.58 11.12
N LEU D 373 -30.10 22.24 11.71
CA LEU D 373 -28.79 22.64 11.21
C LEU D 373 -28.17 21.58 10.30
N VAL D 374 -27.78 21.99 9.10
CA VAL D 374 -26.99 21.12 8.22
C VAL D 374 -25.61 21.74 7.96
N ARG D 375 -24.60 20.88 8.01
CA ARG D 375 -23.22 21.24 7.68
C ARG D 375 -22.85 20.65 6.32
N LEU D 376 -22.21 21.46 5.48
CA LEU D 376 -21.67 21.05 4.19
C LEU D 376 -20.16 21.17 4.22
N SER D 377 -19.48 20.12 3.79
CA SER D 377 -18.08 20.19 3.43
C SER D 377 -18.10 20.30 1.94
N VAL D 378 -17.73 21.47 1.43
CA VAL D 378 -17.79 21.76 0.01
C VAL D 378 -16.50 21.22 -0.64
N GLY D 379 -16.69 20.33 -1.62
CA GLY D 379 -15.62 19.60 -2.28
C GLY D 379 -15.05 20.30 -3.48
N LEU D 380 -14.33 19.53 -4.29
CA LEU D 380 -13.61 20.05 -5.47
C LEU D 380 -14.36 19.84 -6.78
N GLU D 381 -15.63 19.48 -6.73
CA GLU D 381 -16.41 19.33 -7.98
C GLU D 381 -16.68 20.69 -8.66
N ASP D 382 -17.07 20.62 -9.93
CA ASP D 382 -17.52 21.80 -10.70
C ASP D 382 -18.68 22.44 -9.95
N ILE D 383 -18.53 23.73 -9.68
CA ILE D 383 -19.49 24.51 -8.91
C ILE D 383 -20.92 24.51 -9.50
N ASP D 384 -21.06 24.47 -10.83
CA ASP D 384 -22.39 24.39 -11.43
C ASP D 384 -23.11 23.10 -11.10
N ASP D 385 -22.37 21.98 -11.05
CA ASP D 385 -22.97 20.72 -10.68
C ASP D 385 -23.38 20.76 -9.20
N LEU D 386 -22.54 21.35 -8.34
CA LEU D 386 -22.85 21.41 -6.92
C LEU D 386 -24.06 22.30 -6.64
N LEU D 387 -24.14 23.44 -7.32
CA LEU D 387 -25.28 24.35 -7.20
C LEU D 387 -26.58 23.69 -7.63
N ALA D 388 -26.55 22.98 -8.77
CA ALA D 388 -27.76 22.30 -9.27
C ALA D 388 -28.24 21.22 -8.29
N ASP D 389 -27.31 20.51 -7.66
CA ASP D 389 -27.67 19.49 -6.65
C ASP D 389 -28.32 20.17 -5.43
N VAL D 390 -27.72 21.26 -4.95
CA VAL D 390 -28.24 21.98 -3.80
C VAL D 390 -29.61 22.59 -4.10
N GLN D 391 -29.72 23.24 -5.24
CA GLN D 391 -30.96 23.81 -5.74
C GLN D 391 -32.13 22.83 -5.66
N GLN D 392 -31.99 21.68 -6.30
CA GLN D 392 -33.07 20.69 -6.33
C GLN D 392 -33.35 20.09 -4.94
N ALA D 393 -32.32 19.97 -4.11
CA ALA D 393 -32.49 19.48 -2.75
C ALA D 393 -33.26 20.48 -1.86
N LEU D 394 -33.15 21.78 -2.15
CA LEU D 394 -33.91 22.82 -1.44
C LEU D 394 -35.40 22.80 -1.81
N LYS D 395 -35.70 22.65 -3.10
CA LYS D 395 -37.09 22.38 -3.51
C LYS D 395 -37.66 21.14 -2.83
N ALA D 396 -36.85 20.08 -2.78
CA ALA D 396 -37.24 18.85 -2.11
C ALA D 396 -37.41 19.00 -0.59
N SER D 397 -36.70 19.96 0.01
CA SER D 397 -36.72 20.15 1.45
C SER D 397 -38.12 20.52 2.01
N ALA D 398 -38.93 21.19 1.20
CA ALA D 398 -40.22 21.73 1.64
C ALA D 398 -41.25 20.68 2.06
OAF 7XF E . 6.73 3.70 -19.81
PAW 7XF E . 6.56 4.93 -19.05
OAG 7XF E . 7.73 5.75 -18.75
OAC 7XF E . 5.39 5.08 -18.20
OAP 7XF E . 5.99 5.82 -20.27
CAM 7XF E . 6.76 6.01 -21.46
CAS 7XF E . 6.44 7.36 -22.14
CAI 7XF E . 5.72 7.29 -23.33
NAN 7XF E . 5.37 8.35 -24.03
CAR 7XF E . 5.72 9.62 -23.62
CAA 7XF E . 5.34 10.73 -24.39
CAT 7XF E . 6.46 9.73 -22.44
OAE 7XF E . 6.81 10.97 -22.04
CAU 7XF E . 6.85 8.63 -21.66
CAL 7XF E . 7.65 8.84 -20.33
N 7XF E . 8.78 9.82 -20.56
CA 7XF E . 9.94 9.95 -19.61
C 7XF E . 10.83 11.14 -20.11
O 7XF E . 11.46 11.79 -19.25
OXT 7XF E . 10.84 11.44 -21.33
CB 7XF E . 10.65 8.61 -19.42
CAJ 7XF E . 12.00 8.70 -18.73
SAH 7XF E . 13.30 7.93 -19.82
OAF 7XF F . 2.94 -2.91 19.21
PAW 7XF F . 3.49 -2.25 20.38
OAG 7XF F . 4.95 -2.16 20.46
OAC 7XF F . 2.65 -1.27 21.10
OAP 7XF F . 3.29 -3.41 21.49
CAM 7XF F . 3.72 -3.28 22.87
CAS 7XF F . 4.05 -4.66 23.52
CAI 7XF F . 3.02 -5.24 24.27
NAN 7XF F . 3.15 -6.42 24.87
CAR 7XF F . 4.35 -7.14 24.79
CAA 7XF F . 4.46 -8.36 25.46
CAT 7XF F . 5.41 -6.57 24.08
OAE 7XF F . 6.59 -7.24 24.02
CAU 7XF F . 5.29 -5.32 23.42
CAL 7XF F . 6.53 -4.73 22.64
N 7XF F . 7.86 -5.12 23.17
CA 7XF F . 9.00 -5.24 22.22
C 7XF F . 10.07 -6.07 22.98
O 7XF F . 9.66 -6.81 23.92
OXT 7XF F . 11.26 -5.95 22.64
CB 7XF F . 9.68 -3.98 21.63
CAJ 7XF F . 8.92 -2.69 21.90
SAH 7XF F . 10.11 -1.29 22.17
N HCS G . -15.34 15.80 12.63
CA HCS G . -15.84 14.98 11.48
CB HCS G . -15.63 13.44 11.50
CG HCS G . -15.89 12.75 12.83
SD HCS G . -17.12 11.42 12.86
C HCS G . -17.30 15.26 11.45
OXT HCS G . -17.90 15.06 10.40
O HCS G . -17.92 15.72 12.41
#